data_7BIR
# 
_entry.id   7BIR 
# 
_audit_conform.dict_name       mmcif_pdbx.dic 
_audit_conform.dict_version    5.392 
_audit_conform.dict_location   http://mmcif.pdb.org/dictionaries/ascii/mmcif_pdbx.dic 
# 
loop_
_database_2.database_id 
_database_2.database_code 
_database_2.pdbx_database_accession 
_database_2.pdbx_DOI 
PDB   7BIR         pdb_00007bir 10.2210/pdb7bir/pdb 
WWPDB D_1292113450 ?            ?                   
# 
loop_
_pdbx_audit_revision_history.ordinal 
_pdbx_audit_revision_history.data_content_type 
_pdbx_audit_revision_history.major_revision 
_pdbx_audit_revision_history.minor_revision 
_pdbx_audit_revision_history.revision_date 
1 'Structure model' 1 0 2021-04-07 
2 'Structure model' 2 0 2021-04-21 
3 'Structure model' 2 1 2024-05-15 
# 
_pdbx_audit_revision_details.ordinal             1 
_pdbx_audit_revision_details.revision_ordinal    1 
_pdbx_audit_revision_details.data_content_type   'Structure model' 
_pdbx_audit_revision_details.provider            repository 
_pdbx_audit_revision_details.type                'Initial release' 
_pdbx_audit_revision_details.description         ? 
_pdbx_audit_revision_details.details             ? 
# 
loop_
_pdbx_audit_revision_group.ordinal 
_pdbx_audit_revision_group.revision_ordinal 
_pdbx_audit_revision_group.data_content_type 
_pdbx_audit_revision_group.group 
1  2 'Structure model' Advisory                   
2  2 'Structure model' 'Atomic model'             
3  2 'Structure model' 'Database references'      
4  2 'Structure model' 'Derived calculations'     
5  2 'Structure model' 'Experimental preparation' 
6  2 'Structure model' 'Non-polymer description'  
7  2 'Structure model' 'Polymer sequence'         
8  2 'Structure model' 'Source and taxonomy'      
9  2 'Structure model' 'Structure summary'        
10 3 'Structure model' 'Data collection'          
11 3 'Structure model' 'Database references'      
# 
loop_
_pdbx_audit_revision_category.ordinal 
_pdbx_audit_revision_category.revision_ordinal 
_pdbx_audit_revision_category.data_content_type 
_pdbx_audit_revision_category.category 
1  2 'Structure model' atom_site                       
2  2 'Structure model' atom_site_anisotrop             
3  2 'Structure model' chem_comp                       
4  2 'Structure model' citation                        
5  2 'Structure model' citation_author                 
6  2 'Structure model' entity                          
7  2 'Structure model' entity_poly                     
8  2 'Structure model' entity_poly_seq                 
9  2 'Structure model' entity_src_gen                  
10 2 'Structure model' exptl_crystal                   
11 2 'Structure model' pdbx_poly_seq_scheme            
12 2 'Structure model' pdbx_struct_sheet_hbond         
13 2 'Structure model' pdbx_unobs_or_zero_occ_residues 
14 2 'Structure model' struct_conf                     
15 2 'Structure model' struct_ref                      
16 2 'Structure model' struct_ref_seq                  
17 2 'Structure model' struct_ref_seq_dif              
18 2 'Structure model' struct_sheet_range              
19 2 'Structure model' struct_site_gen                 
20 3 'Structure model' chem_comp_atom                  
21 3 'Structure model' chem_comp_bond                  
22 3 'Structure model' database_2                      
# 
loop_
_pdbx_audit_revision_item.ordinal 
_pdbx_audit_revision_item.revision_ordinal 
_pdbx_audit_revision_item.data_content_type 
_pdbx_audit_revision_item.item 
1  2 'Structure model' '_atom_site.label_seq_id'                       
2  2 'Structure model' '_atom_site_anisotrop.pdbx_label_seq_id'        
3  2 'Structure model' '_chem_comp.formula'                            
4  2 'Structure model' '_chem_comp.formula_weight'                     
5  2 'Structure model' '_chem_comp.id'                                 
6  2 'Structure model' '_chem_comp.mon_nstd_flag'                      
7  2 'Structure model' '_chem_comp.name'                               
8  2 'Structure model' '_chem_comp.type'                               
9  2 'Structure model' '_citation.journal_volume'                      
10 2 'Structure model' '_citation.page_first'                          
11 2 'Structure model' '_citation.page_last'                           
12 2 'Structure model' '_citation_author.identifier_ORCID'             
13 2 'Structure model' '_entity.formula_weight'                        
14 2 'Structure model' '_entity.pdbx_description'                      
15 2 'Structure model' '_entity.pdbx_ec'                               
16 2 'Structure model' '_entity_poly.pdbx_seq_one_letter_code'         
17 2 'Structure model' '_entity_poly.pdbx_seq_one_letter_code_can'     
18 2 'Structure model' '_exptl_crystal.density_Matthews'               
19 2 'Structure model' '_exptl_crystal.density_percent_sol'            
20 2 'Structure model' '_pdbx_struct_sheet_hbond.range_1_label_seq_id' 
21 2 'Structure model' '_pdbx_struct_sheet_hbond.range_2_label_seq_id' 
22 2 'Structure model' '_struct_conf.beg_label_seq_id'                 
23 2 'Structure model' '_struct_conf.end_label_seq_id'                 
24 2 'Structure model' '_struct_sheet_range.beg_label_seq_id'          
25 2 'Structure model' '_struct_sheet_range.end_label_seq_id'          
26 2 'Structure model' '_struct_site_gen.label_seq_id'                 
27 3 'Structure model' '_database_2.pdbx_DOI'                          
28 3 'Structure model' '_database_2.pdbx_database_accession'           
# 
_pdbx_database_status.status_code                     REL 
_pdbx_database_status.status_code_sf                  REL 
_pdbx_database_status.status_code_mr                  ? 
_pdbx_database_status.entry_id                        7BIR 
_pdbx_database_status.recvd_initial_deposition_date   2021-01-13 
_pdbx_database_status.SG_entry                        N 
_pdbx_database_status.deposit_site                    PDBE 
_pdbx_database_status.process_site                    PDBE 
_pdbx_database_status.status_code_cs                  ? 
_pdbx_database_status.status_code_nmr_data            ? 
_pdbx_database_status.methods_development_category    ? 
_pdbx_database_status.pdb_format_compatible           Y 
# 
_audit_author.name               'Williams, P.A.' 
_audit_author.pdbx_ordinal       1 
_audit_author.identifier_ORCID   0000-0002-1257-2351 
# 
_citation.abstract                  ? 
_citation.abstract_id_CAS           ? 
_citation.book_id_ISBN              ? 
_citation.book_publisher            ? 
_citation.book_publisher_city       ? 
_citation.book_title                ? 
_citation.coordinate_linkage        ? 
_citation.country                   US 
_citation.database_id_Medline       ? 
_citation.details                   ? 
_citation.id                        primary 
_citation.journal_abbrev            J.Med.Chem. 
_citation.journal_id_ASTM           JMCMAR 
_citation.journal_id_CSD            0151 
_citation.journal_id_ISSN           0022-2623 
_citation.journal_full              ? 
_citation.journal_issue             ? 
_citation.journal_volume            64 
_citation.language                  ? 
_citation.page_first                4071 
_citation.page_last                 4088 
_citation.title                     
'Structure-Based Design of Potent and Orally Active Isoindolinone Inhibitors of MDM2-p53 Protein-Protein Interaction.' 
_citation.year                      2021 
_citation.database_id_CSD           ? 
_citation.pdbx_database_id_DOI      10.1021/acs.jmedchem.0c02188 
_citation.pdbx_database_id_PubMed   33761253 
_citation.unpublished_flag          ? 
# 
loop_
_citation_author.citation_id 
_citation_author.name 
_citation_author.ordinal 
_citation_author.identifier_ORCID 
primary 'Chessari, G.'     1  ? 
primary 'Hardcastle, I.R.' 2  ? 
primary 'Ahn, J.S.'        3  ? 
primary 'Anil, B.'         4  ? 
primary 'Anscombe, E.'     5  ? 
primary 'Bawn, R.H.'       6  ? 
primary 'Bevan, L.D.'      7  ? 
primary 'Blackburn, T.J.'  8  ? 
primary 'Buck, I.'         9  ? 
primary 'Cano, C.'         10 ? 
primary 'Carbain, B.'      11 ? 
primary 'Castro, J.'       12 ? 
primary 'Cons, B.'         13 ? 
primary 'Cully, S.J.'      14 ? 
primary 'Endicott, J.A.'   15 ? 
primary 'Fazal, L.'        16 ? 
primary 'Golding, B.T.'    17 ? 
primary 'Griffin, R.J.'    18 ? 
primary 'Haggerty, K.'     19 ? 
primary 'Harnor, S.J.'     20 ? 
primary 'Hearn, K.'        21 ? 
primary 'Hobson, S.'       22 ? 
primary 'Holvey, R.S.'     23 ? 
primary 'Howard, S.'       24 ? 
primary 'Jennings, C.E.'   25 ? 
primary 'Johnson, C.N.'    26 ? 
primary 'Lunec, J.'        27 ? 
primary 'Miller, D.C.'     28 ? 
primary 'Newell, D.R.'     29 ? 
primary 'Noble, M.E.M.'    30 ? 
primary 'Reeks, J.'        31 ? 
primary 'Revill, C.H.'     32 ? 
primary 'Riedinger, C.'    33 ? 
primary 'St Denis, J.D.'   34 ? 
primary 'Tamanini, E.'     35 ? 
primary 'Thomas, H.'       36 ? 
primary 'Thompson, N.T.'   37 ? 
primary 'Vinkovic, M.'     38 ? 
primary 'Wedge, S.R.'      39 ? 
primary 'Williams, P.A.'   40 ? 
primary 'Wilsher, N.E.'    41 ? 
primary 'Zhang, B.'        42 ? 
primary 'Zhao, Y.'         43 ? 
# 
loop_
_entity.id 
_entity.type 
_entity.src_method 
_entity.pdbx_description 
_entity.formula_weight 
_entity.pdbx_number_of_molecules 
_entity.pdbx_ec 
_entity.pdbx_mutation 
_entity.pdbx_fragment 
_entity.details 
1 polymer     man 'E3 ubiquitin-protein ligase Mdm2' 11181.083 1  2.3.2.27 ? ? ? 
2 non-polymer syn 'SULFATE ION' 96.063    2  ?        ? ? ? 
3 non-polymer syn 
;1-[[(1~{R})-2-[(5-chloranylpyridin-2-yl)methyl]-1-(4-chlorophenyl)-7-fluoranyl-3-oxidanylidene-5-(2-oxidanylpropan-2-yl)isoindol-1-yl]oxymethyl]cyclopropane-1-carboxamide
;
558.428   1  ?        ? ? ? 
4 water       nat water 18.015    91 ?        ? ? ? 
# 
_entity_name_com.entity_id   1 
_entity_name_com.name        
'Double minute 2 protein,Hdm2,Oncoprotein Mdm2,RING-type E3 ubiquitin transferase Mdm2,p53-binding protein Mdm2' 
# 
_entity_poly.entity_id                      1 
_entity_poly.type                           'polypeptide(L)' 
_entity_poly.nstd_linkage                   no 
_entity_poly.nstd_monomer                   no 
_entity_poly.pdbx_seq_one_letter_code       
;GPLGSSQIPASEQETLVRPKPLLLKLLKSVGAQKDTYTMKEVLFYLGQYIMTKRLYDAAQQHIVYCSNDLLGDLFGVPSF
SVKEHRKIYTMIYRNLVV
;
_entity_poly.pdbx_seq_one_letter_code_can   
;GPLGSSQIPASEQETLVRPKPLLLKLLKSVGAQKDTYTMKEVLFYLGQYIMTKRLYDAAQQHIVYCSNDLLGDLFGVPSF
SVKEHRKIYTMIYRNLVV
;
_entity_poly.pdbx_strand_id                 A 
_entity_poly.pdbx_target_identifier         ? 
# 
loop_
_pdbx_entity_nonpoly.entity_id 
_pdbx_entity_nonpoly.name 
_pdbx_entity_nonpoly.comp_id 
2 'SULFATE ION' SO4 
3 
;1-[[(1~{R})-2-[(5-chloranylpyridin-2-yl)methyl]-1-(4-chlorophenyl)-7-fluoranyl-3-oxidanylidene-5-(2-oxidanylpropan-2-yl)isoindol-1-yl]oxymethyl]cyclopropane-1-carboxamide
;
TUZ 
4 water HOH 
# 
loop_
_entity_poly_seq.entity_id 
_entity_poly_seq.num 
_entity_poly_seq.mon_id 
_entity_poly_seq.hetero 
1 1  GLY n 
1 2  PRO n 
1 3  LEU n 
1 4  GLY n 
1 5  SER n 
1 6  SER n 
1 7  GLN n 
1 8  ILE n 
1 9  PRO n 
1 10 ALA n 
1 11 SER n 
1 12 GLU n 
1 13 GLN n 
1 14 GLU n 
1 15 THR n 
1 16 LEU n 
1 17 VAL n 
1 18 ARG n 
1 19 PRO n 
1 20 LYS n 
1 21 PRO n 
1 22 LEU n 
1 23 LEU n 
1 24 LEU n 
1 25 LYS n 
1 26 LEU n 
1 27 LEU n 
1 28 LYS n 
1 29 SER n 
1 30 VAL n 
1 31 GLY n 
1 32 ALA n 
1 33 GLN n 
1 34 LYS n 
1 35 ASP n 
1 36 THR n 
1 37 TYR n 
1 38 THR n 
1 39 MET n 
1 40 LYS n 
1 41 GLU n 
1 42 VAL n 
1 43 LEU n 
1 44 PHE n 
1 45 TYR n 
1 46 LEU n 
1 47 GLY n 
1 48 GLN n 
1 49 TYR n 
1 50 ILE n 
1 51 MET n 
1 52 THR n 
1 53 LYS n 
1 54 ARG n 
1 55 LEU n 
1 56 TYR n 
1 57 ASP n 
1 58 ALA n 
1 59 ALA n 
1 60 GLN n 
1 61 GLN n 
1 62 HIS n 
1 63 ILE n 
1 64 VAL n 
1 65 TYR n 
1 66 CYS n 
1 67 SER n 
1 68 ASN n 
1 69 ASP n 
1 70 LEU n 
1 71 LEU n 
1 72 GLY n 
1 73 ASP n 
1 74 LEU n 
1 75 PHE n 
1 76 GLY n 
1 77 VAL n 
1 78 PRO n 
1 79 SER n 
1 80 PHE n 
1 81 SER n 
1 82 VAL n 
1 83 LYS n 
1 84 GLU n 
1 85 HIS n 
1 86 ARG n 
1 87 LYS n 
1 88 ILE n 
1 89 TYR n 
1 90 THR n 
1 91 MET n 
1 92 ILE n 
1 93 TYR n 
1 94 ARG n 
1 95 ASN n 
1 96 LEU n 
1 97 VAL n 
1 98 VAL n 
# 
_entity_src_gen.entity_id                          1 
_entity_src_gen.pdbx_src_id                        1 
_entity_src_gen.pdbx_alt_source_flag               sample 
_entity_src_gen.pdbx_seq_type                      'Biological sequence' 
_entity_src_gen.pdbx_beg_seq_num                   1 
_entity_src_gen.pdbx_end_seq_num                   98 
_entity_src_gen.gene_src_common_name               Human 
_entity_src_gen.gene_src_genus                     ? 
_entity_src_gen.pdbx_gene_src_gene                 MDM2 
_entity_src_gen.gene_src_species                   ? 
_entity_src_gen.gene_src_strain                    ? 
_entity_src_gen.gene_src_tissue                    ? 
_entity_src_gen.gene_src_tissue_fraction           ? 
_entity_src_gen.gene_src_details                   ? 
_entity_src_gen.pdbx_gene_src_fragment             ? 
_entity_src_gen.pdbx_gene_src_scientific_name      'Homo sapiens' 
_entity_src_gen.pdbx_gene_src_ncbi_taxonomy_id     9606 
_entity_src_gen.pdbx_gene_src_variant              ? 
_entity_src_gen.pdbx_gene_src_cell_line            ? 
_entity_src_gen.pdbx_gene_src_atcc                 ? 
_entity_src_gen.pdbx_gene_src_organ                ? 
_entity_src_gen.pdbx_gene_src_organelle            ? 
_entity_src_gen.pdbx_gene_src_cell                 ? 
_entity_src_gen.pdbx_gene_src_cellular_location    ? 
_entity_src_gen.host_org_common_name               ? 
_entity_src_gen.pdbx_host_org_scientific_name      'Escherichia coli BL21(DE3)' 
_entity_src_gen.pdbx_host_org_ncbi_taxonomy_id     469008 
_entity_src_gen.host_org_genus                     ? 
_entity_src_gen.pdbx_host_org_gene                 ? 
_entity_src_gen.pdbx_host_org_organ                ? 
_entity_src_gen.host_org_species                   ? 
_entity_src_gen.pdbx_host_org_tissue               ? 
_entity_src_gen.pdbx_host_org_tissue_fraction      ? 
_entity_src_gen.pdbx_host_org_strain               ? 
_entity_src_gen.pdbx_host_org_variant              pLysS 
_entity_src_gen.pdbx_host_org_cell_line            ? 
_entity_src_gen.pdbx_host_org_atcc                 ? 
_entity_src_gen.pdbx_host_org_culture_collection   ? 
_entity_src_gen.pdbx_host_org_cell                 ? 
_entity_src_gen.pdbx_host_org_organelle            ? 
_entity_src_gen.pdbx_host_org_cellular_location    ? 
_entity_src_gen.pdbx_host_org_vector_type          ? 
_entity_src_gen.pdbx_host_org_vector               ? 
_entity_src_gen.host_org_details                   ? 
_entity_src_gen.expression_system_id               ? 
_entity_src_gen.plasmid_name                       ? 
_entity_src_gen.plasmid_details                    ? 
_entity_src_gen.pdbx_description                   ? 
# 
loop_
_chem_comp.id 
_chem_comp.type 
_chem_comp.mon_nstd_flag 
_chem_comp.name 
_chem_comp.pdbx_synonyms 
_chem_comp.formula 
_chem_comp.formula_weight 
ALA 'L-peptide linking' y ALANINE ? 'C3 H7 N O2'          89.093  
ARG 'L-peptide linking' y ARGININE ? 'C6 H15 N4 O2 1'      175.209 
ASN 'L-peptide linking' y ASPARAGINE ? 'C4 H8 N2 O3'         132.118 
ASP 'L-peptide linking' y 'ASPARTIC ACID' ? 'C4 H7 N O4'          133.103 
CYS 'L-peptide linking' y CYSTEINE ? 'C3 H7 N O2 S'        121.158 
GLN 'L-peptide linking' y GLUTAMINE ? 'C5 H10 N2 O3'        146.144 
GLU 'L-peptide linking' y 'GLUTAMIC ACID' ? 'C5 H9 N O4'          147.129 
GLY 'peptide linking'   y GLYCINE ? 'C2 H5 N O2'          75.067  
HIS 'L-peptide linking' y HISTIDINE ? 'C6 H10 N3 O2 1'      156.162 
HOH non-polymer         . WATER ? 'H2 O'                18.015  
ILE 'L-peptide linking' y ISOLEUCINE ? 'C6 H13 N O2'         131.173 
LEU 'L-peptide linking' y LEUCINE ? 'C6 H13 N O2'         131.173 
LYS 'L-peptide linking' y LYSINE ? 'C6 H15 N2 O2 1'      147.195 
MET 'L-peptide linking' y METHIONINE ? 'C5 H11 N O2 S'       149.211 
PHE 'L-peptide linking' y PHENYLALANINE ? 'C9 H11 N O2'         165.189 
PRO 'L-peptide linking' y PROLINE ? 'C5 H9 N O2'          115.130 
SER 'L-peptide linking' y SERINE ? 'C3 H7 N O3'          105.093 
SO4 non-polymer         . 'SULFATE ION' ? 'O4 S -2'             96.063  
THR 'L-peptide linking' y THREONINE ? 'C4 H9 N O3'          119.119 
TUZ non-polymer         . 
;1-[[(1~{R})-2-[(5-chloranylpyridin-2-yl)methyl]-1-(4-chlorophenyl)-7-fluoranyl-3-oxidanylidene-5-(2-oxidanylpropan-2-yl)isoindol-1-yl]oxymethyl]cyclopropane-1-carboxamide
;
? 'C28 H26 Cl2 F N3 O4' 558.428 
TYR 'L-peptide linking' y TYROSINE ? 'C9 H11 N O3'         181.189 
VAL 'L-peptide linking' y VALINE ? 'C5 H11 N O2'         117.146 
# 
loop_
_pdbx_poly_seq_scheme.asym_id 
_pdbx_poly_seq_scheme.entity_id 
_pdbx_poly_seq_scheme.seq_id 
_pdbx_poly_seq_scheme.mon_id 
_pdbx_poly_seq_scheme.ndb_seq_num 
_pdbx_poly_seq_scheme.pdb_seq_num 
_pdbx_poly_seq_scheme.auth_seq_num 
_pdbx_poly_seq_scheme.pdb_mon_id 
_pdbx_poly_seq_scheme.auth_mon_id 
_pdbx_poly_seq_scheme.pdb_strand_id 
_pdbx_poly_seq_scheme.pdb_ins_code 
_pdbx_poly_seq_scheme.hetero 
A 1 1  GLY 1  12  ?   ?   ?   A . n 
A 1 2  PRO 2  13  ?   ?   ?   A . n 
A 1 3  LEU 3  14  ?   ?   ?   A . n 
A 1 4  GLY 4  15  ?   ?   ?   A . n 
A 1 5  SER 5  16  ?   ?   ?   A . n 
A 1 6  SER 6  17  17  SER SER A . n 
A 1 7  GLN 7  18  18  GLN GLN A . n 
A 1 8  ILE 8  19  19  ILE ILE A . n 
A 1 9  PRO 9  20  20  PRO PRO A . n 
A 1 10 ALA 10 21  21  ALA ALA A . n 
A 1 11 SER 11 22  22  SER SER A . n 
A 1 12 GLU 12 23  23  GLU GLU A . n 
A 1 13 GLN 13 24  24  GLN GLN A . n 
A 1 14 GLU 14 25  25  GLU GLU A . n 
A 1 15 THR 15 26  26  THR THR A . n 
A 1 16 LEU 16 27  27  LEU LEU A . n 
A 1 17 VAL 17 28  28  VAL VAL A . n 
A 1 18 ARG 18 29  29  ARG ARG A . n 
A 1 19 PRO 19 30  30  PRO PRO A . n 
A 1 20 LYS 20 31  31  LYS LYS A . n 
A 1 21 PRO 21 32  32  PRO PRO A . n 
A 1 22 LEU 22 33  33  LEU LEU A . n 
A 1 23 LEU 23 34  34  LEU LEU A . n 
A 1 24 LEU 24 35  35  LEU LEU A . n 
A 1 25 LYS 25 36  36  LYS LYS A . n 
A 1 26 LEU 26 37  37  LEU LEU A . n 
A 1 27 LEU 27 38  38  LEU LEU A . n 
A 1 28 LYS 28 39  39  LYS LYS A . n 
A 1 29 SER 29 40  40  SER SER A . n 
A 1 30 VAL 30 41  41  VAL VAL A . n 
A 1 31 GLY 31 42  42  GLY GLY A . n 
A 1 32 ALA 32 43  43  ALA ALA A . n 
A 1 33 GLN 33 44  44  GLN GLN A . n 
A 1 34 LYS 34 45  45  LYS LYS A . n 
A 1 35 ASP 35 46  46  ASP ASP A . n 
A 1 36 THR 36 47  47  THR THR A . n 
A 1 37 TYR 37 48  48  TYR TYR A . n 
A 1 38 THR 38 49  49  THR THR A . n 
A 1 39 MET 39 50  50  MET MET A . n 
A 1 40 LYS 40 51  51  LYS LYS A . n 
A 1 41 GLU 41 52  52  GLU GLU A . n 
A 1 42 VAL 42 53  53  VAL VAL A . n 
A 1 43 LEU 43 54  54  LEU LEU A . n 
A 1 44 PHE 44 55  55  PHE PHE A . n 
A 1 45 TYR 45 56  56  TYR TYR A . n 
A 1 46 LEU 46 57  57  LEU LEU A . n 
A 1 47 GLY 47 58  58  GLY GLY A . n 
A 1 48 GLN 48 59  59  GLN GLN A . n 
A 1 49 TYR 49 60  60  TYR TYR A . n 
A 1 50 ILE 50 61  61  ILE ILE A . n 
A 1 51 MET 51 62  62  MET MET A . n 
A 1 52 THR 52 63  63  THR THR A . n 
A 1 53 LYS 53 64  64  LYS LYS A . n 
A 1 54 ARG 54 65  65  ARG ARG A . n 
A 1 55 LEU 55 66  66  LEU LEU A . n 
A 1 56 TYR 56 67  67  TYR TYR A . n 
A 1 57 ASP 57 68  68  ASP ASP A . n 
A 1 58 ALA 58 69  69  ALA ALA A . n 
A 1 59 ALA 59 70  70  ALA ALA A . n 
A 1 60 GLN 60 71  71  GLN GLN A . n 
A 1 61 GLN 61 72  72  GLN GLN A . n 
A 1 62 HIS 62 73  73  HIS HIS A . n 
A 1 63 ILE 63 74  74  ILE ILE A . n 
A 1 64 VAL 64 75  75  VAL VAL A . n 
A 1 65 TYR 65 76  76  TYR TYR A . n 
A 1 66 CYS 66 77  77  CYS CYS A . n 
A 1 67 SER 67 78  78  SER SER A . n 
A 1 68 ASN 68 79  79  ASN ASN A . n 
A 1 69 ASP 69 80  80  ASP ASP A . n 
A 1 70 LEU 70 81  81  LEU LEU A . n 
A 1 71 LEU 71 82  82  LEU LEU A . n 
A 1 72 GLY 72 83  83  GLY GLY A . n 
A 1 73 ASP 73 84  84  ASP ASP A . n 
A 1 74 LEU 74 85  85  LEU LEU A . n 
A 1 75 PHE 75 86  86  PHE PHE A . n 
A 1 76 GLY 76 87  87  GLY GLY A . n 
A 1 77 VAL 77 88  88  VAL VAL A . n 
A 1 78 PRO 78 89  89  PRO PRO A . n 
A 1 79 SER 79 90  90  SER SER A . n 
A 1 80 PHE 80 91  91  PHE PHE A . n 
A 1 81 SER 81 92  92  SER SER A . n 
A 1 82 VAL 82 93  93  VAL VAL A . n 
A 1 83 LYS 83 94  94  LYS LYS A . n 
A 1 84 GLU 84 95  95  GLU GLU A . n 
A 1 85 HIS 85 96  96  HIS HIS A . n 
A 1 86 ARG 86 97  97  ARG ARG A . n 
A 1 87 LYS 87 98  98  LYS LYS A . n 
A 1 88 ILE 88 99  99  ILE ILE A . n 
A 1 89 TYR 89 100 100 TYR TYR A . n 
A 1 90 THR 90 101 101 THR THR A . n 
A 1 91 MET 91 102 102 MET MET A . n 
A 1 92 ILE 92 103 103 ILE ILE A . n 
A 1 93 TYR 93 104 104 TYR TYR A . n 
A 1 94 ARG 94 105 105 ARG ARG A . n 
A 1 95 ASN 95 106 106 ASN ASN A . n 
A 1 96 LEU 96 107 107 LEU LEU A . n 
A 1 97 VAL 97 108 108 VAL VAL A . n 
A 1 98 VAL 98 109 ?   ?   ?   A . n 
# 
loop_
_pdbx_nonpoly_scheme.asym_id 
_pdbx_nonpoly_scheme.entity_id 
_pdbx_nonpoly_scheme.mon_id 
_pdbx_nonpoly_scheme.ndb_seq_num 
_pdbx_nonpoly_scheme.pdb_seq_num 
_pdbx_nonpoly_scheme.auth_seq_num 
_pdbx_nonpoly_scheme.pdb_mon_id 
_pdbx_nonpoly_scheme.auth_mon_id 
_pdbx_nonpoly_scheme.pdb_strand_id 
_pdbx_nonpoly_scheme.pdb_ins_code 
B 2 SO4 1  201 1  SO4 SO4 A . 
C 2 SO4 1  202 2  SO4 SO4 A . 
D 3 TUZ 1  203 1  TUZ L01 A . 
E 4 HOH 1  301 99 HOH HOH A . 
E 4 HOH 2  302 40 HOH HOH A . 
E 4 HOH 3  303 55 HOH HOH A . 
E 4 HOH 4  304 77 HOH HOH A . 
E 4 HOH 5  305 25 HOH HOH A . 
E 4 HOH 6  306 82 HOH HOH A . 
E 4 HOH 7  307 26 HOH HOH A . 
E 4 HOH 8  308 35 HOH HOH A . 
E 4 HOH 9  309 4  HOH HOH A . 
E 4 HOH 10 310 30 HOH HOH A . 
E 4 HOH 11 311 90 HOH HOH A . 
E 4 HOH 12 312 56 HOH HOH A . 
E 4 HOH 13 313 20 HOH HOH A . 
E 4 HOH 14 314 47 HOH HOH A . 
E 4 HOH 15 315 34 HOH HOH A . 
E 4 HOH 16 316 48 HOH HOH A . 
E 4 HOH 17 317 86 HOH HOH A . 
E 4 HOH 18 318 12 HOH HOH A . 
E 4 HOH 19 319 54 HOH HOH A . 
E 4 HOH 20 320 71 HOH HOH A . 
E 4 HOH 21 321 73 HOH HOH A . 
E 4 HOH 22 322 36 HOH HOH A . 
E 4 HOH 23 323 10 HOH HOH A . 
E 4 HOH 24 324 27 HOH HOH A . 
E 4 HOH 25 325 94 HOH HOH A . 
E 4 HOH 26 326 7  HOH HOH A . 
E 4 HOH 27 327 52 HOH HOH A . 
E 4 HOH 28 328 2  HOH HOH A . 
E 4 HOH 29 329 19 HOH HOH A . 
E 4 HOH 30 330 11 HOH HOH A . 
E 4 HOH 31 331 16 HOH HOH A . 
E 4 HOH 32 332 21 HOH HOH A . 
E 4 HOH 33 333 39 HOH HOH A . 
E 4 HOH 34 334 8  HOH HOH A . 
E 4 HOH 35 335 49 HOH HOH A . 
E 4 HOH 36 336 18 HOH HOH A . 
E 4 HOH 37 337 72 HOH HOH A . 
E 4 HOH 38 338 91 HOH HOH A . 
E 4 HOH 39 339 53 HOH HOH A . 
E 4 HOH 40 340 5  HOH HOH A . 
E 4 HOH 41 341 70 HOH HOH A . 
E 4 HOH 42 342 96 HOH HOH A . 
E 4 HOH 43 343 98 HOH HOH A . 
E 4 HOH 44 344 28 HOH HOH A . 
E 4 HOH 45 345 42 HOH HOH A . 
E 4 HOH 46 346 50 HOH HOH A . 
E 4 HOH 47 347 22 HOH HOH A . 
E 4 HOH 48 348 64 HOH HOH A . 
E 4 HOH 49 349 29 HOH HOH A . 
E 4 HOH 50 350 57 HOH HOH A . 
E 4 HOH 51 351 78 HOH HOH A . 
E 4 HOH 52 352 59 HOH HOH A . 
E 4 HOH 53 353 15 HOH HOH A . 
E 4 HOH 54 354 17 HOH HOH A . 
E 4 HOH 55 355 33 HOH HOH A . 
E 4 HOH 56 356 31 HOH HOH A . 
E 4 HOH 57 357 43 HOH HOH A . 
E 4 HOH 58 358 32 HOH HOH A . 
E 4 HOH 59 359 24 HOH HOH A . 
E 4 HOH 60 360 65 HOH HOH A . 
E 4 HOH 61 361 93 HOH HOH A . 
E 4 HOH 62 362 38 HOH HOH A . 
E 4 HOH 63 363 88 HOH HOH A . 
E 4 HOH 64 364 83 HOH HOH A . 
E 4 HOH 65 365 6  HOH HOH A . 
E 4 HOH 66 366 76 HOH HOH A . 
E 4 HOH 67 367 84 HOH HOH A . 
E 4 HOH 68 368 9  HOH HOH A . 
E 4 HOH 69 369 61 HOH HOH A . 
E 4 HOH 70 370 60 HOH HOH A . 
E 4 HOH 71 371 3  HOH HOH A . 
E 4 HOH 72 372 97 HOH HOH A . 
E 4 HOH 73 373 51 HOH HOH A . 
E 4 HOH 74 374 13 HOH HOH A . 
E 4 HOH 75 375 46 HOH HOH A . 
E 4 HOH 76 376 92 HOH HOH A . 
E 4 HOH 77 377 81 HOH HOH A . 
E 4 HOH 78 378 66 HOH HOH A . 
E 4 HOH 79 379 80 HOH HOH A . 
E 4 HOH 80 380 23 HOH HOH A . 
E 4 HOH 81 381 37 HOH HOH A . 
E 4 HOH 82 382 62 HOH HOH A . 
E 4 HOH 83 383 14 HOH HOH A . 
E 4 HOH 84 384 44 HOH HOH A . 
E 4 HOH 85 385 95 HOH HOH A . 
E 4 HOH 86 386 79 HOH HOH A . 
E 4 HOH 87 387 85 HOH HOH A . 
E 4 HOH 88 388 58 HOH HOH A . 
E 4 HOH 89 389 63 HOH HOH A . 
E 4 HOH 90 390 74 HOH HOH A . 
E 4 HOH 91 391 41 HOH HOH A . 
# 
loop_
_software.citation_id 
_software.classification 
_software.compiler_name 
_software.compiler_version 
_software.contact_author 
_software.contact_author_email 
_software.date 
_software.description 
_software.dependencies 
_software.hardware 
_software.language 
_software.location 
_software.mods 
_software.name 
_software.os 
_software.os_version 
_software.type 
_software.version 
_software.pdbx_ordinal 
? refinement        ? ? ? ? ? ? ? ? ? ? ? BUSTER      ? ? ? 2.11.7 1 
? 'data extraction' ? ? ? ? ? ? ? ? ? ? ? PDB_EXTRACT ? ? ? 3.25   2 
? 'data reduction'  ? ? ? ? ? ? ? ? ? ? ? XDS         ? ? ? .      3 
? 'data scaling'    ? ? ? ? ? ? ? ? ? ? ? Aimless     ? ? ? .      4 
? phasing           ? ? ? ? ? ? ? ? ? ? ? BUSTER      ? ? ? .      5 
# 
_cell.angle_alpha                  90.000 
_cell.angle_alpha_esd              ? 
_cell.angle_beta                   90.000 
_cell.angle_beta_esd               ? 
_cell.angle_gamma                  120.000 
_cell.angle_gamma_esd              ? 
_cell.entry_id                     7BIR 
_cell.details                      ? 
_cell.formula_units_Z              ? 
_cell.length_a                     71.459 
_cell.length_a_esd                 ? 
_cell.length_b                     71.459 
_cell.length_b_esd                 ? 
_cell.length_c                     101.201 
_cell.length_c_esd                 ? 
_cell.volume                       ? 
_cell.volume_esd                   ? 
_cell.Z_PDB                        12 
_cell.reciprocal_angle_alpha       ? 
_cell.reciprocal_angle_beta        ? 
_cell.reciprocal_angle_gamma       ? 
_cell.reciprocal_angle_alpha_esd   ? 
_cell.reciprocal_angle_beta_esd    ? 
_cell.reciprocal_angle_gamma_esd   ? 
_cell.reciprocal_length_a          ? 
_cell.reciprocal_length_b          ? 
_cell.reciprocal_length_c          ? 
_cell.reciprocal_length_a_esd      ? 
_cell.reciprocal_length_b_esd      ? 
_cell.reciprocal_length_c_esd      ? 
_cell.pdbx_unique_axis             ? 
# 
_symmetry.entry_id                         7BIR 
_symmetry.cell_setting                     ? 
_symmetry.Int_Tables_number                179 
_symmetry.space_group_name_Hall            ? 
_symmetry.space_group_name_H-M             'P 65 2 2' 
_symmetry.pdbx_full_space_group_name_H-M   ? 
# 
_exptl.absorpt_coefficient_mu     ? 
_exptl.absorpt_correction_T_max   ? 
_exptl.absorpt_correction_T_min   ? 
_exptl.absorpt_correction_type    ? 
_exptl.absorpt_process_details    ? 
_exptl.entry_id                   7BIR 
_exptl.crystals_number            1 
_exptl.details                    ? 
_exptl.method                     'X-RAY DIFFRACTION' 
_exptl.method_details             ? 
# 
_exptl_crystal.colour                      ? 
_exptl_crystal.density_diffrn              ? 
_exptl_crystal.density_Matthews            3.34 
_exptl_crystal.density_method              ? 
_exptl_crystal.density_percent_sol         63.12 
_exptl_crystal.description                 ? 
_exptl_crystal.F_000                       ? 
_exptl_crystal.id                          1 
_exptl_crystal.preparation                 ? 
_exptl_crystal.size_max                    ? 
_exptl_crystal.size_mid                    ? 
_exptl_crystal.size_min                    ? 
_exptl_crystal.size_rad                    ? 
_exptl_crystal.colour_lustre               ? 
_exptl_crystal.colour_modifier             ? 
_exptl_crystal.colour_primary              ? 
_exptl_crystal.density_meas                ? 
_exptl_crystal.density_meas_esd            ? 
_exptl_crystal.density_meas_gt             ? 
_exptl_crystal.density_meas_lt             ? 
_exptl_crystal.density_meas_temp           ? 
_exptl_crystal.density_meas_temp_esd       ? 
_exptl_crystal.density_meas_temp_gt        ? 
_exptl_crystal.density_meas_temp_lt        ? 
_exptl_crystal.pdbx_crystal_image_url      ? 
_exptl_crystal.pdbx_crystal_image_format   ? 
_exptl_crystal.pdbx_mosaicity              ? 
_exptl_crystal.pdbx_mosaicity_esd          ? 
# 
_exptl_crystal_grow.apparatus       ? 
_exptl_crystal_grow.atmosphere      ? 
_exptl_crystal_grow.crystal_id      1 
_exptl_crystal_grow.details         ? 
_exptl_crystal_grow.method          'VAPOR DIFFUSION, SITTING DROP' 
_exptl_crystal_grow.method_ref      ? 
_exptl_crystal_grow.pH              6.5 
_exptl_crystal_grow.pressure        ? 
_exptl_crystal_grow.pressure_esd    ? 
_exptl_crystal_grow.seeding         ? 
_exptl_crystal_grow.seeding_ref     ? 
_exptl_crystal_grow.temp            277 
_exptl_crystal_grow.temp_details    ? 
_exptl_crystal_grow.temp_esd        ? 
_exptl_crystal_grow.time            ? 
_exptl_crystal_grow.pdbx_details    
;2M (NH4)2SO4
5% PEG 400
.1M pH=6.5 Na MES/HCl
;
_exptl_crystal_grow.pdbx_pH_range   ? 
# 
_diffrn.ambient_environment              ? 
_diffrn.ambient_temp                     100 
_diffrn.ambient_temp_details             ? 
_diffrn.ambient_temp_esd                 ? 
_diffrn.crystal_id                       1 
_diffrn.crystal_support                  ? 
_diffrn.crystal_treatment                ? 
_diffrn.details                          ? 
_diffrn.id                               1 
_diffrn.ambient_pressure                 ? 
_diffrn.ambient_pressure_esd             ? 
_diffrn.ambient_pressure_gt              ? 
_diffrn.ambient_pressure_lt              ? 
_diffrn.ambient_temp_gt                  ? 
_diffrn.ambient_temp_lt                  ? 
_diffrn.pdbx_serial_crystal_experiment   N 
# 
_diffrn_detector.details                      ? 
_diffrn_detector.detector                     PIXEL 
_diffrn_detector.diffrn_id                    1 
_diffrn_detector.type                         'DECTRIS EIGER2 XE 16M' 
_diffrn_detector.area_resol_mean              ? 
_diffrn_detector.dtime                        ? 
_diffrn_detector.pdbx_frames_total            ? 
_diffrn_detector.pdbx_collection_time_total   ? 
_diffrn_detector.pdbx_collection_date         2014-07-14 
_diffrn_detector.pdbx_frequency               ? 
# 
_diffrn_radiation.collimation                      ? 
_diffrn_radiation.diffrn_id                        1 
_diffrn_radiation.filter_edge                      ? 
_diffrn_radiation.inhomogeneity                    ? 
_diffrn_radiation.monochromator                    ? 
_diffrn_radiation.polarisn_norm                    ? 
_diffrn_radiation.polarisn_ratio                   ? 
_diffrn_radiation.probe                            ? 
_diffrn_radiation.type                             ? 
_diffrn_radiation.xray_symbol                      ? 
_diffrn_radiation.wavelength_id                    1 
_diffrn_radiation.pdbx_monochromatic_or_laue_m_l   M 
_diffrn_radiation.pdbx_wavelength_list             ? 
_diffrn_radiation.pdbx_wavelength                  ? 
_diffrn_radiation.pdbx_diffrn_protocol             'SINGLE WAVELENGTH' 
_diffrn_radiation.pdbx_analyzer                    ? 
_diffrn_radiation.pdbx_scattering_type             x-ray 
# 
_diffrn_radiation_wavelength.id           1 
_diffrn_radiation_wavelength.wavelength   1.0 
_diffrn_radiation_wavelength.wt           1.0 
# 
_diffrn_source.current                     ? 
_diffrn_source.details                     ? 
_diffrn_source.diffrn_id                   1 
_diffrn_source.power                       ? 
_diffrn_source.size                        ? 
_diffrn_source.source                      SYNCHROTRON 
_diffrn_source.target                      ? 
_diffrn_source.type                        'DIAMOND BEAMLINE I04' 
_diffrn_source.voltage                     ? 
_diffrn_source.take-off_angle              ? 
_diffrn_source.pdbx_wavelength_list        1.0 
_diffrn_source.pdbx_wavelength             ? 
_diffrn_source.pdbx_synchrotron_beamline   I04 
_diffrn_source.pdbx_synchrotron_site       Diamond 
# 
_reflns.B_iso_Wilson_estimate            ? 
_reflns.entry_id                         7BIR 
_reflns.data_reduction_details           ? 
_reflns.data_reduction_method            ? 
_reflns.d_resolution_high                2.02 
_reflns.d_resolution_low                 61.89 
_reflns.details                          ? 
_reflns.limit_h_max                      ? 
_reflns.limit_h_min                      ? 
_reflns.limit_k_max                      ? 
_reflns.limit_k_min                      ? 
_reflns.limit_l_max                      ? 
_reflns.limit_l_min                      ? 
_reflns.number_all                       ? 
_reflns.number_obs                       10626 
_reflns.observed_criterion               ? 
_reflns.observed_criterion_F_max         ? 
_reflns.observed_criterion_F_min         ? 
_reflns.observed_criterion_I_max         ? 
_reflns.observed_criterion_I_min         ? 
_reflns.observed_criterion_sigma_F       ? 
_reflns.observed_criterion_sigma_I       ? 
_reflns.percent_possible_obs             100 
_reflns.R_free_details                   ? 
_reflns.Rmerge_F_all                     ? 
_reflns.Rmerge_F_obs                     ? 
_reflns.Friedel_coverage                 ? 
_reflns.number_gt                        ? 
_reflns.threshold_expression             ? 
_reflns.pdbx_redundancy                  18.4 
_reflns.pdbx_Rmerge_I_obs                0.192 
_reflns.pdbx_Rmerge_I_all                ? 
_reflns.pdbx_Rsym_value                  ? 
_reflns.pdbx_netI_over_av_sigmaI         ? 
_reflns.pdbx_netI_over_sigmaI            14.3 
_reflns.pdbx_res_netI_over_av_sigmaI_2   ? 
_reflns.pdbx_res_netI_over_sigmaI_2      ? 
_reflns.pdbx_chi_squared                 ? 
_reflns.pdbx_scaling_rejects             ? 
_reflns.pdbx_d_res_high_opt              ? 
_reflns.pdbx_d_res_low_opt               ? 
_reflns.pdbx_d_res_opt_method            ? 
_reflns.phase_calculation_details        ? 
_reflns.pdbx_Rrim_I_all                  ? 
_reflns.pdbx_Rpim_I_all                  ? 
_reflns.pdbx_d_opt                       ? 
_reflns.pdbx_number_measured_all         ? 
_reflns.pdbx_diffrn_id                   1 
_reflns.pdbx_ordinal                     1 
_reflns.pdbx_CC_half                     ? 
_reflns.pdbx_CC_star                     ? 
_reflns.pdbx_R_split                     ? 
# 
_reflns_shell.d_res_high                  2.02 
_reflns_shell.d_res_low                   2.11 
_reflns_shell.meanI_over_sigI_all         ? 
_reflns_shell.meanI_over_sigI_obs         ? 
_reflns_shell.number_measured_all         ? 
_reflns_shell.number_measured_obs         ? 
_reflns_shell.number_possible             ? 
_reflns_shell.number_unique_all           ? 
_reflns_shell.number_unique_obs           1336 
_reflns_shell.percent_possible_all        ? 
_reflns_shell.percent_possible_obs        ? 
_reflns_shell.Rmerge_F_all                ? 
_reflns_shell.Rmerge_F_obs                ? 
_reflns_shell.Rmerge_I_all                ? 
_reflns_shell.Rmerge_I_obs                2.616 
_reflns_shell.meanI_over_sigI_gt          ? 
_reflns_shell.meanI_over_uI_all           ? 
_reflns_shell.meanI_over_uI_gt            ? 
_reflns_shell.number_measured_gt          ? 
_reflns_shell.number_unique_gt            ? 
_reflns_shell.percent_possible_gt         ? 
_reflns_shell.Rmerge_F_gt                 ? 
_reflns_shell.Rmerge_I_gt                 ? 
_reflns_shell.pdbx_redundancy             ? 
_reflns_shell.pdbx_Rsym_value             ? 
_reflns_shell.pdbx_chi_squared            ? 
_reflns_shell.pdbx_netI_over_sigmaI_all   ? 
_reflns_shell.pdbx_netI_over_sigmaI_obs   ? 
_reflns_shell.pdbx_Rrim_I_all             ? 
_reflns_shell.pdbx_Rpim_I_all             ? 
_reflns_shell.pdbx_rejects                ? 
_reflns_shell.pdbx_ordinal                1 
_reflns_shell.pdbx_diffrn_id              1 
_reflns_shell.pdbx_CC_half                ? 
_reflns_shell.pdbx_CC_star                ? 
_reflns_shell.pdbx_R_split                ? 
# 
_refine.aniso_B[1][1]                            -2.7778 
_refine.aniso_B[1][2]                            0.0000 
_refine.aniso_B[1][3]                            0.0000 
_refine.aniso_B[2][2]                            -2.7778 
_refine.aniso_B[2][3]                            0.0000 
_refine.aniso_B[3][3]                            5.5555 
_refine.B_iso_max                                119.370 
_refine.B_iso_mean                               45.8680 
_refine.B_iso_min                                28.810 
_refine.correlation_coeff_Fo_to_Fc               0.9300 
_refine.correlation_coeff_Fo_to_Fc_free          0.9210 
_refine.details                                  ? 
_refine.diff_density_max                         ? 
_refine.diff_density_max_esd                     ? 
_refine.diff_density_min                         ? 
_refine.diff_density_min_esd                     ? 
_refine.diff_density_rms                         ? 
_refine.diff_density_rms_esd                     ? 
_refine.entry_id                                 7BIR 
_refine.pdbx_refine_id                           'X-RAY DIFFRACTION' 
_refine.ls_abs_structure_details                 ? 
_refine.ls_abs_structure_Flack                   ? 
_refine.ls_abs_structure_Flack_esd               ? 
_refine.ls_abs_structure_Rogers                  ? 
_refine.ls_abs_structure_Rogers_esd              ? 
_refine.ls_d_res_high                            2.0200 
_refine.ls_d_res_low                             52.8000 
_refine.ls_extinction_coef                       ? 
_refine.ls_extinction_coef_esd                   ? 
_refine.ls_extinction_expression                 ? 
_refine.ls_extinction_method                     ? 
_refine.ls_goodness_of_fit_all                   ? 
_refine.ls_goodness_of_fit_all_esd               ? 
_refine.ls_goodness_of_fit_obs                   ? 
_refine.ls_goodness_of_fit_obs_esd               ? 
_refine.ls_hydrogen_treatment                    ? 
_refine.ls_matrix_type                           ? 
_refine.ls_number_constraints                    ? 
_refine.ls_number_parameters                     ? 
_refine.ls_number_reflns_all                     ? 
_refine.ls_number_reflns_obs                     10558 
_refine.ls_number_reflns_R_free                  529 
_refine.ls_number_reflns_R_work                  ? 
_refine.ls_number_restraints                     ? 
_refine.ls_percent_reflns_obs                    100.0000 
_refine.ls_percent_reflns_R_free                 5.0100 
_refine.ls_R_factor_all                          ? 
_refine.ls_R_factor_obs                          0.2200 
_refine.ls_R_factor_R_free                       0.2430 
_refine.ls_R_factor_R_free_error                 ? 
_refine.ls_R_factor_R_free_error_details         ? 
_refine.ls_R_factor_R_work                       0.2190 
_refine.ls_R_Fsqd_factor_obs                     ? 
_refine.ls_R_I_factor_obs                        ? 
_refine.ls_redundancy_reflns_all                 ? 
_refine.ls_redundancy_reflns_obs                 ? 
_refine.ls_restrained_S_all                      ? 
_refine.ls_restrained_S_obs                      ? 
_refine.ls_shift_over_esd_max                    ? 
_refine.ls_shift_over_esd_mean                   ? 
_refine.ls_structure_factor_coef                 ? 
_refine.ls_weighting_details                     ? 
_refine.ls_weighting_scheme                      ? 
_refine.ls_wR_factor_all                         ? 
_refine.ls_wR_factor_obs                         ? 
_refine.ls_wR_factor_R_free                      ? 
_refine.ls_wR_factor_R_work                      ? 
_refine.occupancy_max                            ? 
_refine.occupancy_min                            ? 
_refine.solvent_model_details                    ? 
_refine.solvent_model_param_bsol                 ? 
_refine.solvent_model_param_ksol                 ? 
_refine.pdbx_R_complete                          ? 
_refine.ls_R_factor_gt                           ? 
_refine.ls_goodness_of_fit_gt                    ? 
_refine.ls_goodness_of_fit_ref                   ? 
_refine.ls_shift_over_su_max                     ? 
_refine.ls_shift_over_su_max_lt                  ? 
_refine.ls_shift_over_su_mean                    ? 
_refine.ls_shift_over_su_mean_lt                 ? 
_refine.pdbx_ls_sigma_I                          ? 
_refine.pdbx_ls_sigma_F                          0.000 
_refine.pdbx_ls_sigma_Fsqd                       ? 
_refine.pdbx_data_cutoff_high_absF               ? 
_refine.pdbx_data_cutoff_high_rms_absF           ? 
_refine.pdbx_data_cutoff_low_absF                ? 
_refine.pdbx_isotropic_thermal_model             ? 
_refine.pdbx_ls_cross_valid_method               THROUGHOUT 
_refine.pdbx_method_to_determine_struct          'FOURIER SYNTHESIS' 
_refine.pdbx_starting_model                      ? 
_refine.pdbx_stereochemistry_target_values       ? 
_refine.pdbx_R_Free_selection_details            RANDOM 
_refine.pdbx_stereochem_target_val_spec_case     ? 
_refine.pdbx_overall_ESU_R                       ? 
_refine.pdbx_overall_ESU_R_Free                  ? 
_refine.pdbx_solvent_vdw_probe_radii             ? 
_refine.pdbx_solvent_ion_probe_radii             ? 
_refine.pdbx_solvent_shrinkage_radii             ? 
_refine.pdbx_real_space_R                        ? 
_refine.pdbx_density_correlation                 ? 
_refine.pdbx_pd_number_of_powder_patterns        ? 
_refine.pdbx_pd_number_of_points                 ? 
_refine.pdbx_pd_meas_number_of_points            ? 
_refine.pdbx_pd_proc_ls_prof_R_factor            ? 
_refine.pdbx_pd_proc_ls_prof_wR_factor           ? 
_refine.pdbx_pd_Marquardt_correlation_coeff      ? 
_refine.pdbx_pd_Fsqrd_R_factor                   ? 
_refine.pdbx_pd_ls_matrix_band_width             ? 
_refine.pdbx_overall_phase_error                 ? 
_refine.pdbx_overall_SU_R_free_Cruickshank_DPI   0.1430 
_refine.pdbx_overall_SU_R_free_Blow_DPI          0.1530 
_refine.pdbx_overall_SU_R_Blow_DPI               0.1780 
_refine.pdbx_TLS_residual_ADP_flag               ? 
_refine.pdbx_diffrn_id                           1 
_refine.overall_SU_B                             ? 
_refine.overall_SU_ML                            ? 
_refine.overall_SU_R_Cruickshank_DPI             0.2200 
_refine.overall_SU_R_free                        ? 
_refine.overall_FOM_free_R_set                   ? 
_refine.overall_FOM_work_R_set                   ? 
_refine.pdbx_average_fsc_overall                 ? 
_refine.pdbx_average_fsc_work                    ? 
_refine.pdbx_average_fsc_free                    ? 
# 
_refine_analyze.entry_id                        7BIR 
_refine_analyze.pdbx_refine_id                  'X-RAY DIFFRACTION' 
_refine_analyze.Luzzati_coordinate_error_free   ? 
_refine_analyze.Luzzati_coordinate_error_obs    0.320 
_refine_analyze.Luzzati_d_res_low_free          ? 
_refine_analyze.Luzzati_d_res_low_obs           ? 
_refine_analyze.Luzzati_sigma_a_free            ? 
_refine_analyze.Luzzati_sigma_a_free_details    ? 
_refine_analyze.Luzzati_sigma_a_obs             ? 
_refine_analyze.Luzzati_sigma_a_obs_details     ? 
_refine_analyze.number_disordered_residues      ? 
_refine_analyze.occupancy_sum_hydrogen          ? 
_refine_analyze.occupancy_sum_non_hydrogen      ? 
_refine_analyze.RG_d_res_high                   ? 
_refine_analyze.RG_d_res_low                    ? 
_refine_analyze.RG_free                         ? 
_refine_analyze.RG_work                         ? 
_refine_analyze.RG_free_work_ratio              ? 
_refine_analyze.pdbx_Luzzati_d_res_high_obs     ? 
# 
_refine_hist.pdbx_refine_id                   'X-RAY DIFFRACTION' 
_refine_hist.cycle_id                         final 
_refine_hist.details                          ? 
_refine_hist.d_res_high                       2.0200 
_refine_hist.d_res_low                        52.8000 
_refine_hist.number_atoms_solvent             91 
_refine_hist.number_atoms_total               914 
_refine_hist.number_reflns_all                ? 
_refine_hist.number_reflns_obs                ? 
_refine_hist.number_reflns_R_free             ? 
_refine_hist.number_reflns_R_work             ? 
_refine_hist.R_factor_all                     ? 
_refine_hist.R_factor_obs                     ? 
_refine_hist.R_factor_R_free                  ? 
_refine_hist.R_factor_R_work                  ? 
_refine_hist.pdbx_number_residues_total       92 
_refine_hist.pdbx_B_iso_mean_ligand           41.74 
_refine_hist.pdbx_B_iso_mean_solvent          54.30 
_refine_hist.pdbx_number_atoms_protein        749 
_refine_hist.pdbx_number_atoms_nucleic_acid   0 
_refine_hist.pdbx_number_atoms_ligand         74 
_refine_hist.pdbx_number_atoms_lipid          ? 
_refine_hist.pdbx_number_atoms_carb           ? 
_refine_hist.pdbx_pseudo_atom_details         ? 
# 
loop_
_refine_ls_restr.pdbx_refine_id 
_refine_ls_restr.criterion 
_refine_ls_restr.dev_ideal 
_refine_ls_restr.dev_ideal_target 
_refine_ls_restr.number 
_refine_ls_restr.rejects 
_refine_ls_restr.type 
_refine_ls_restr.weight 
_refine_ls_restr.pdbx_restraint_function 
'X-RAY DIFFRACTION' ? ?      ? 375  ? t_dihedral_angle_d        2.000  SINUSOIDAL   
'X-RAY DIFFRACTION' ? ?      ? ?    ? t_trig_c_planes           ?      ?            
'X-RAY DIFFRACTION' ? ?      ? 247  ? t_gen_planes              16.000 HARMONIC     
'X-RAY DIFFRACTION' ? ?      ? 1659 ? t_it                      20.000 HARMONIC     
'X-RAY DIFFRACTION' ? ?      ? ?    ? t_nbd                     ?      ?            
'X-RAY DIFFRACTION' ? ?      ? ?    ? t_improper_torsion        ?      ?            
'X-RAY DIFFRACTION' ? ?      ? ?    ? t_pseud_angle             ?      ?            
'X-RAY DIFFRACTION' ? ?      ? 102  ? t_chiral_improper_torsion 5.000  SEMIHARMONIC 
'X-RAY DIFFRACTION' ? ?      ? ?    ? t_sum_occupancies         ?      ?            
'X-RAY DIFFRACTION' ? ?      ? ?    ? t_utility_distance        ?      ?            
'X-RAY DIFFRACTION' ? ?      ? ?    ? t_utility_angle           ?      ?            
'X-RAY DIFFRACTION' ? ?      ? ?    ? t_utility_torsion         ?      ?            
'X-RAY DIFFRACTION' ? ?      ? 1807 ? t_ideal_dist_contact      4.000  SEMIHARMONIC 
'X-RAY DIFFRACTION' ? 0.012  ? 1659 ? t_bond_d                  2.000  HARMONIC     
'X-RAY DIFFRACTION' ? 1.000  ? 3010 ? t_angle_deg               2.000  HARMONIC     
'X-RAY DIFFRACTION' ? 6.210  ? ?    ? t_omega_torsion           ?      ?            
'X-RAY DIFFRACTION' ? 15.770 ? ?    ? t_other_torsion           ?      ?            
# 
_refine_ls_shell.pdbx_refine_id                   'X-RAY DIFFRACTION' 
_refine_ls_shell.d_res_high                       2.0200 
_refine_ls_shell.d_res_low                        2.0500 
_refine_ls_shell.number_reflns_all                407 
_refine_ls_shell.number_reflns_obs                ? 
_refine_ls_shell.number_reflns_R_free             19 
_refine_ls_shell.number_reflns_R_work             388 
_refine_ls_shell.percent_reflns_obs               99.7600 
_refine_ls_shell.percent_reflns_R_free            4.6700 
_refine_ls_shell.R_factor_all                     0.2501 
_refine_ls_shell.R_factor_obs                     ? 
_refine_ls_shell.R_factor_R_free                  0.2215 
_refine_ls_shell.R_factor_R_free_error            0.0000 
_refine_ls_shell.R_factor_R_work                  0.2516 
_refine_ls_shell.redundancy_reflns_all            ? 
_refine_ls_shell.redundancy_reflns_obs            ? 
_refine_ls_shell.wR_factor_all                    ? 
_refine_ls_shell.wR_factor_obs                    ? 
_refine_ls_shell.wR_factor_R_free                 ? 
_refine_ls_shell.wR_factor_R_work                 ? 
_refine_ls_shell.pdbx_R_complete                  ? 
_refine_ls_shell.pdbx_total_number_of_bins_used   26 
_refine_ls_shell.pdbx_phase_error                 ? 
_refine_ls_shell.pdbx_fsc_work                    ? 
_refine_ls_shell.pdbx_fsc_free                    ? 
# 
_struct.entry_id                     7BIR 
_struct.title                        'Inhibitor of MDM2-p53 Interaction' 
_struct.pdbx_model_details           ? 
_struct.pdbx_formula_weight          ? 
_struct.pdbx_formula_weight_method   ? 
_struct.pdbx_model_type_details      ? 
_struct.pdbx_CASP_flag               N 
# 
_struct_keywords.entry_id        7BIR 
_struct_keywords.text            'ligase, cell cycle, apoptosis, protein binding' 
_struct_keywords.pdbx_keywords   APOPTOSIS 
# 
loop_
_struct_asym.id 
_struct_asym.pdbx_blank_PDB_chainid_flag 
_struct_asym.pdbx_modified 
_struct_asym.entity_id 
_struct_asym.details 
A N N 1 ? 
B N N 2 ? 
C N N 2 ? 
D N N 3 ? 
E N N 4 ? 
# 
_struct_ref.id                         1 
_struct_ref.db_name                    UNP 
_struct_ref.db_code                    MDM2_HUMAN 
_struct_ref.pdbx_db_accession          Q00987 
_struct_ref.pdbx_db_isoform            ? 
_struct_ref.entity_id                  1 
_struct_ref.pdbx_seq_one_letter_code   
;SQIPASEQETLVRPKPLLLKLLKSVGAQKDTYTMKEVLFYLGQYIMTKRLYDEKQQHIVYCSNDLLGDLFGVPSFSVKEH
RKIYTMIYRNLVV
;
_struct_ref.pdbx_align_begin           17 
# 
_struct_ref_seq.align_id                      1 
_struct_ref_seq.ref_id                        1 
_struct_ref_seq.pdbx_PDB_id_code              7BIR 
_struct_ref_seq.pdbx_strand_id                A 
_struct_ref_seq.seq_align_beg                 6 
_struct_ref_seq.pdbx_seq_align_beg_ins_code   ? 
_struct_ref_seq.seq_align_end                 98 
_struct_ref_seq.pdbx_seq_align_end_ins_code   ? 
_struct_ref_seq.pdbx_db_accession             Q00987 
_struct_ref_seq.db_align_beg                  17 
_struct_ref_seq.pdbx_db_align_beg_ins_code    ? 
_struct_ref_seq.db_align_end                  109 
_struct_ref_seq.pdbx_db_align_end_ins_code    ? 
_struct_ref_seq.pdbx_auth_seq_align_beg       17 
_struct_ref_seq.pdbx_auth_seq_align_end       109 
# 
loop_
_struct_ref_seq_dif.align_id 
_struct_ref_seq_dif.pdbx_pdb_id_code 
_struct_ref_seq_dif.mon_id 
_struct_ref_seq_dif.pdbx_pdb_strand_id 
_struct_ref_seq_dif.seq_num 
_struct_ref_seq_dif.pdbx_pdb_ins_code 
_struct_ref_seq_dif.pdbx_seq_db_name 
_struct_ref_seq_dif.pdbx_seq_db_accession_code 
_struct_ref_seq_dif.db_mon_id 
_struct_ref_seq_dif.pdbx_seq_db_seq_num 
_struct_ref_seq_dif.details 
_struct_ref_seq_dif.pdbx_auth_seq_num 
_struct_ref_seq_dif.pdbx_ordinal 
1 7BIR GLY A 1  ? UNP Q00987 ?   ?  'expression tag'      12 1 
1 7BIR PRO A 2  ? UNP Q00987 ?   ?  'expression tag'      13 2 
1 7BIR LEU A 3  ? UNP Q00987 ?   ?  'expression tag'      14 3 
1 7BIR GLY A 4  ? UNP Q00987 ?   ?  'expression tag'      15 4 
1 7BIR SER A 5  ? UNP Q00987 ?   ?  'expression tag'      16 5 
1 7BIR ALA A 58 ? UNP Q00987 GLU 69 'engineered mutation' 69 6 
1 7BIR ALA A 59 ? UNP Q00987 LYS 70 'engineered mutation' 70 7 
# 
_pdbx_struct_assembly.id                   1 
_pdbx_struct_assembly.details              author_and_software_defined_assembly 
_pdbx_struct_assembly.method_details       PISA 
_pdbx_struct_assembly.oligomeric_details   monomeric 
_pdbx_struct_assembly.oligomeric_count     1 
# 
loop_
_pdbx_struct_assembly_prop.biol_id 
_pdbx_struct_assembly_prop.type 
_pdbx_struct_assembly_prop.value 
_pdbx_struct_assembly_prop.details 
1 'ABSA (A^2)' 280  ? 
1 MORE         -20  ? 
1 'SSA (A^2)'  5760 ? 
# 
_pdbx_struct_assembly_gen.assembly_id       1 
_pdbx_struct_assembly_gen.oper_expression   1 
_pdbx_struct_assembly_gen.asym_id_list      A,B,C,D,E 
# 
_pdbx_struct_assembly_auth_evidence.id                     1 
_pdbx_struct_assembly_auth_evidence.assembly_id            1 
_pdbx_struct_assembly_auth_evidence.experimental_support   'gel filtration' 
_pdbx_struct_assembly_auth_evidence.details                ? 
# 
_pdbx_struct_oper_list.id                   1 
_pdbx_struct_oper_list.type                 'identity operation' 
_pdbx_struct_oper_list.name                 1_555 
_pdbx_struct_oper_list.symmetry_operation   x,y,z 
_pdbx_struct_oper_list.matrix[1][1]         1.0000000000 
_pdbx_struct_oper_list.matrix[1][2]         0.0000000000 
_pdbx_struct_oper_list.matrix[1][3]         0.0000000000 
_pdbx_struct_oper_list.vector[1]            0.0000000000 
_pdbx_struct_oper_list.matrix[2][1]         0.0000000000 
_pdbx_struct_oper_list.matrix[2][2]         1.0000000000 
_pdbx_struct_oper_list.matrix[2][3]         0.0000000000 
_pdbx_struct_oper_list.vector[2]            0.0000000000 
_pdbx_struct_oper_list.matrix[3][1]         0.0000000000 
_pdbx_struct_oper_list.matrix[3][2]         0.0000000000 
_pdbx_struct_oper_list.matrix[3][3]         1.0000000000 
_pdbx_struct_oper_list.vector[3]            0.0000000000 
# 
loop_
_struct_conf.conf_type_id 
_struct_conf.id 
_struct_conf.pdbx_PDB_helix_id 
_struct_conf.beg_label_comp_id 
_struct_conf.beg_label_asym_id 
_struct_conf.beg_label_seq_id 
_struct_conf.pdbx_beg_PDB_ins_code 
_struct_conf.end_label_comp_id 
_struct_conf.end_label_asym_id 
_struct_conf.end_label_seq_id 
_struct_conf.pdbx_end_PDB_ins_code 
_struct_conf.beg_auth_comp_id 
_struct_conf.beg_auth_asym_id 
_struct_conf.beg_auth_seq_id 
_struct_conf.end_auth_comp_id 
_struct_conf.end_auth_asym_id 
_struct_conf.end_auth_seq_id 
_struct_conf.pdbx_PDB_helix_class 
_struct_conf.details 
_struct_conf.pdbx_PDB_helix_length 
HELX_P HELX_P1 AA1 PRO A 9  ? GLU A 14 ? PRO A 20 GLU A 25  1 ? 6  
HELX_P HELX_P2 AA2 LYS A 20 ? VAL A 30 ? LYS A 31 VAL A 41  1 ? 11 
HELX_P HELX_P3 AA3 MET A 39 ? LYS A 53 ? MET A 50 LYS A 64  1 ? 15 
HELX_P HELX_P4 AA4 ASP A 69 ? GLY A 76 ? ASP A 80 GLY A 87  1 ? 8  
HELX_P HELX_P5 AA5 GLU A 84 ? ARG A 94 ? GLU A 95 ARG A 105 1 ? 11 
# 
_struct_conf_type.id          HELX_P 
_struct_conf_type.criteria    ? 
_struct_conf_type.reference   ? 
# 
loop_
_struct_sheet.id 
_struct_sheet.type 
_struct_sheet.number_strands 
_struct_sheet.details 
AA1 ? 2 ? 
AA2 ? 2 ? 
# 
loop_
_struct_sheet_order.sheet_id 
_struct_sheet_order.range_id_1 
_struct_sheet_order.range_id_2 
_struct_sheet_order.offset 
_struct_sheet_order.sense 
AA1 1 2 ? anti-parallel 
AA2 1 2 ? anti-parallel 
# 
loop_
_struct_sheet_range.sheet_id 
_struct_sheet_range.id 
_struct_sheet_range.beg_label_comp_id 
_struct_sheet_range.beg_label_asym_id 
_struct_sheet_range.beg_label_seq_id 
_struct_sheet_range.pdbx_beg_PDB_ins_code 
_struct_sheet_range.end_label_comp_id 
_struct_sheet_range.end_label_asym_id 
_struct_sheet_range.end_label_seq_id 
_struct_sheet_range.pdbx_end_PDB_ins_code 
_struct_sheet_range.beg_auth_comp_id 
_struct_sheet_range.beg_auth_asym_id 
_struct_sheet_range.beg_auth_seq_id 
_struct_sheet_range.end_auth_comp_id 
_struct_sheet_range.end_auth_asym_id 
_struct_sheet_range.end_auth_seq_id 
AA1 1 LEU A 16 ? VAL A 17 ? LEU A 27 VAL A 28 
AA1 2 TYR A 37 ? THR A 38 ? TYR A 48 THR A 49 
AA2 1 ILE A 63 ? TYR A 65 ? ILE A 74 TYR A 76 
AA2 2 SER A 79 ? SER A 81 ? SER A 90 SER A 92 
# 
loop_
_pdbx_struct_sheet_hbond.sheet_id 
_pdbx_struct_sheet_hbond.range_id_1 
_pdbx_struct_sheet_hbond.range_id_2 
_pdbx_struct_sheet_hbond.range_1_label_atom_id 
_pdbx_struct_sheet_hbond.range_1_label_comp_id 
_pdbx_struct_sheet_hbond.range_1_label_asym_id 
_pdbx_struct_sheet_hbond.range_1_label_seq_id 
_pdbx_struct_sheet_hbond.range_1_PDB_ins_code 
_pdbx_struct_sheet_hbond.range_1_auth_atom_id 
_pdbx_struct_sheet_hbond.range_1_auth_comp_id 
_pdbx_struct_sheet_hbond.range_1_auth_asym_id 
_pdbx_struct_sheet_hbond.range_1_auth_seq_id 
_pdbx_struct_sheet_hbond.range_2_label_atom_id 
_pdbx_struct_sheet_hbond.range_2_label_comp_id 
_pdbx_struct_sheet_hbond.range_2_label_asym_id 
_pdbx_struct_sheet_hbond.range_2_label_seq_id 
_pdbx_struct_sheet_hbond.range_2_PDB_ins_code 
_pdbx_struct_sheet_hbond.range_2_auth_atom_id 
_pdbx_struct_sheet_hbond.range_2_auth_comp_id 
_pdbx_struct_sheet_hbond.range_2_auth_asym_id 
_pdbx_struct_sheet_hbond.range_2_auth_seq_id 
AA1 1 2 N VAL A 17 ? N VAL A 28 O TYR A 37 ? O TYR A 48 
AA2 1 2 N VAL A 64 ? N VAL A 75 O PHE A 80 ? O PHE A 91 
# 
loop_
_struct_site.id 
_struct_site.pdbx_evidence_code 
_struct_site.pdbx_auth_asym_id 
_struct_site.pdbx_auth_comp_id 
_struct_site.pdbx_auth_seq_id 
_struct_site.pdbx_auth_ins_code 
_struct_site.pdbx_num_residues 
_struct_site.details 
AC1 Software A SO4 201 ? 6  'binding site for residue SO4 A 201' 
AC2 Software A SO4 202 ? 4  'binding site for residue SO4 A 202' 
AC3 Software A TUZ 203 ? 10 'binding site for residue TUZ A 203' 
# 
loop_
_struct_site_gen.id 
_struct_site_gen.site_id 
_struct_site_gen.pdbx_num_res 
_struct_site_gen.label_comp_id 
_struct_site_gen.label_asym_id 
_struct_site_gen.label_seq_id 
_struct_site_gen.pdbx_auth_ins_code 
_struct_site_gen.auth_comp_id 
_struct_site_gen.auth_asym_id 
_struct_site_gen.auth_seq_id 
_struct_site_gen.label_atom_id 
_struct_site_gen.label_alt_id 
_struct_site_gen.symmetry 
_struct_site_gen.details 
1  AC1 6  LYS A 20 ? LYS A 31  . ? 5_555  ? 
2  AC1 6  GLN A 60 ? GLN A 71  . ? 1_555  ? 
3  AC1 6  GLN A 61 ? GLN A 72  . ? 1_555  ? 
4  AC1 6  HIS A 62 ? HIS A 73  . ? 1_555  ? 
5  AC1 6  HOH E .  ? HOH A 304 . ? 1_555  ? 
6  AC1 6  HOH E .  ? HOH A 317 . ? 1_555  ? 
7  AC2 4  ARG A 86 ? ARG A 97  . ? 1_555  ? 
8  AC2 4  ARG A 86 ? ARG A 97  . ? 10_665 ? 
9  AC2 4  HOH E .  ? HOH A 301 . ? 1_555  ? 
10 AC2 4  HOH E .  ? HOH A 320 . ? 1_555  ? 
11 AC3 10 PRO A 21 ? PRO A 32  . ? 5_555  ? 
12 AC3 10 LEU A 43 ? LEU A 54  . ? 1_555  ? 
13 AC3 10 PHE A 44 ? PHE A 55  . ? 1_555  ? 
14 AC3 10 GLY A 47 ? GLY A 58  . ? 1_555  ? 
15 AC3 10 GLN A 48 ? GLN A 59  . ? 1_555  ? 
16 AC3 10 ILE A 50 ? ILE A 61  . ? 1_555  ? 
17 AC3 10 MET A 51 ? MET A 62  . ? 1_555  ? 
18 AC3 10 GLN A 61 ? GLN A 72  . ? 1_555  ? 
19 AC3 10 VAL A 82 ? VAL A 93  . ? 1_555  ? 
20 AC3 10 HIS A 85 ? HIS A 96  . ? 1_555  ? 
# 
loop_
_pdbx_struct_special_symmetry.id 
_pdbx_struct_special_symmetry.PDB_model_num 
_pdbx_struct_special_symmetry.auth_asym_id 
_pdbx_struct_special_symmetry.auth_comp_id 
_pdbx_struct_special_symmetry.auth_seq_id 
_pdbx_struct_special_symmetry.PDB_ins_code 
_pdbx_struct_special_symmetry.label_asym_id 
_pdbx_struct_special_symmetry.label_comp_id 
_pdbx_struct_special_symmetry.label_seq_id 
1 1 A HOH 319 ? E HOH . 
2 1 A HOH 383 ? E HOH . 
# 
_pdbx_refine_tls.id               1 
_pdbx_refine_tls.pdbx_refine_id   'X-RAY DIFFRACTION' 
_pdbx_refine_tls.details          ? 
_pdbx_refine_tls.method           refined 
_pdbx_refine_tls.origin_x         0.1124 
_pdbx_refine_tls.origin_y         -0.2455 
_pdbx_refine_tls.origin_z         0.1013 
_pdbx_refine_tls.T[1][1]          -0.0481 
_pdbx_refine_tls.T[1][1]_esd      ? 
_pdbx_refine_tls.T[1][2]          -0.0998 
_pdbx_refine_tls.T[1][2]_esd      ? 
_pdbx_refine_tls.T[1][3]          -0.1134 
_pdbx_refine_tls.T[1][3]_esd      ? 
_pdbx_refine_tls.T[2][2]          0.0775 
_pdbx_refine_tls.T[2][2]_esd      ? 
_pdbx_refine_tls.T[2][3]          0.0872 
_pdbx_refine_tls.T[2][3]_esd      ? 
_pdbx_refine_tls.T[3][3]          -0.0767 
_pdbx_refine_tls.T[3][3]_esd      ? 
_pdbx_refine_tls.L[1][1]          1.9845 
_pdbx_refine_tls.L[1][1]_esd      ? 
_pdbx_refine_tls.L[1][2]          -1.3357 
_pdbx_refine_tls.L[1][2]_esd      ? 
_pdbx_refine_tls.L[1][3]          0.5396 
_pdbx_refine_tls.L[1][3]_esd      ? 
_pdbx_refine_tls.L[2][2]          3.2207 
_pdbx_refine_tls.L[2][2]_esd      ? 
_pdbx_refine_tls.L[2][3]          -1.3882 
_pdbx_refine_tls.L[2][3]_esd      ? 
_pdbx_refine_tls.L[3][3]          2.4643 
_pdbx_refine_tls.L[3][3]_esd      ? 
_pdbx_refine_tls.S[1][1]          0.2940 
_pdbx_refine_tls.S[1][1]_esd      ? 
_pdbx_refine_tls.S[1][2]          -0.1487 
_pdbx_refine_tls.S[1][2]_esd      ? 
_pdbx_refine_tls.S[1][3]          -0.2620 
_pdbx_refine_tls.S[1][3]_esd      ? 
_pdbx_refine_tls.S[2][1]          -0.2946 
_pdbx_refine_tls.S[2][1]_esd      ? 
_pdbx_refine_tls.S[2][2]          -0.1534 
_pdbx_refine_tls.S[2][2]_esd      ? 
_pdbx_refine_tls.S[2][3]          0.1796 
_pdbx_refine_tls.S[2][3]_esd      ? 
_pdbx_refine_tls.S[3][1]          -0.0393 
_pdbx_refine_tls.S[3][1]_esd      ? 
_pdbx_refine_tls.S[3][2]          0.5426 
_pdbx_refine_tls.S[3][2]_esd      ? 
_pdbx_refine_tls.S[3][3]          -0.1406 
_pdbx_refine_tls.S[3][3]_esd      ? 
# 
_pdbx_refine_tls_group.id                  1 
_pdbx_refine_tls_group.pdbx_refine_id      'X-RAY DIFFRACTION' 
_pdbx_refine_tls_group.refine_tls_id       1 
_pdbx_refine_tls_group.beg_label_asym_id   ? 
_pdbx_refine_tls_group.beg_label_seq_id    ? 
_pdbx_refine_tls_group.beg_auth_asym_id    A 
_pdbx_refine_tls_group.beg_auth_seq_id     17 
_pdbx_refine_tls_group.beg_PDB_ins_code    ? 
_pdbx_refine_tls_group.end_label_asym_id   ? 
_pdbx_refine_tls_group.end_label_seq_id    ? 
_pdbx_refine_tls_group.end_auth_asym_id    A 
_pdbx_refine_tls_group.end_auth_seq_id     108 
_pdbx_refine_tls_group.end_PDB_ins_code    ? 
_pdbx_refine_tls_group.selection           ? 
_pdbx_refine_tls_group.selection_details   '{ A|17 - A|108 }' 
# 
_pdbx_entry_details.entry_id                 7BIR 
_pdbx_entry_details.has_ligand_of_interest   Y 
_pdbx_entry_details.compound_details         ? 
_pdbx_entry_details.source_details           ? 
_pdbx_entry_details.nonpolymer_details       ? 
_pdbx_entry_details.sequence_details         ? 
# 
loop_
_pdbx_unobs_or_zero_occ_residues.id 
_pdbx_unobs_or_zero_occ_residues.PDB_model_num 
_pdbx_unobs_or_zero_occ_residues.polymer_flag 
_pdbx_unobs_or_zero_occ_residues.occupancy_flag 
_pdbx_unobs_or_zero_occ_residues.auth_asym_id 
_pdbx_unobs_or_zero_occ_residues.auth_comp_id 
_pdbx_unobs_or_zero_occ_residues.auth_seq_id 
_pdbx_unobs_or_zero_occ_residues.PDB_ins_code 
_pdbx_unobs_or_zero_occ_residues.label_asym_id 
_pdbx_unobs_or_zero_occ_residues.label_comp_id 
_pdbx_unobs_or_zero_occ_residues.label_seq_id 
1 1 Y 1 A GLY 12  ? A GLY 1  
2 1 Y 1 A PRO 13  ? A PRO 2  
3 1 Y 1 A LEU 14  ? A LEU 3  
4 1 Y 1 A GLY 15  ? A GLY 4  
5 1 Y 1 A SER 16  ? A SER 5  
6 1 Y 1 A VAL 109 ? A VAL 98 
# 
loop_
_chem_comp_atom.comp_id 
_chem_comp_atom.atom_id 
_chem_comp_atom.type_symbol 
_chem_comp_atom.pdbx_aromatic_flag 
_chem_comp_atom.pdbx_stereo_config 
_chem_comp_atom.pdbx_ordinal 
ALA N    N  N N 1   
ALA CA   C  N S 2   
ALA C    C  N N 3   
ALA O    O  N N 4   
ALA CB   C  N N 5   
ALA OXT  O  N N 6   
ALA H    H  N N 7   
ALA H2   H  N N 8   
ALA HA   H  N N 9   
ALA HB1  H  N N 10  
ALA HB2  H  N N 11  
ALA HB3  H  N N 12  
ALA HXT  H  N N 13  
ARG N    N  N N 14  
ARG CA   C  N S 15  
ARG C    C  N N 16  
ARG O    O  N N 17  
ARG CB   C  N N 18  
ARG CG   C  N N 19  
ARG CD   C  N N 20  
ARG NE   N  N N 21  
ARG CZ   C  N N 22  
ARG NH1  N  N N 23  
ARG NH2  N  N N 24  
ARG OXT  O  N N 25  
ARG H    H  N N 26  
ARG H2   H  N N 27  
ARG HA   H  N N 28  
ARG HB2  H  N N 29  
ARG HB3  H  N N 30  
ARG HG2  H  N N 31  
ARG HG3  H  N N 32  
ARG HD2  H  N N 33  
ARG HD3  H  N N 34  
ARG HE   H  N N 35  
ARG HH11 H  N N 36  
ARG HH12 H  N N 37  
ARG HH21 H  N N 38  
ARG HH22 H  N N 39  
ARG HXT  H  N N 40  
ASN N    N  N N 41  
ASN CA   C  N S 42  
ASN C    C  N N 43  
ASN O    O  N N 44  
ASN CB   C  N N 45  
ASN CG   C  N N 46  
ASN OD1  O  N N 47  
ASN ND2  N  N N 48  
ASN OXT  O  N N 49  
ASN H    H  N N 50  
ASN H2   H  N N 51  
ASN HA   H  N N 52  
ASN HB2  H  N N 53  
ASN HB3  H  N N 54  
ASN HD21 H  N N 55  
ASN HD22 H  N N 56  
ASN HXT  H  N N 57  
ASP N    N  N N 58  
ASP CA   C  N S 59  
ASP C    C  N N 60  
ASP O    O  N N 61  
ASP CB   C  N N 62  
ASP CG   C  N N 63  
ASP OD1  O  N N 64  
ASP OD2  O  N N 65  
ASP OXT  O  N N 66  
ASP H    H  N N 67  
ASP H2   H  N N 68  
ASP HA   H  N N 69  
ASP HB2  H  N N 70  
ASP HB3  H  N N 71  
ASP HD2  H  N N 72  
ASP HXT  H  N N 73  
CYS N    N  N N 74  
CYS CA   C  N R 75  
CYS C    C  N N 76  
CYS O    O  N N 77  
CYS CB   C  N N 78  
CYS SG   S  N N 79  
CYS OXT  O  N N 80  
CYS H    H  N N 81  
CYS H2   H  N N 82  
CYS HA   H  N N 83  
CYS HB2  H  N N 84  
CYS HB3  H  N N 85  
CYS HG   H  N N 86  
CYS HXT  H  N N 87  
GLN N    N  N N 88  
GLN CA   C  N S 89  
GLN C    C  N N 90  
GLN O    O  N N 91  
GLN CB   C  N N 92  
GLN CG   C  N N 93  
GLN CD   C  N N 94  
GLN OE1  O  N N 95  
GLN NE2  N  N N 96  
GLN OXT  O  N N 97  
GLN H    H  N N 98  
GLN H2   H  N N 99  
GLN HA   H  N N 100 
GLN HB2  H  N N 101 
GLN HB3  H  N N 102 
GLN HG2  H  N N 103 
GLN HG3  H  N N 104 
GLN HE21 H  N N 105 
GLN HE22 H  N N 106 
GLN HXT  H  N N 107 
GLU N    N  N N 108 
GLU CA   C  N S 109 
GLU C    C  N N 110 
GLU O    O  N N 111 
GLU CB   C  N N 112 
GLU CG   C  N N 113 
GLU CD   C  N N 114 
GLU OE1  O  N N 115 
GLU OE2  O  N N 116 
GLU OXT  O  N N 117 
GLU H    H  N N 118 
GLU H2   H  N N 119 
GLU HA   H  N N 120 
GLU HB2  H  N N 121 
GLU HB3  H  N N 122 
GLU HG2  H  N N 123 
GLU HG3  H  N N 124 
GLU HE2  H  N N 125 
GLU HXT  H  N N 126 
GLY N    N  N N 127 
GLY CA   C  N N 128 
GLY C    C  N N 129 
GLY O    O  N N 130 
GLY OXT  O  N N 131 
GLY H    H  N N 132 
GLY H2   H  N N 133 
GLY HA2  H  N N 134 
GLY HA3  H  N N 135 
GLY HXT  H  N N 136 
HIS N    N  N N 137 
HIS CA   C  N S 138 
HIS C    C  N N 139 
HIS O    O  N N 140 
HIS CB   C  N N 141 
HIS CG   C  Y N 142 
HIS ND1  N  Y N 143 
HIS CD2  C  Y N 144 
HIS CE1  C  Y N 145 
HIS NE2  N  Y N 146 
HIS OXT  O  N N 147 
HIS H    H  N N 148 
HIS H2   H  N N 149 
HIS HA   H  N N 150 
HIS HB2  H  N N 151 
HIS HB3  H  N N 152 
HIS HD1  H  N N 153 
HIS HD2  H  N N 154 
HIS HE1  H  N N 155 
HIS HE2  H  N N 156 
HIS HXT  H  N N 157 
HOH O    O  N N 158 
HOH H1   H  N N 159 
HOH H2   H  N N 160 
ILE N    N  N N 161 
ILE CA   C  N S 162 
ILE C    C  N N 163 
ILE O    O  N N 164 
ILE CB   C  N S 165 
ILE CG1  C  N N 166 
ILE CG2  C  N N 167 
ILE CD1  C  N N 168 
ILE OXT  O  N N 169 
ILE H    H  N N 170 
ILE H2   H  N N 171 
ILE HA   H  N N 172 
ILE HB   H  N N 173 
ILE HG12 H  N N 174 
ILE HG13 H  N N 175 
ILE HG21 H  N N 176 
ILE HG22 H  N N 177 
ILE HG23 H  N N 178 
ILE HD11 H  N N 179 
ILE HD12 H  N N 180 
ILE HD13 H  N N 181 
ILE HXT  H  N N 182 
LEU N    N  N N 183 
LEU CA   C  N S 184 
LEU C    C  N N 185 
LEU O    O  N N 186 
LEU CB   C  N N 187 
LEU CG   C  N N 188 
LEU CD1  C  N N 189 
LEU CD2  C  N N 190 
LEU OXT  O  N N 191 
LEU H    H  N N 192 
LEU H2   H  N N 193 
LEU HA   H  N N 194 
LEU HB2  H  N N 195 
LEU HB3  H  N N 196 
LEU HG   H  N N 197 
LEU HD11 H  N N 198 
LEU HD12 H  N N 199 
LEU HD13 H  N N 200 
LEU HD21 H  N N 201 
LEU HD22 H  N N 202 
LEU HD23 H  N N 203 
LEU HXT  H  N N 204 
LYS N    N  N N 205 
LYS CA   C  N S 206 
LYS C    C  N N 207 
LYS O    O  N N 208 
LYS CB   C  N N 209 
LYS CG   C  N N 210 
LYS CD   C  N N 211 
LYS CE   C  N N 212 
LYS NZ   N  N N 213 
LYS OXT  O  N N 214 
LYS H    H  N N 215 
LYS H2   H  N N 216 
LYS HA   H  N N 217 
LYS HB2  H  N N 218 
LYS HB3  H  N N 219 
LYS HG2  H  N N 220 
LYS HG3  H  N N 221 
LYS HD2  H  N N 222 
LYS HD3  H  N N 223 
LYS HE2  H  N N 224 
LYS HE3  H  N N 225 
LYS HZ1  H  N N 226 
LYS HZ2  H  N N 227 
LYS HZ3  H  N N 228 
LYS HXT  H  N N 229 
MET N    N  N N 230 
MET CA   C  N S 231 
MET C    C  N N 232 
MET O    O  N N 233 
MET CB   C  N N 234 
MET CG   C  N N 235 
MET SD   S  N N 236 
MET CE   C  N N 237 
MET OXT  O  N N 238 
MET H    H  N N 239 
MET H2   H  N N 240 
MET HA   H  N N 241 
MET HB2  H  N N 242 
MET HB3  H  N N 243 
MET HG2  H  N N 244 
MET HG3  H  N N 245 
MET HE1  H  N N 246 
MET HE2  H  N N 247 
MET HE3  H  N N 248 
MET HXT  H  N N 249 
PHE N    N  N N 250 
PHE CA   C  N S 251 
PHE C    C  N N 252 
PHE O    O  N N 253 
PHE CB   C  N N 254 
PHE CG   C  Y N 255 
PHE CD1  C  Y N 256 
PHE CD2  C  Y N 257 
PHE CE1  C  Y N 258 
PHE CE2  C  Y N 259 
PHE CZ   C  Y N 260 
PHE OXT  O  N N 261 
PHE H    H  N N 262 
PHE H2   H  N N 263 
PHE HA   H  N N 264 
PHE HB2  H  N N 265 
PHE HB3  H  N N 266 
PHE HD1  H  N N 267 
PHE HD2  H  N N 268 
PHE HE1  H  N N 269 
PHE HE2  H  N N 270 
PHE HZ   H  N N 271 
PHE HXT  H  N N 272 
PRO N    N  N N 273 
PRO CA   C  N S 274 
PRO C    C  N N 275 
PRO O    O  N N 276 
PRO CB   C  N N 277 
PRO CG   C  N N 278 
PRO CD   C  N N 279 
PRO OXT  O  N N 280 
PRO H    H  N N 281 
PRO HA   H  N N 282 
PRO HB2  H  N N 283 
PRO HB3  H  N N 284 
PRO HG2  H  N N 285 
PRO HG3  H  N N 286 
PRO HD2  H  N N 287 
PRO HD3  H  N N 288 
PRO HXT  H  N N 289 
SER N    N  N N 290 
SER CA   C  N S 291 
SER C    C  N N 292 
SER O    O  N N 293 
SER CB   C  N N 294 
SER OG   O  N N 295 
SER OXT  O  N N 296 
SER H    H  N N 297 
SER H2   H  N N 298 
SER HA   H  N N 299 
SER HB2  H  N N 300 
SER HB3  H  N N 301 
SER HG   H  N N 302 
SER HXT  H  N N 303 
SO4 S    S  N N 304 
SO4 O1   O  N N 305 
SO4 O2   O  N N 306 
SO4 O3   O  N N 307 
SO4 O4   O  N N 308 
THR N    N  N N 309 
THR CA   C  N S 310 
THR C    C  N N 311 
THR O    O  N N 312 
THR CB   C  N R 313 
THR OG1  O  N N 314 
THR CG2  C  N N 315 
THR OXT  O  N N 316 
THR H    H  N N 317 
THR H2   H  N N 318 
THR HA   H  N N 319 
THR HB   H  N N 320 
THR HG1  H  N N 321 
THR HG21 H  N N 322 
THR HG22 H  N N 323 
THR HG23 H  N N 324 
THR HXT  H  N N 325 
TUZ C1   C  N N 326 
TUZ C2   C  N N 327 
TUZ C3   C  N N 328 
TUZ C5   C  Y N 329 
TUZ C6   C  Y N 330 
TUZ C7   C  Y N 331 
TUZ C8   C  N N 332 
TUZ O9   O  N N 333 
TUZ C11  C  N N 334 
TUZ C12  C  Y N 335 
TUZ C13  C  Y N 336 
TUZ C14  C  Y N 337 
TUZ C15  C  Y N 338 
TUZ N18  N  Y N 339 
TUZ C19  C  N R 340 
TUZ C21  C  N N 341 
TUZ C22  C  N N 342 
TUZ C23  C  N N 343 
TUZ C24  C  N N 344 
TUZ C25  C  N N 345 
TUZ C28  C  Y N 346 
TUZ C31  C  Y N 347 
TUZ C35  C  Y N 348 
TUZ C37  C  Y N 349 
TUZ C38  C  Y N 350 
TUZ O4   O  N N 351 
TUZ N10  N  N N 352 
TUZ CL1  CL N N 353 
TUZ C17  C  Y N 354 
TUZ O20  O  N N 355 
TUZ O26  O  N N 356 
TUZ N27  N  N N 357 
TUZ C29  C  Y N 358 
TUZ F30  F  N N 359 
TUZ C32  C  Y N 360 
TUZ C33  C  Y N 361 
TUZ C34  C  Y N 362 
TUZ CL2  CL N N 363 
TUZ H40  H  N N 364 
TUZ H39  H  N N 365 
TUZ H41  H  N N 366 
TUZ H44  H  N N 367 
TUZ H43  H  N N 368 
TUZ H42  H  N N 369 
TUZ H46  H  N N 370 
TUZ H47  H  N N 371 
TUZ H48  H  N N 372 
TUZ H49  H  N N 373 
TUZ H50  H  N N 374 
TUZ H53  H  N N 375 
TUZ H52  H  N N 376 
TUZ H55  H  N N 377 
TUZ H54  H  N N 378 
TUZ H56  H  N N 379 
TUZ H57  H  N N 380 
TUZ H60  H  N N 381 
TUZ H63  H  N N 382 
TUZ H64  H  N N 383 
TUZ H45  H  N N 384 
TUZ H51  H  N N 385 
TUZ H58  H  N N 386 
TUZ H59  H  N N 387 
TUZ H61  H  N N 388 
TUZ H62  H  N N 389 
TYR N    N  N N 390 
TYR CA   C  N S 391 
TYR C    C  N N 392 
TYR O    O  N N 393 
TYR CB   C  N N 394 
TYR CG   C  Y N 395 
TYR CD1  C  Y N 396 
TYR CD2  C  Y N 397 
TYR CE1  C  Y N 398 
TYR CE2  C  Y N 399 
TYR CZ   C  Y N 400 
TYR OH   O  N N 401 
TYR OXT  O  N N 402 
TYR H    H  N N 403 
TYR H2   H  N N 404 
TYR HA   H  N N 405 
TYR HB2  H  N N 406 
TYR HB3  H  N N 407 
TYR HD1  H  N N 408 
TYR HD2  H  N N 409 
TYR HE1  H  N N 410 
TYR HE2  H  N N 411 
TYR HH   H  N N 412 
TYR HXT  H  N N 413 
VAL N    N  N N 414 
VAL CA   C  N S 415 
VAL C    C  N N 416 
VAL O    O  N N 417 
VAL CB   C  N N 418 
VAL CG1  C  N N 419 
VAL CG2  C  N N 420 
VAL OXT  O  N N 421 
VAL H    H  N N 422 
VAL H2   H  N N 423 
VAL HA   H  N N 424 
VAL HB   H  N N 425 
VAL HG11 H  N N 426 
VAL HG12 H  N N 427 
VAL HG13 H  N N 428 
VAL HG21 H  N N 429 
VAL HG22 H  N N 430 
VAL HG23 H  N N 431 
VAL HXT  H  N N 432 
# 
loop_
_chem_comp_bond.comp_id 
_chem_comp_bond.atom_id_1 
_chem_comp_bond.atom_id_2 
_chem_comp_bond.value_order 
_chem_comp_bond.pdbx_aromatic_flag 
_chem_comp_bond.pdbx_stereo_config 
_chem_comp_bond.pdbx_ordinal 
ALA N   CA   sing N N 1   
ALA N   H    sing N N 2   
ALA N   H2   sing N N 3   
ALA CA  C    sing N N 4   
ALA CA  CB   sing N N 5   
ALA CA  HA   sing N N 6   
ALA C   O    doub N N 7   
ALA C   OXT  sing N N 8   
ALA CB  HB1  sing N N 9   
ALA CB  HB2  sing N N 10  
ALA CB  HB3  sing N N 11  
ALA OXT HXT  sing N N 12  
ARG N   CA   sing N N 13  
ARG N   H    sing N N 14  
ARG N   H2   sing N N 15  
ARG CA  C    sing N N 16  
ARG CA  CB   sing N N 17  
ARG CA  HA   sing N N 18  
ARG C   O    doub N N 19  
ARG C   OXT  sing N N 20  
ARG CB  CG   sing N N 21  
ARG CB  HB2  sing N N 22  
ARG CB  HB3  sing N N 23  
ARG CG  CD   sing N N 24  
ARG CG  HG2  sing N N 25  
ARG CG  HG3  sing N N 26  
ARG CD  NE   sing N N 27  
ARG CD  HD2  sing N N 28  
ARG CD  HD3  sing N N 29  
ARG NE  CZ   sing N N 30  
ARG NE  HE   sing N N 31  
ARG CZ  NH1  sing N N 32  
ARG CZ  NH2  doub N N 33  
ARG NH1 HH11 sing N N 34  
ARG NH1 HH12 sing N N 35  
ARG NH2 HH21 sing N N 36  
ARG NH2 HH22 sing N N 37  
ARG OXT HXT  sing N N 38  
ASN N   CA   sing N N 39  
ASN N   H    sing N N 40  
ASN N   H2   sing N N 41  
ASN CA  C    sing N N 42  
ASN CA  CB   sing N N 43  
ASN CA  HA   sing N N 44  
ASN C   O    doub N N 45  
ASN C   OXT  sing N N 46  
ASN CB  CG   sing N N 47  
ASN CB  HB2  sing N N 48  
ASN CB  HB3  sing N N 49  
ASN CG  OD1  doub N N 50  
ASN CG  ND2  sing N N 51  
ASN ND2 HD21 sing N N 52  
ASN ND2 HD22 sing N N 53  
ASN OXT HXT  sing N N 54  
ASP N   CA   sing N N 55  
ASP N   H    sing N N 56  
ASP N   H2   sing N N 57  
ASP CA  C    sing N N 58  
ASP CA  CB   sing N N 59  
ASP CA  HA   sing N N 60  
ASP C   O    doub N N 61  
ASP C   OXT  sing N N 62  
ASP CB  CG   sing N N 63  
ASP CB  HB2  sing N N 64  
ASP CB  HB3  sing N N 65  
ASP CG  OD1  doub N N 66  
ASP CG  OD2  sing N N 67  
ASP OD2 HD2  sing N N 68  
ASP OXT HXT  sing N N 69  
CYS N   CA   sing N N 70  
CYS N   H    sing N N 71  
CYS N   H2   sing N N 72  
CYS CA  C    sing N N 73  
CYS CA  CB   sing N N 74  
CYS CA  HA   sing N N 75  
CYS C   O    doub N N 76  
CYS C   OXT  sing N N 77  
CYS CB  SG   sing N N 78  
CYS CB  HB2  sing N N 79  
CYS CB  HB3  sing N N 80  
CYS SG  HG   sing N N 81  
CYS OXT HXT  sing N N 82  
GLN N   CA   sing N N 83  
GLN N   H    sing N N 84  
GLN N   H2   sing N N 85  
GLN CA  C    sing N N 86  
GLN CA  CB   sing N N 87  
GLN CA  HA   sing N N 88  
GLN C   O    doub N N 89  
GLN C   OXT  sing N N 90  
GLN CB  CG   sing N N 91  
GLN CB  HB2  sing N N 92  
GLN CB  HB3  sing N N 93  
GLN CG  CD   sing N N 94  
GLN CG  HG2  sing N N 95  
GLN CG  HG3  sing N N 96  
GLN CD  OE1  doub N N 97  
GLN CD  NE2  sing N N 98  
GLN NE2 HE21 sing N N 99  
GLN NE2 HE22 sing N N 100 
GLN OXT HXT  sing N N 101 
GLU N   CA   sing N N 102 
GLU N   H    sing N N 103 
GLU N   H2   sing N N 104 
GLU CA  C    sing N N 105 
GLU CA  CB   sing N N 106 
GLU CA  HA   sing N N 107 
GLU C   O    doub N N 108 
GLU C   OXT  sing N N 109 
GLU CB  CG   sing N N 110 
GLU CB  HB2  sing N N 111 
GLU CB  HB3  sing N N 112 
GLU CG  CD   sing N N 113 
GLU CG  HG2  sing N N 114 
GLU CG  HG3  sing N N 115 
GLU CD  OE1  doub N N 116 
GLU CD  OE2  sing N N 117 
GLU OE2 HE2  sing N N 118 
GLU OXT HXT  sing N N 119 
GLY N   CA   sing N N 120 
GLY N   H    sing N N 121 
GLY N   H2   sing N N 122 
GLY CA  C    sing N N 123 
GLY CA  HA2  sing N N 124 
GLY CA  HA3  sing N N 125 
GLY C   O    doub N N 126 
GLY C   OXT  sing N N 127 
GLY OXT HXT  sing N N 128 
HIS N   CA   sing N N 129 
HIS N   H    sing N N 130 
HIS N   H2   sing N N 131 
HIS CA  C    sing N N 132 
HIS CA  CB   sing N N 133 
HIS CA  HA   sing N N 134 
HIS C   O    doub N N 135 
HIS C   OXT  sing N N 136 
HIS CB  CG   sing N N 137 
HIS CB  HB2  sing N N 138 
HIS CB  HB3  sing N N 139 
HIS CG  ND1  sing Y N 140 
HIS CG  CD2  doub Y N 141 
HIS ND1 CE1  doub Y N 142 
HIS ND1 HD1  sing N N 143 
HIS CD2 NE2  sing Y N 144 
HIS CD2 HD2  sing N N 145 
HIS CE1 NE2  sing Y N 146 
HIS CE1 HE1  sing N N 147 
HIS NE2 HE2  sing N N 148 
HIS OXT HXT  sing N N 149 
HOH O   H1   sing N N 150 
HOH O   H2   sing N N 151 
ILE N   CA   sing N N 152 
ILE N   H    sing N N 153 
ILE N   H2   sing N N 154 
ILE CA  C    sing N N 155 
ILE CA  CB   sing N N 156 
ILE CA  HA   sing N N 157 
ILE C   O    doub N N 158 
ILE C   OXT  sing N N 159 
ILE CB  CG1  sing N N 160 
ILE CB  CG2  sing N N 161 
ILE CB  HB   sing N N 162 
ILE CG1 CD1  sing N N 163 
ILE CG1 HG12 sing N N 164 
ILE CG1 HG13 sing N N 165 
ILE CG2 HG21 sing N N 166 
ILE CG2 HG22 sing N N 167 
ILE CG2 HG23 sing N N 168 
ILE CD1 HD11 sing N N 169 
ILE CD1 HD12 sing N N 170 
ILE CD1 HD13 sing N N 171 
ILE OXT HXT  sing N N 172 
LEU N   CA   sing N N 173 
LEU N   H    sing N N 174 
LEU N   H2   sing N N 175 
LEU CA  C    sing N N 176 
LEU CA  CB   sing N N 177 
LEU CA  HA   sing N N 178 
LEU C   O    doub N N 179 
LEU C   OXT  sing N N 180 
LEU CB  CG   sing N N 181 
LEU CB  HB2  sing N N 182 
LEU CB  HB3  sing N N 183 
LEU CG  CD1  sing N N 184 
LEU CG  CD2  sing N N 185 
LEU CG  HG   sing N N 186 
LEU CD1 HD11 sing N N 187 
LEU CD1 HD12 sing N N 188 
LEU CD1 HD13 sing N N 189 
LEU CD2 HD21 sing N N 190 
LEU CD2 HD22 sing N N 191 
LEU CD2 HD23 sing N N 192 
LEU OXT HXT  sing N N 193 
LYS N   CA   sing N N 194 
LYS N   H    sing N N 195 
LYS N   H2   sing N N 196 
LYS CA  C    sing N N 197 
LYS CA  CB   sing N N 198 
LYS CA  HA   sing N N 199 
LYS C   O    doub N N 200 
LYS C   OXT  sing N N 201 
LYS CB  CG   sing N N 202 
LYS CB  HB2  sing N N 203 
LYS CB  HB3  sing N N 204 
LYS CG  CD   sing N N 205 
LYS CG  HG2  sing N N 206 
LYS CG  HG3  sing N N 207 
LYS CD  CE   sing N N 208 
LYS CD  HD2  sing N N 209 
LYS CD  HD3  sing N N 210 
LYS CE  NZ   sing N N 211 
LYS CE  HE2  sing N N 212 
LYS CE  HE3  sing N N 213 
LYS NZ  HZ1  sing N N 214 
LYS NZ  HZ2  sing N N 215 
LYS NZ  HZ3  sing N N 216 
LYS OXT HXT  sing N N 217 
MET N   CA   sing N N 218 
MET N   H    sing N N 219 
MET N   H2   sing N N 220 
MET CA  C    sing N N 221 
MET CA  CB   sing N N 222 
MET CA  HA   sing N N 223 
MET C   O    doub N N 224 
MET C   OXT  sing N N 225 
MET CB  CG   sing N N 226 
MET CB  HB2  sing N N 227 
MET CB  HB3  sing N N 228 
MET CG  SD   sing N N 229 
MET CG  HG2  sing N N 230 
MET CG  HG3  sing N N 231 
MET SD  CE   sing N N 232 
MET CE  HE1  sing N N 233 
MET CE  HE2  sing N N 234 
MET CE  HE3  sing N N 235 
MET OXT HXT  sing N N 236 
PHE N   CA   sing N N 237 
PHE N   H    sing N N 238 
PHE N   H2   sing N N 239 
PHE CA  C    sing N N 240 
PHE CA  CB   sing N N 241 
PHE CA  HA   sing N N 242 
PHE C   O    doub N N 243 
PHE C   OXT  sing N N 244 
PHE CB  CG   sing N N 245 
PHE CB  HB2  sing N N 246 
PHE CB  HB3  sing N N 247 
PHE CG  CD1  doub Y N 248 
PHE CG  CD2  sing Y N 249 
PHE CD1 CE1  sing Y N 250 
PHE CD1 HD1  sing N N 251 
PHE CD2 CE2  doub Y N 252 
PHE CD2 HD2  sing N N 253 
PHE CE1 CZ   doub Y N 254 
PHE CE1 HE1  sing N N 255 
PHE CE2 CZ   sing Y N 256 
PHE CE2 HE2  sing N N 257 
PHE CZ  HZ   sing N N 258 
PHE OXT HXT  sing N N 259 
PRO N   CA   sing N N 260 
PRO N   CD   sing N N 261 
PRO N   H    sing N N 262 
PRO CA  C    sing N N 263 
PRO CA  CB   sing N N 264 
PRO CA  HA   sing N N 265 
PRO C   O    doub N N 266 
PRO C   OXT  sing N N 267 
PRO CB  CG   sing N N 268 
PRO CB  HB2  sing N N 269 
PRO CB  HB3  sing N N 270 
PRO CG  CD   sing N N 271 
PRO CG  HG2  sing N N 272 
PRO CG  HG3  sing N N 273 
PRO CD  HD2  sing N N 274 
PRO CD  HD3  sing N N 275 
PRO OXT HXT  sing N N 276 
SER N   CA   sing N N 277 
SER N   H    sing N N 278 
SER N   H2   sing N N 279 
SER CA  C    sing N N 280 
SER CA  CB   sing N N 281 
SER CA  HA   sing N N 282 
SER C   O    doub N N 283 
SER C   OXT  sing N N 284 
SER CB  OG   sing N N 285 
SER CB  HB2  sing N N 286 
SER CB  HB3  sing N N 287 
SER OG  HG   sing N N 288 
SER OXT HXT  sing N N 289 
SO4 S   O1   doub N N 290 
SO4 S   O2   doub N N 291 
SO4 S   O3   sing N N 292 
SO4 S   O4   sing N N 293 
THR N   CA   sing N N 294 
THR N   H    sing N N 295 
THR N   H2   sing N N 296 
THR CA  C    sing N N 297 
THR CA  CB   sing N N 298 
THR CA  HA   sing N N 299 
THR C   O    doub N N 300 
THR C   OXT  sing N N 301 
THR CB  OG1  sing N N 302 
THR CB  CG2  sing N N 303 
THR CB  HB   sing N N 304 
THR OG1 HG1  sing N N 305 
THR CG2 HG21 sing N N 306 
THR CG2 HG22 sing N N 307 
THR CG2 HG23 sing N N 308 
THR OXT HXT  sing N N 309 
TUZ CL2 C35  sing N N 310 
TUZ C35 C37  doub Y N 311 
TUZ C35 C34  sing Y N 312 
TUZ C37 C38  sing Y N 313 
TUZ C1  C2   sing N N 314 
TUZ C34 C33  doub Y N 315 
TUZ C38 C32  doub Y N 316 
TUZ CL1 C15  sing N N 317 
TUZ F30 C29  sing N N 318 
TUZ C31 C29  doub Y N 319 
TUZ C31 C5   sing Y N 320 
TUZ C33 C32  sing Y N 321 
TUZ C2  C5   sing N N 322 
TUZ C2  O4   sing N N 323 
TUZ C2  C3   sing N N 324 
TUZ C14 C15  doub Y N 325 
TUZ C14 C13  sing Y N 326 
TUZ C32 C19  sing N N 327 
TUZ C15 C17  sing Y N 328 
TUZ C29 C28  sing Y N 329 
TUZ C5  C6   doub Y N 330 
TUZ C13 C12  doub Y N 331 
TUZ C28 C7   doub Y N 332 
TUZ C28 C19  sing N N 333 
TUZ C6  C7   sing Y N 334 
TUZ C17 N18  doub Y N 335 
TUZ C7  C8   sing N N 336 
TUZ C19 N10  sing N N 337 
TUZ C19 O20  sing N N 338 
TUZ C12 N18  sing Y N 339 
TUZ C12 C11  sing N N 340 
TUZ C8  N10  sing N N 341 
TUZ C8  O9   doub N N 342 
TUZ N10 C11  sing N N 343 
TUZ O20 C21  sing N N 344 
TUZ C23 C22  sing N N 345 
TUZ C23 C24  sing N N 346 
TUZ C21 C22  sing N N 347 
TUZ C22 C25  sing N N 348 
TUZ C22 C24  sing N N 349 
TUZ N27 C25  sing N N 350 
TUZ C25 O26  doub N N 351 
TUZ C1  H40  sing N N 352 
TUZ C1  H39  sing N N 353 
TUZ C1  H41  sing N N 354 
TUZ C3  H44  sing N N 355 
TUZ C3  H43  sing N N 356 
TUZ C3  H42  sing N N 357 
TUZ C6  H46  sing N N 358 
TUZ C11 H47  sing N N 359 
TUZ C11 H48  sing N N 360 
TUZ C13 H49  sing N N 361 
TUZ C14 H50  sing N N 362 
TUZ C21 H53  sing N N 363 
TUZ C21 H52  sing N N 364 
TUZ C23 H55  sing N N 365 
TUZ C23 H54  sing N N 366 
TUZ C24 H56  sing N N 367 
TUZ C24 H57  sing N N 368 
TUZ C31 H60  sing N N 369 
TUZ C37 H63  sing N N 370 
TUZ C38 H64  sing N N 371 
TUZ O4  H45  sing N N 372 
TUZ C17 H51  sing N N 373 
TUZ N27 H58  sing N N 374 
TUZ N27 H59  sing N N 375 
TUZ C33 H61  sing N N 376 
TUZ C34 H62  sing N N 377 
TYR N   CA   sing N N 378 
TYR N   H    sing N N 379 
TYR N   H2   sing N N 380 
TYR CA  C    sing N N 381 
TYR CA  CB   sing N N 382 
TYR CA  HA   sing N N 383 
TYR C   O    doub N N 384 
TYR C   OXT  sing N N 385 
TYR CB  CG   sing N N 386 
TYR CB  HB2  sing N N 387 
TYR CB  HB3  sing N N 388 
TYR CG  CD1  doub Y N 389 
TYR CG  CD2  sing Y N 390 
TYR CD1 CE1  sing Y N 391 
TYR CD1 HD1  sing N N 392 
TYR CD2 CE2  doub Y N 393 
TYR CD2 HD2  sing N N 394 
TYR CE1 CZ   doub Y N 395 
TYR CE1 HE1  sing N N 396 
TYR CE2 CZ   sing Y N 397 
TYR CE2 HE2  sing N N 398 
TYR CZ  OH   sing N N 399 
TYR OH  HH   sing N N 400 
TYR OXT HXT  sing N N 401 
VAL N   CA   sing N N 402 
VAL N   H    sing N N 403 
VAL N   H2   sing N N 404 
VAL CA  C    sing N N 405 
VAL CA  CB   sing N N 406 
VAL CA  HA   sing N N 407 
VAL C   O    doub N N 408 
VAL C   OXT  sing N N 409 
VAL CB  CG1  sing N N 410 
VAL CB  CG2  sing N N 411 
VAL CB  HB   sing N N 412 
VAL CG1 HG11 sing N N 413 
VAL CG1 HG12 sing N N 414 
VAL CG1 HG13 sing N N 415 
VAL CG2 HG21 sing N N 416 
VAL CG2 HG22 sing N N 417 
VAL CG2 HG23 sing N N 418 
VAL OXT HXT  sing N N 419 
# 
_pdbx_entity_instance_feature.ordinal        1 
_pdbx_entity_instance_feature.comp_id        TUZ 
_pdbx_entity_instance_feature.asym_id        ? 
_pdbx_entity_instance_feature.seq_num        ? 
_pdbx_entity_instance_feature.auth_comp_id   TUZ 
_pdbx_entity_instance_feature.auth_asym_id   ? 
_pdbx_entity_instance_feature.auth_seq_num   ? 
_pdbx_entity_instance_feature.feature_type   'SUBJECT OF INVESTIGATION' 
_pdbx_entity_instance_feature.details        ? 
# 
_atom_sites.entry_id                    7BIR 
_atom_sites.Cartn_transf_matrix[1][1]   ? 
_atom_sites.Cartn_transf_matrix[1][2]   ? 
_atom_sites.Cartn_transf_matrix[1][3]   ? 
_atom_sites.Cartn_transf_matrix[2][1]   ? 
_atom_sites.Cartn_transf_matrix[2][2]   ? 
_atom_sites.Cartn_transf_matrix[2][3]   ? 
_atom_sites.Cartn_transf_matrix[3][1]   ? 
_atom_sites.Cartn_transf_matrix[3][2]   ? 
_atom_sites.Cartn_transf_matrix[3][3]   ? 
_atom_sites.Cartn_transf_vector[1]      ? 
_atom_sites.Cartn_transf_vector[2]      ? 
_atom_sites.Cartn_transf_vector[3]      ? 
_atom_sites.fract_transf_matrix[1][1]   -0.00005173 
_atom_sites.fract_transf_matrix[1][2]   -0.00015977 
_atom_sites.fract_transf_matrix[1][3]   0.01615779 
_atom_sites.fract_transf_matrix[2][1]   0.00131414 
_atom_sites.fract_transf_matrix[2][2]   -0.01400924 
_atom_sites.fract_transf_matrix[2][3]   0.00794529 
_atom_sites.fract_transf_matrix[3][1]   0.00983555 
_atom_sites.fract_transf_matrix[3][2]   0.00094579 
_atom_sites.fract_transf_matrix[3][3]   0.00004084 
_atom_sites.fract_transf_vector[1]      0.387763 
_atom_sites.fract_transf_vector[2]      0.228024 
_atom_sites.fract_transf_vector[3]      0.074253 
_atom_sites.solution_primary            ? 
_atom_sites.solution_secondary          ? 
_atom_sites.solution_hydrogens          ? 
_atom_sites.special_details             ? 
# 
loop_
_atom_type.symbol 
C  
CL 
F  
H  
N  
O  
S  
# 
loop_
_atom_site.group_PDB 
_atom_site.id 
_atom_site.type_symbol 
_atom_site.label_atom_id 
_atom_site.label_alt_id 
_atom_site.label_comp_id 
_atom_site.label_asym_id 
_atom_site.label_entity_id 
_atom_site.label_seq_id 
_atom_site.pdbx_PDB_ins_code 
_atom_site.Cartn_x 
_atom_site.Cartn_y 
_atom_site.Cartn_z 
_atom_site.occupancy 
_atom_site.B_iso_or_equiv 
_atom_site.pdbx_formal_charge 
_atom_site.auth_seq_id 
_atom_site.auth_comp_id 
_atom_site.auth_asym_id 
_atom_site.auth_atom_id 
_atom_site.pdbx_PDB_model_num 
ATOM   1   N  N   . SER A 1 6  ? 10.484  4.485   11.966  1.00 76.75  ? 17  SER A N   1 
ATOM   2   C  CA  . SER A 1 6  ? 10.467  5.178   13.260  1.00 76.14  ? 17  SER A CA  1 
ATOM   3   C  C   . SER A 1 6  ? 9.034   5.256   13.805  1.00 73.10  ? 17  SER A C   1 
ATOM   4   O  O   . SER A 1 6  ? 8.834   5.134   15.018  1.00 74.17  ? 17  SER A O   1 
ATOM   5   C  CB  . SER A 1 6  ? 11.062  6.581   13.138  1.00 81.82  ? 17  SER A CB  1 
ATOM   6   O  OG  . SER A 1 6  ? 10.311  7.383   12.235  1.00 94.99  ? 17  SER A OG  1 
ATOM   7   N  N   . GLN A 1 7  ? 8.045   5.473   12.919  1.00 60.85  ? 18  GLN A N   1 
ATOM   8   C  CA  . GLN A 1 7  ? 6.642   5.290   13.278  1.00 57.54  ? 18  GLN A CA  1 
ATOM   9   C  C   . GLN A 1 7  ? 6.312   3.798   13.476  1.00 57.14  ? 18  GLN A C   1 
ATOM   10  O  O   . GLN A 1 7  ? 5.647   3.450   14.455  1.00 56.41  ? 18  GLN A O   1 
ATOM   11  C  CB  . GLN A 1 7  ? 5.704   5.919   12.223  1.00 58.01  ? 18  GLN A CB  1 
ATOM   12  C  CG  . GLN A 1 7  ? 5.796   7.448   12.180  1.00 60.26  ? 18  GLN A CG  1 
ATOM   13  C  CD  . GLN A 1 7  ? 4.831   8.054   11.180  1.00 68.27  ? 18  GLN A CD  1 
ATOM   14  O  OE1 . GLN A 1 7  ? 3.612   7.810   11.241  1.00 51.57  ? 18  GLN A OE1 1 
ATOM   15  N  NE2 . GLN A 1 7  ? 5.349   8.865   10.234  1.00 52.84  ? 18  GLN A NE2 1 
ATOM   16  N  N   . ILE A 1 8  ? 6.763   2.927   12.545  1.00 49.64  ? 19  ILE A N   1 
ATOM   17  C  CA  . ILE A 1 8  ? 6.530   1.476   12.592  1.00 45.37  ? 19  ILE A CA  1 
ATOM   18  C  C   . ILE A 1 8  ? 7.826   0.781   13.021  1.00 48.43  ? 19  ILE A C   1 
ATOM   19  O  O   . ILE A 1 8  ? 8.854   1.038   12.407  1.00 47.35  ? 19  ILE A O   1 
ATOM   20  C  CB  . ILE A 1 8  ? 6.076   0.891   11.234  1.00 45.55  ? 19  ILE A CB  1 
ATOM   21  C  CG1 . ILE A 1 8  ? 4.864   1.662   10.656  1.00 44.02  ? 19  ILE A CG1 1 
ATOM   22  C  CG2 . ILE A 1 8  ? 5.781   -0.640  11.379  1.00 42.60  ? 19  ILE A CG2 1 
ATOM   23  C  CD1 . ILE A 1 8  ? 3.551   1.708   11.602  1.00 45.08  ? 19  ILE A CD1 1 
ATOM   24  N  N   . PRO A 1 9  ? 7.811   -0.114  14.049  1.00 44.77  ? 20  PRO A N   1 
ATOM   25  C  CA  . PRO A 1 9  ? 9.053   -0.816  14.410  1.00 44.31  ? 20  PRO A CA  1 
ATOM   26  C  C   . PRO A 1 9  ? 9.581   -1.698  13.286  1.00 47.49  ? 20  PRO A C   1 
ATOM   27  O  O   . PRO A 1 9  ? 8.792   -2.304  12.551  1.00 45.64  ? 20  PRO A O   1 
ATOM   28  C  CB  . PRO A 1 9  ? 8.660   -1.675  15.618  1.00 45.84  ? 20  PRO A CB  1 
ATOM   29  C  CG  . PRO A 1 9  ? 7.313   -1.288  15.998  1.00 48.84  ? 20  PRO A CG  1 
ATOM   30  C  CD  . PRO A 1 9  ? 6.685   -0.506  14.919  1.00 44.81  ? 20  PRO A CD  1 
ATOM   31  N  N   . ALA A 1 10 ? 10.916  -1.777  13.178  1.00 44.47  ? 21  ALA A N   1 
ATOM   32  C  CA  . ALA A 1 10 ? 11.608  -2.546  12.137  1.00 43.25  ? 21  ALA A CA  1 
ATOM   33  C  C   . ALA A 1 10 ? 11.149  -4.017  12.135  1.00 46.21  ? 21  ALA A C   1 
ATOM   34  O  O   . ALA A 1 10 ? 11.054  -4.618  11.076  1.00 47.34  ? 21  ALA A O   1 
ATOM   35  C  CB  . ALA A 1 10 ? 13.138  -2.453  12.342  1.00 43.06  ? 21  ALA A CB  1 
ATOM   36  N  N   . SER A 1 11 ? 10.863  -4.584  13.307  1.00 44.29  ? 22  SER A N   1 
ATOM   37  C  CA  . SER A 1 11 ? 10.443  -5.993  13.425  1.00 44.54  ? 22  SER A CA  1 
ATOM   38  C  C   . SER A 1 11 ? 9.110   -6.271  12.752  1.00 44.73  ? 22  SER A C   1 
ATOM   39  O  O   . SER A 1 11 ? 8.938   -7.336  12.169  1.00 42.50  ? 22  SER A O   1 
ATOM   40  C  CB  . SER A 1 11 ? 10.392  -6.444  14.881  1.00 45.63  ? 22  SER A CB  1 
ATOM   41  O  OG  . SER A 1 11 ? 9.388   -5.771  15.626  1.00 52.26  ? 22  SER A OG  1 
ATOM   42  N  N   . GLU A 1 12 ? 8.175   -5.313  12.863  1.00 39.77  ? 23  GLU A N   1 
ATOM   43  C  CA  . GLU A 1 12 ? 6.868   -5.361  12.259  1.00 39.11  ? 23  GLU A CA  1 
ATOM   44  C  C   . GLU A 1 12 ? 6.996   -5.205  10.707  1.00 40.25  ? 23  GLU A C   1 
ATOM   45  O  O   . GLU A 1 12 ? 6.347   -5.942  9.962   1.00 37.59  ? 23  GLU A O   1 
ATOM   46  C  CB  . GLU A 1 12 ? 5.969   -4.281  12.898  1.00 39.36  ? 23  GLU A CB  1 
ATOM   47  C  CG  . GLU A 1 12 ? 4.533   -4.347  12.395  1.00 41.81  ? 23  GLU A CG  1 
ATOM   48  C  CD  . GLU A 1 12 ? 3.584   -3.335  13.002  1.00 39.94  ? 23  GLU A CD  1 
ATOM   49  O  OE1 . GLU A 1 12 ? 4.007   -2.540  13.869  1.00 40.29  ? 23  GLU A OE1 1 
ATOM   50  O  OE2 . GLU A 1 12 ? 2.408   -3.322  12.586  1.00 41.88  ? 23  GLU A OE2 1 
ATOM   51  N  N   . GLN A 1 13 ? 7.837   -4.260  10.262  1.00 37.90  ? 24  GLN A N   1 
ATOM   52  C  CA  . GLN A 1 13 ? 8.171   -4.065  8.842   1.00 37.96  ? 24  GLN A CA  1 
ATOM   53  C  C   . GLN A 1 13 ? 8.799   -5.315  8.226   1.00 44.51  ? 24  GLN A C   1 
ATOM   54  O  O   . GLN A 1 13 ? 8.495   -5.654  7.092   1.00 44.57  ? 24  GLN A O   1 
ATOM   55  C  CB  . GLN A 1 13 ? 9.111   -2.876  8.632   1.00 38.63  ? 24  GLN A CB  1 
ATOM   56  C  CG  . GLN A 1 13 ? 8.638   -1.514  9.151   1.00 42.71  ? 24  GLN A CG  1 
ATOM   57  C  CD  . GLN A 1 13 ? 9.635   -0.414  8.830   1.00 53.74  ? 24  GLN A CD  1 
ATOM   58  O  OE1 . GLN A 1 13 ? 10.187  -0.351  7.750   1.00 47.95  ? 24  GLN A OE1 1 
ATOM   59  N  NE2 . GLN A 1 13 ? 9.893   0.483   9.753   1.00 53.35  ? 24  GLN A NE2 1 
ATOM   60  N  N   . GLU A 1 14 ? 9.634   -6.019  8.983   1.00 45.62  ? 25  GLU A N   1 
ATOM   61  C  CA  . GLU A 1 14 ? 10.316  -7.220  8.517   1.00 46.46  ? 25  GLU A CA  1 
ATOM   62  C  C   . GLU A 1 14 ? 9.543   -8.511  8.693   1.00 53.08  ? 25  GLU A C   1 
ATOM   63  O  O   . GLU A 1 14 ? 10.139  -9.573  8.588   1.00 56.69  ? 25  GLU A O   1 
ATOM   64  C  CB  . GLU A 1 14 ? 11.710  -7.309  9.193   1.00 47.51  ? 25  GLU A CB  1 
ATOM   65  C  CG  . GLU A 1 14 ? 12.713  -6.386  8.524   1.00 56.77  ? 25  GLU A CG  1 
ATOM   66  C  CD  . GLU A 1 14 ? 12.854  -6.626  7.025   1.00 80.99  ? 25  GLU A CD  1 
ATOM   67  O  OE1 . GLU A 1 14 ? 12.999  -7.804  6.617   1.00 77.67  ? 25  GLU A OE1 1 
ATOM   68  O  OE2 . GLU A 1 14 ? 12.804  -5.637  6.257   1.00 59.68  ? 25  GLU A OE2 1 
ATOM   69  N  N   . THR A 1 15 ? 8.238   -8.456  8.941   1.00 48.85  ? 26  THR A N   1 
ATOM   70  C  CA  . THR A 1 15 ? 7.420   -9.658  9.092   1.00 47.91  ? 26  THR A CA  1 
ATOM   71  C  C   . THR A 1 15 ? 6.819   -10.054 7.713   1.00 48.83  ? 26  THR A C   1 
ATOM   72  O  O   . THR A 1 15 ? 6.242   -9.236  7.022   1.00 45.36  ? 26  THR A O   1 
ATOM   73  C  CB  . THR A 1 15 ? 6.352   -9.428  10.190  1.00 48.91  ? 26  THR A CB  1 
ATOM   74  O  OG1 . THR A 1 15 ? 7.025   -9.322  11.450  1.00 46.67  ? 26  THR A OG1 1 
ATOM   75  C  CG2 . THR A 1 15 ? 5.285   -10.522 10.228  1.00 42.10  ? 26  THR A CG2 1 
ATOM   76  N  N   . LEU A 1 16 ? 6.970   -11.322 7.365   1.00 45.88  ? 27  LEU A N   1 
ATOM   77  C  CA  . LEU A 1 16 ? 6.388   -11.971 6.203   1.00 45.80  ? 27  LEU A CA  1 
ATOM   78  C  C   . LEU A 1 16 ? 4.823   -12.034 6.273   1.00 46.57  ? 27  LEU A C   1 
ATOM   79  O  O   . LEU A 1 16 ? 4.243   -12.513 7.253   1.00 43.12  ? 27  LEU A O   1 
ATOM   80  C  CB  . LEU A 1 16 ? 6.970   -13.406 6.117   1.00 46.93  ? 27  LEU A CB  1 
ATOM   81  C  CG  . LEU A 1 16 ? 6.807   -14.138 4.794   1.00 53.41  ? 27  LEU A CG  1 
ATOM   82  C  CD1 . LEU A 1 16 ? 7.578   -13.413 3.675   1.00 55.01  ? 27  LEU A CD1 1 
ATOM   83  C  CD2 . LEU A 1 16 ? 7.307   -15.560 4.921   1.00 57.02  ? 27  LEU A CD2 1 
ATOM   84  N  N   . VAL A 1 17 ? 4.160   -11.547 5.225   1.00 45.43  ? 28  VAL A N   1 
ATOM   85  C  CA  . VAL A 1 17 ? 2.689   -11.490 5.137   1.00 44.47  ? 28  VAL A CA  1 
ATOM   86  C  C   . VAL A 1 17 ? 2.211   -12.125 3.830   1.00 46.68  ? 28  VAL A C   1 
ATOM   87  O  O   . VAL A 1 17 ? 2.982   -12.222 2.872   1.00 46.25  ? 28  VAL A O   1 
ATOM   88  C  CB  . VAL A 1 17 ? 2.162   -10.039 5.259   1.00 48.80  ? 28  VAL A CB  1 
ATOM   89  C  CG1 . VAL A 1 17 ? 2.468   -9.444  6.633   1.00 48.78  ? 28  VAL A CG1 1 
ATOM   90  C  CG2 . VAL A 1 17 ? 2.701   -9.132  4.141   1.00 49.28  ? 28  VAL A CG2 1 
ATOM   91  N  N   A ARG A 1 18 ? 0.939   -12.544 3.796   0.50 42.72  ? 29  ARG A N   1 
ATOM   92  N  N   B ARG A 1 18 ? 0.936   -12.562 3.802   0.50 42.95  ? 29  ARG A N   1 
ATOM   93  C  CA  A ARG A 1 18 ? 0.296   -13.103 2.611   0.50 42.03  ? 29  ARG A CA  1 
ATOM   94  C  CA  B ARG A 1 18 ? 0.273   -13.103 2.615   0.50 42.38  ? 29  ARG A CA  1 
ATOM   95  C  C   A ARG A 1 18 ? -0.841  -12.135 2.166   0.50 43.77  ? 29  ARG A C   1 
ATOM   96  C  C   B ARG A 1 18 ? -0.839  -12.113 2.178   0.50 43.82  ? 29  ARG A C   1 
ATOM   97  O  O   A ARG A 1 18 ? -1.899  -12.096 2.798   0.50 42.96  ? 29  ARG A O   1 
ATOM   98  O  O   B ARG A 1 18 ? -1.888  -12.043 2.823   0.50 42.80  ? 29  ARG A O   1 
ATOM   99  C  CB  A ARG A 1 18 ? -0.227  -14.518 2.944   0.50 43.92  ? 29  ARG A CB  1 
ATOM   100 C  CB  B ARG A 1 18 ? -0.319  -14.497 2.943   0.50 45.05  ? 29  ARG A CB  1 
ATOM   101 C  CG  A ARG A 1 18 ? -0.843  -15.281 1.767   0.50 53.82  ? 29  ARG A CG  1 
ATOM   102 C  CG  B ARG A 1 18 ? -1.136  -15.163 1.813   0.50 57.16  ? 29  ARG A CG  1 
ATOM   103 C  CD  A ARG A 1 18 ? -1.180  -16.723 2.153   0.50 56.93  ? 29  ARG A CD  1 
ATOM   104 C  CD  B ARG A 1 18 ? -0.274  -16.089 0.978   0.50 66.71  ? 29  ARG A CD  1 
ATOM   105 N  NE  A ARG A 1 18 ? 0.023   -17.492 2.490   0.50 59.84  ? 29  ARG A NE  1 
ATOM   106 N  NE  B ARG A 1 18 ? -0.982  -16.678 -0.164  0.50 60.29  ? 29  ARG A NE  1 
ATOM   107 C  CZ  A ARG A 1 18 ? 0.824   -18.125 1.629   0.50 71.46  ? 29  ARG A CZ  1 
ATOM   108 C  CZ  B ARG A 1 18 ? -1.258  -16.067 -1.317  0.50 64.08  ? 29  ARG A CZ  1 
ATOM   109 N  NH1 A ARG A 1 18 ? 0.566   -18.106 0.325   0.50 56.04  ? 29  ARG A NH1 1 
ATOM   110 N  NH1 B ARG A 1 18 ? -0.897  -14.795 -1.516  0.50 43.81  ? 29  ARG A NH1 1 
ATOM   111 N  NH2 A ARG A 1 18 ? 1.891   -18.786 2.069   0.50 60.40  ? 29  ARG A NH2 1 
ATOM   112 N  NH2 B ARG A 1 18 ? -1.900  -16.719 -2.280  0.50 46.02  ? 29  ARG A NH2 1 
ATOM   113 N  N   . PRO A 1 19 ? -0.633  -11.318 1.110   1.00 39.42  ? 30  PRO A N   1 
ATOM   114 C  CA  . PRO A 1 19 ? -1.732  -10.459 0.606   1.00 39.71  ? 30  PRO A CA  1 
ATOM   115 C  C   . PRO A 1 19 ? -2.979  -11.228 0.192   1.00 43.90  ? 30  PRO A C   1 
ATOM   116 O  O   . PRO A 1 19 ? -2.880  -12.335 -0.374  1.00 41.87  ? 30  PRO A O   1 
ATOM   117 C  CB  . PRO A 1 19 ? -1.089  -9.738  -0.592  1.00 41.01  ? 30  PRO A CB  1 
ATOM   118 C  CG  . PRO A 1 19 ? 0.401   -9.728  -0.248  1.00 45.01  ? 30  PRO A CG  1 
ATOM   119 C  CD  . PRO A 1 19 ? 0.604   -11.095 0.323   1.00 41.05  ? 30  PRO A CD  1 
ATOM   120 N  N   . LYS A 1 20 ? -4.149  -10.656 0.510   1.00 39.22  ? 31  LYS A N   1 
ATOM   121 C  CA  . LYS A 1 20 ? -5.419  -11.170 -0.003  1.00 37.99  ? 31  LYS A CA  1 
ATOM   122 C  C   . LYS A 1 20 ? -5.350  -11.048 -1.546  1.00 43.98  ? 31  LYS A C   1 
ATOM   123 O  O   . LYS A 1 20 ? -4.494  -10.322 -2.054  1.00 40.78  ? 31  LYS A O   1 
ATOM   124 C  CB  . LYS A 1 20 ? -6.636  -10.427 0.620   1.00 39.78  ? 31  LYS A CB  1 
ATOM   125 C  CG  . LYS A 1 20 ? -6.920  -10.821 2.094   1.00 39.43  ? 31  LYS A CG  1 
ATOM   126 C  CD  . LYS A 1 20 ? -8.166  -10.131 2.619   1.00 48.66  ? 31  LYS A CD  1 
ATOM   127 C  CE  . LYS A 1 20 ? -8.392  -10.254 4.103   1.00 57.02  ? 31  LYS A CE  1 
ATOM   128 N  NZ  . LYS A 1 20 ? -9.643  -9.579  4.542   1.00 61.40  ? 31  LYS A NZ  1 
ATOM   129 N  N   . PRO A 1 21 ? -6.194  -11.780 -2.299  1.00 42.88  ? 32  PRO A N   1 
ATOM   130 C  CA  . PRO A 1 21 ? -6.077  -11.788 -3.780  1.00 42.68  ? 32  PRO A CA  1 
ATOM   131 C  C   . PRO A 1 21 ? -6.080  -10.466 -4.570  1.00 44.99  ? 32  PRO A C   1 
ATOM   132 O  O   . PRO A 1 21 ? -5.321  -10.361 -5.524  1.00 45.51  ? 32  PRO A O   1 
ATOM   133 C  CB  . PRO A 1 21 ? -7.298  -12.615 -4.206  1.00 44.80  ? 32  PRO A CB  1 
ATOM   134 C  CG  . PRO A 1 21 ? -7.464  -13.601 -3.045  1.00 49.42  ? 32  PRO A CG  1 
ATOM   135 C  CD  . PRO A 1 21 ? -7.253  -12.704 -1.843  1.00 45.19  ? 32  PRO A CD  1 
ATOM   136 N  N   . LEU A 1 22 ? -6.933  -9.495  -4.231  1.00 38.16  ? 33  LEU A N   1 
ATOM   137 C  CA  . LEU A 1 22 ? -6.915  -8.209  -4.924  1.00 37.66  ? 33  LEU A CA  1 
ATOM   138 C  C   . LEU A 1 22 ? -5.733  -7.317  -4.575  1.00 42.78  ? 33  LEU A C   1 
ATOM   139 O  O   . LEU A 1 22 ? -5.302  -6.553  -5.446  1.00 41.64  ? 33  LEU A O   1 
ATOM   140 C  CB  . LEU A 1 22 ? -8.212  -7.432  -4.732  1.00 36.93  ? 33  LEU A CB  1 
ATOM   141 C  CG  . LEU A 1 22 ? -9.446  -8.092  -5.264  1.00 40.21  ? 33  LEU A CG  1 
ATOM   142 C  CD1 . LEU A 1 22 ? -10.675 -7.414  -4.696  1.00 41.84  ? 33  LEU A CD1 1 
ATOM   143 C  CD2 . LEU A 1 22 ? -9.450  -8.134  -6.822  1.00 42.38  ? 33  LEU A CD2 1 
ATOM   144 N  N   . LEU A 1 23 ? -5.221  -7.380  -3.321  1.00 38.31  ? 34  LEU A N   1 
ATOM   145 C  CA  . LEU A 1 23 ? -3.920  -6.739  -3.020  1.00 38.89  ? 34  LEU A CA  1 
ATOM   146 C  C   . LEU A 1 23 ? -2.811  -7.423  -3.819  1.00 42.08  ? 34  LEU A C   1 
ATOM   147 O  O   . LEU A 1 23 ? -1.958  -6.749  -4.358  1.00 40.70  ? 34  LEU A O   1 
ATOM   148 C  CB  . LEU A 1 23 ? -3.573  -6.733  -1.522  1.00 38.56  ? 34  LEU A CB  1 
ATOM   149 C  CG  . LEU A 1 23 ? -2.213  -6.110  -1.130  1.00 41.41  ? 34  LEU A CG  1 
ATOM   150 C  CD1 . LEU A 1 23 ? -2.067  -4.666  -1.663  1.00 41.28  ? 34  LEU A CD1 1 
ATOM   151 C  CD2 . LEU A 1 23 ? -2.050  -6.093  0.359   1.00 39.62  ? 34  LEU A CD2 1 
ATOM   152 N  N   . LEU A 1 24 ? -2.840  -8.743  -3.939  1.00 41.26  ? 35  LEU A N   1 
ATOM   153 C  CA  . LEU A 1 24 ? -1.822  -9.425  -4.742  1.00 42.96  ? 35  LEU A CA  1 
ATOM   154 C  C   . LEU A 1 24 ? -1.865  -9.018  -6.196  1.00 46.81  ? 35  LEU A C   1 
ATOM   155 O  O   . LEU A 1 24 ? -0.821  -8.925  -6.820  1.00 47.06  ? 35  LEU A O   1 
ATOM   156 C  CB  . LEU A 1 24 ? -1.939  -10.957 -4.599  1.00 43.48  ? 35  LEU A CB  1 
ATOM   157 C  CG  . LEU A 1 24 ? -0.799  -11.776 -5.153  1.00 49.06  ? 35  LEU A CG  1 
ATOM   158 C  CD1 . LEU A 1 24 ? 0.440   -11.646 -4.322  1.00 49.62  ? 35  LEU A CD1 1 
ATOM   159 C  CD2 . LEU A 1 24 ? -1.200  -13.240 -5.256  1.00 52.93  ? 35  LEU A CD2 1 
ATOM   160 N  N   . LYS A 1 25 ? -3.067  -8.789  -6.735  1.00 44.79  ? 36  LYS A N   1 
ATOM   161 C  CA  . LYS A 1 25 ? -3.256  -8.314  -8.092  1.00 44.27  ? 36  LYS A CA  1 
ATOM   162 C  C   . LYS A 1 25 ? -2.558  -6.943  -8.336  1.00 46.49  ? 36  LYS A C   1 
ATOM   163 O  O   . LYS A 1 25 ? -1.891  -6.741  -9.351  1.00 44.68  ? 36  LYS A O   1 
ATOM   164 C  CB  . LYS A 1 25 ? -4.766  -8.213  -8.418  1.00 46.14  ? 36  LYS A CB  1 
ATOM   165 C  CG  . LYS A 1 25 ? -5.119  -7.259  -9.561  1.00 44.23  ? 36  LYS A CG  1 
ATOM   166 C  CD  . LYS A 1 25 ? -6.497  -7.546  -10.107 1.00 55.49  ? 36  LYS A CD  1 
ATOM   167 C  CE  . LYS A 1 25 ? -6.982  -6.572  -11.155 1.00 68.76  ? 36  LYS A CE  1 
ATOM   168 N  NZ  . LYS A 1 25 ? -6.256  -6.732  -12.450 1.00 79.72  ? 36  LYS A NZ  1 
ATOM   169 N  N   . LEU A 1 26 ? -2.743  -6.022  -7.404  1.00 42.37  ? 37  LEU A N   1 
ATOM   170 C  CA  . LEU A 1 26 ? -2.099  -4.712  -7.427  1.00 41.28  ? 37  LEU A CA  1 
ATOM   171 C  C   . LEU A 1 26 ? -0.556  -4.872  -7.404  1.00 46.03  ? 37  LEU A C   1 
ATOM   172 O  O   . LEU A 1 26 ? 0.147   -4.226  -8.193  1.00 46.55  ? 37  LEU A O   1 
ATOM   173 C  CB  . LEU A 1 26 ? -2.634  -3.917  -6.223  1.00 41.24  ? 37  LEU A CB  1 
ATOM   174 C  CG  . LEU A 1 26 ? -2.191  -2.479  -6.049  1.00 47.00  ? 37  LEU A CG  1 
ATOM   175 C  CD1 . LEU A 1 26 ? -3.276  -1.666  -5.271  1.00 46.85  ? 37  LEU A CD1 1 
ATOM   176 C  CD2 . LEU A 1 26 ? -0.831  -2.379  -5.383  1.00 50.32  ? 37  LEU A CD2 1 
ATOM   177 N  N   . LEU A 1 27 ? -0.031  -5.734  -6.527  1.00 43.04  ? 38  LEU A N   1 
ATOM   178 C  CA  . LEU A 1 27 ? 1.432   -5.927  -6.447  1.00 43.06  ? 38  LEU A CA  1 
ATOM   179 C  C   . LEU A 1 27 ? 1.973   -6.529  -7.721  1.00 46.74  ? 38  LEU A C   1 
ATOM   180 O  O   . LEU A 1 27 ? 2.994   -6.048  -8.243  1.00 44.90  ? 38  LEU A O   1 
ATOM   181 C  CB  . LEU A 1 27 ? 1.851   -6.790  -5.266  1.00 41.78  ? 38  LEU A CB  1 
ATOM   182 C  CG  . LEU A 1 27 ? 1.425   -6.352  -3.886  1.00 44.52  ? 38  LEU A CG  1 
ATOM   183 C  CD1 . LEU A 1 27 ? 1.868   -7.411  -2.842  1.00 41.81  ? 38  LEU A CD1 1 
ATOM   184 C  CD2 . LEU A 1 27 ? 1.921   -4.974  -3.528  1.00 43.67  ? 38  LEU A CD2 1 
ATOM   185 N  N   . LYS A 1 28 ? 1.282   -7.570  -8.230  1.00 44.13  ? 39  LYS A N   1 
ATOM   186 C  CA  . LYS A 1 28 ? 1.665   -8.232  -9.488  1.00 45.34  ? 39  LYS A CA  1 
ATOM   187 C  C   . LYS A 1 28 ? 1.634   -7.272  -10.683 1.00 50.79  ? 39  LYS A C   1 
ATOM   188 O  O   . LYS A 1 28 ? 2.426   -7.455  -11.621 1.00 52.01  ? 39  LYS A O   1 
ATOM   189 C  CB  . LYS A 1 28 ? 0.836   -9.509  -9.748  1.00 49.27  ? 39  LYS A CB  1 
ATOM   190 C  CG  . LYS A 1 28 ? 1.489   -10.744 -9.148  1.00 75.91  ? 39  LYS A CG  1 
ATOM   191 C  CD  . LYS A 1 28 ? 0.565   -11.930 -8.982  1.00 88.71  ? 39  LYS A CD  1 
ATOM   192 C  CE  . LYS A 1 28 ? 1.265   -13.035 -8.224  1.00 97.84  ? 39  LYS A CE  1 
ATOM   193 N  NZ  . LYS A 1 28 ? 0.467   -14.283 -8.208  1.00 109.36 ? 39  LYS A NZ  1 
ATOM   194 N  N   . SER A 1 29 ? 0.752   -6.247  -10.652 1.00 46.56  ? 40  SER A N   1 
ATOM   195 C  CA  . SER A 1 29 ? 0.691   -5.243  -11.721 1.00 46.87  ? 40  SER A CA  1 
ATOM   196 C  C   . SER A 1 29 ? 1.964   -4.396  -11.828 1.00 52.02  ? 40  SER A C   1 
ATOM   197 O  O   . SER A 1 29 ? 2.237   -3.898  -12.920 1.00 49.79  ? 40  SER A O   1 
ATOM   198 C  CB  . SER A 1 29 ? -0.564  -4.360  -11.614 1.00 46.77  ? 40  SER A CB  1 
ATOM   199 O  OG  . SER A 1 29 ? -0.428  -3.307  -10.672 1.00 54.37  ? 40  SER A OG  1 
ATOM   200 N  N   . VAL A 1 30 ? 2.744   -4.238  -10.713 1.00 50.76  ? 41  VAL A N   1 
ATOM   201 C  CA  . VAL A 1 30 ? 4.019   -3.484  -10.718 1.00 50.27  ? 41  VAL A CA  1 
ATOM   202 C  C   . VAL A 1 30 ? 5.242   -4.408  -10.659 1.00 53.28  ? 41  VAL A C   1 
ATOM   203 O  O   . VAL A 1 30 ? 6.313   -3.978  -10.242 1.00 51.59  ? 41  VAL A O   1 
ATOM   204 C  CB  . VAL A 1 30 ? 4.098   -2.364  -9.645  1.00 54.47  ? 41  VAL A CB  1 
ATOM   205 C  CG1 . VAL A 1 30 ? 3.295   -1.149  -10.050 1.00 54.85  ? 41  VAL A CG1 1 
ATOM   206 C  CG2 . VAL A 1 30 ? 3.696   -2.858  -8.260  1.00 54.49  ? 41  VAL A CG2 1 
ATOM   207 N  N   . GLY A 1 31 ? 5.075   -5.660  -11.087 1.00 53.28  ? 42  GLY A N   1 
ATOM   208 C  CA  . GLY A 1 31 ? 6.181   -6.595  -11.297 1.00 53.72  ? 42  GLY A CA  1 
ATOM   209 C  C   . GLY A 1 31 ? 6.488   -7.582  -10.185 1.00 59.74  ? 42  GLY A C   1 
ATOM   210 O  O   . GLY A 1 31 ? 7.434   -8.351  -10.324 1.00 59.13  ? 42  GLY A O   1 
ATOM   211 N  N   . ALA A 1 32 ? 5.702   -7.584  -9.079  1.00 58.77  ? 43  ALA A N   1 
ATOM   212 C  CA  . ALA A 1 32 ? 5.965   -8.419  -7.895  1.00 58.92  ? 43  ALA A CA  1 
ATOM   213 C  C   . ALA A 1 32 ? 5.545   -9.857  -8.208  1.00 69.90  ? 43  ALA A C   1 
ATOM   214 O  O   . ALA A 1 32 ? 4.438   -10.059 -8.682  1.00 70.48  ? 43  ALA A O   1 
ATOM   215 C  CB  . ALA A 1 32 ? 5.189   -7.891  -6.694  1.00 58.90  ? 43  ALA A CB  1 
ATOM   216 N  N   . GLN A 1 33 ? 6.405   -10.853 -7.937  1.00 69.88  ? 44  GLN A N   1 
ATOM   217 C  CA  . GLN A 1 33 ? 6.269   -12.192 -8.535  1.00 70.98  ? 44  GLN A CA  1 
ATOM   218 C  C   . GLN A 1 33 ? 6.146   -13.352 -7.524  1.00 72.12  ? 44  GLN A C   1 
ATOM   219 O  O   . GLN A 1 33 ? 6.513   -14.475 -7.862  1.00 72.47  ? 44  GLN A O   1 
ATOM   220 C  CB  . GLN A 1 33 ? 7.466   -12.416 -9.496  1.00 73.36  ? 44  GLN A CB  1 
ATOM   221 C  CG  . GLN A 1 33 ? 7.193   -11.813 -10.891 1.00 94.76  ? 44  GLN A CG  1 
ATOM   222 C  CD  . GLN A 1 33 ? 8.436   -11.599 -11.736 1.00 119.37 ? 44  GLN A CD  1 
ATOM   223 O  OE1 . GLN A 1 33 ? 9.510   -11.233 -11.236 1.00 112.87 ? 44  GLN A OE1 1 
ATOM   224 N  NE2 . GLN A 1 33 ? 8.319   -11.813 -13.045 1.00 118.36 ? 44  GLN A NE2 1 
ATOM   225 N  N   . LYS A 1 34 ? 5.616   -13.095 -6.306  1.00 65.19  ? 45  LYS A N   1 
ATOM   226 C  CA  . LYS A 1 34 ? 5.520   -14.103 -5.228  1.00 62.59  ? 45  LYS A CA  1 
ATOM   227 C  C   . LYS A 1 34 ? 4.179   -14.032 -4.507  1.00 62.49  ? 45  LYS A C   1 
ATOM   228 O  O   . LYS A 1 34 ? 3.442   -13.070 -4.668  1.00 60.64  ? 45  LYS A O   1 
ATOM   229 C  CB  . LYS A 1 34 ? 6.631   -13.899 -4.193  1.00 63.40  ? 45  LYS A CB  1 
ATOM   230 C  CG  . LYS A 1 34 ? 8.033   -13.825 -4.774  1.00 79.80  ? 45  LYS A CG  1 
ATOM   231 C  CD  . LYS A 1 34 ? 9.117   -13.703 -3.689  1.00 90.36  ? 45  LYS A CD  1 
ATOM   232 C  CE  . LYS A 1 34 ? 9.136   -12.351 -3.008  1.00 98.88  ? 45  LYS A CE  1 
ATOM   233 N  NZ  . LYS A 1 34 ? 10.369  -12.153 -2.206  1.00 108.28 ? 45  LYS A NZ  1 
ATOM   234 N  N   . ASP A 1 35 ? 3.876   -15.052 -3.705  1.00 58.22  ? 46  ASP A N   1 
ATOM   235 C  CA  . ASP A 1 35 ? 2.646   -15.113 -2.893  1.00 57.92  ? 46  ASP A CA  1 
ATOM   236 C  C   . ASP A 1 35 ? 2.799   -14.449 -1.510  1.00 56.19  ? 46  ASP A C   1 
ATOM   237 O  O   . ASP A 1 35 ? 1.801   -14.073 -0.914  1.00 52.28  ? 46  ASP A O   1 
ATOM   238 C  CB  . ASP A 1 35 ? 2.212   -16.584 -2.682  1.00 61.82  ? 46  ASP A CB  1 
ATOM   239 C  CG  . ASP A 1 35 ? 1.661   -17.277 -3.913  1.00 82.03  ? 46  ASP A CG  1 
ATOM   240 O  OD1 . ASP A 1 35 ? 0.924   -16.623 -4.684  1.00 83.18  ? 46  ASP A OD1 1 
ATOM   241 O  OD2 . ASP A 1 35 ? 1.962   -18.481 -4.100  1.00 93.20  ? 46  ASP A OD2 1 
ATOM   242 N  N   . THR A 1 36 ? 4.038   -14.330 -0.985  1.00 53.15  ? 47  THR A N   1 
ATOM   243 C  CA  . THR A 1 36 ? 4.289   -13.725 0.330   1.00 52.19  ? 47  THR A CA  1 
ATOM   244 C  C   . THR A 1 36 ? 5.440   -12.714 0.209   1.00 54.75  ? 47  THR A C   1 
ATOM   245 O  O   . THR A 1 36 ? 6.308   -12.851 -0.648  1.00 54.48  ? 47  THR A O   1 
ATOM   246 C  CB  . THR A 1 36 ? 4.585   -14.826 1.372   1.00 53.92  ? 47  THR A CB  1 
ATOM   247 O  OG1 . THR A 1 36 ? 5.689   -15.581 0.911   1.00 49.25  ? 47  THR A OG1 1 
ATOM   248 C  CG2 . THR A 1 36 ? 3.398   -15.765 1.592   1.00 50.27  ? 47  THR A CG2 1 
ATOM   249 N  N   . TYR A 1 37 ? 5.414   -11.687 1.056   1.00 50.32  ? 48  TYR A N   1 
ATOM   250 C  CA  . TYR A 1 37 ? 6.402   -10.604 1.083   1.00 50.23  ? 48  TYR A CA  1 
ATOM   251 C  C   . TYR A 1 37 ? 6.554   -10.144 2.527   1.00 47.91  ? 48  TYR A C   1 
ATOM   252 O  O   . TYR A 1 37 ? 5.709   -10.451 3.361   1.00 44.65  ? 48  TYR A O   1 
ATOM   253 C  CB  . TYR A 1 37 ? 5.917   -9.386  0.249   1.00 53.77  ? 48  TYR A CB  1 
ATOM   254 C  CG  . TYR A 1 37 ? 5.550   -9.708  -1.179  1.00 58.15  ? 48  TYR A CG  1 
ATOM   255 C  CD1 . TYR A 1 37 ? 4.290   -10.194 -1.499  1.00 59.68  ? 48  TYR A CD1 1 
ATOM   256 C  CD2 . TYR A 1 37 ? 6.471   -9.542  -2.213  1.00 59.77  ? 48  TYR A CD2 1 
ATOM   257 C  CE1 . TYR A 1 37 ? 3.951   -10.516 -2.808  1.00 61.07  ? 48  TYR A CE1 1 
ATOM   258 C  CE2 . TYR A 1 37 ? 6.133   -9.845  -3.533  1.00 60.33  ? 48  TYR A CE2 1 
ATOM   259 C  CZ  . TYR A 1 37 ? 4.875   -10.339 -3.823  1.00 65.95  ? 48  TYR A CZ  1 
ATOM   260 O  OH  . TYR A 1 37 ? 4.541   -10.643 -5.119  1.00 64.93  ? 48  TYR A OH  1 
ATOM   261 N  N   . THR A 1 38 ? 7.604   -9.400  2.821   1.00 43.94  ? 49  THR A N   1 
ATOM   262 C  CA  . THR A 1 38 ? 7.653   -8.669  4.097   1.00 44.06  ? 49  THR A CA  1 
ATOM   263 C  C   . THR A 1 38 ? 6.661   -7.495  3.984   1.00 45.67  ? 49  THR A C   1 
ATOM   264 O  O   . THR A 1 38 ? 6.413   -7.044  2.865   1.00 42.36  ? 49  THR A O   1 
ATOM   265 C  CB  . THR A 1 38 ? 9.054   -8.171  4.407   1.00 44.80  ? 49  THR A CB  1 
ATOM   266 O  OG1 . THR A 1 38 ? 9.431   -7.227  3.414   1.00 40.65  ? 49  THR A OG1 1 
ATOM   267 C  CG2 . THR A 1 38 ? 10.073  -9.287  4.477   1.00 42.79  ? 49  THR A CG2 1 
ATOM   268 N  N   . MET A 1 39 ? 6.099   -7.006  5.107   1.00 42.43  ? 50  MET A N   1 
ATOM   269 C  CA  . MET A 1 39 ? 5.353   -5.736  5.071   1.00 40.93  ? 50  MET A CA  1 
ATOM   270 C  C   . MET A 1 39 ? 6.115   -4.618  4.310   1.00 43.86  ? 50  MET A C   1 
ATOM   271 O  O   . MET A 1 39 ? 5.498   -3.902  3.527   1.00 40.53  ? 50  MET A O   1 
ATOM   272 C  CB  . MET A 1 39 ? 5.014   -5.214  6.489   1.00 42.45  ? 50  MET A CB  1 
ATOM   273 C  CG  . MET A 1 39 ? 3.787   -5.754  7.051   1.00 47.68  ? 50  MET A CG  1 
ATOM   274 S  SD  . MET A 1 39 ? 2.336   -5.349  6.023   1.00 50.53  ? 50  MET A SD  1 
ATOM   275 C  CE  . MET A 1 39 ? 1.479   -4.230  7.091   1.00 48.62  ? 50  MET A CE  1 
ATOM   276 N  N   . LYS A 1 40 ? 7.429   -4.474  4.556   1.00 41.32  ? 51  LYS A N   1 
ATOM   277 C  CA  . LYS A 1 40 ? 8.264   -3.479  3.886   1.00 40.35  ? 51  LYS A CA  1 
ATOM   278 C  C   . LYS A 1 40 ? 8.223   -3.594  2.367   1.00 42.15  ? 51  LYS A C   1 
ATOM   279 O  O   . LYS A 1 40 ? 8.152   -2.582  1.711   1.00 43.63  ? 51  LYS A O   1 
ATOM   280 C  CB  . LYS A 1 40 ? 9.737   -3.602  4.334   1.00 42.95  ? 51  LYS A CB  1 
ATOM   281 C  CG  . LYS A 1 40 ? 10.521  -2.347  4.100   1.00 49.04  ? 51  LYS A CG  1 
ATOM   282 C  CD  . LYS A 1 40 ? 12.008  -2.535  4.443   1.00 61.52  ? 51  LYS A CD  1 
ATOM   283 C  CE  . LYS A 1 40 ? 12.689  -1.267  4.907   1.00 85.67  ? 51  LYS A CE  1 
ATOM   284 N  NZ  . LYS A 1 40 ? 12.357  -0.092  4.056   1.00 98.94  ? 51  LYS A NZ  1 
ATOM   285 N  N   . GLU A 1 41 ? 8.285   -4.812  1.813   1.00 39.32  ? 52  GLU A N   1 
ATOM   286 C  CA  . GLU A 1 41 ? 8.145   -5.068  0.364   1.00 38.43  ? 52  GLU A CA  1 
ATOM   287 C  C   . GLU A 1 41 ? 6.724   -4.739  -0.146  1.00 42.21  ? 52  GLU A C   1 
ATOM   288 O  O   . GLU A 1 41 ? 6.587   -4.188  -1.232  1.00 41.72  ? 52  GLU A O   1 
ATOM   289 C  CB  . GLU A 1 41 ? 8.514   -6.519  0.011   1.00 39.27  ? 52  GLU A CB  1 
ATOM   290 C  CG  . GLU A 1 41 ? 9.982   -6.854  0.217   1.00 49.61  ? 52  GLU A CG  1 
ATOM   291 C  CD  . GLU A 1 41 ? 10.357  -8.328  0.235   1.00 69.76  ? 52  GLU A CD  1 
ATOM   292 O  OE1 . GLU A 1 41 ? 9.470   -9.191  0.432   1.00 52.72  ? 52  GLU A OE1 1 
ATOM   293 O  OE2 . GLU A 1 41 ? 11.561  -8.616  0.052   1.00 72.45  ? 52  GLU A OE2 1 
ATOM   294 N  N   . VAL A 1 42 ? 5.675   -5.059  0.633   1.00 38.89  ? 53  VAL A N   1 
ATOM   295 C  CA  . VAL A 1 42 ? 4.307   -4.703  0.258   1.00 37.38  ? 53  VAL A CA  1 
ATOM   296 C  C   . VAL A 1 42 ? 4.247   -3.182  0.102   1.00 40.17  ? 53  VAL A C   1 
ATOM   297 O  O   . VAL A 1 42 ? 3.767   -2.666  -0.925  1.00 41.31  ? 53  VAL A O   1 
ATOM   298 C  CB  . VAL A 1 42 ? 3.243   -5.247  1.251   1.00 39.75  ? 53  VAL A CB  1 
ATOM   299 C  CG1 . VAL A 1 42 ? 1.852   -4.643  0.973   1.00 39.28  ? 53  VAL A CG1 1 
ATOM   300 C  CG2 . VAL A 1 42 ? 3.197   -6.770  1.218   1.00 39.24  ? 53  VAL A CG2 1 
ATOM   301 N  N   . LEU A 1 43 ? 4.755   -2.471  1.098   1.00 35.49  ? 54  LEU A N   1 
ATOM   302 C  CA  . LEU A 1 43 ? 4.773   -1.012  1.051   1.00 36.62  ? 54  LEU A CA  1 
ATOM   303 C  C   . LEU A 1 43 ? 5.601   -0.489  -0.124  1.00 43.04  ? 54  LEU A C   1 
ATOM   304 O  O   . LEU A 1 43 ? 5.222   0.506   -0.716  1.00 42.48  ? 54  LEU A O   1 
ATOM   305 C  CB  . LEU A 1 43 ? 5.325   -0.423  2.361   1.00 36.51  ? 54  LEU A CB  1 
ATOM   306 C  CG  . LEU A 1 43 ? 4.341   -0.158  3.503   1.00 39.89  ? 54  LEU A CG  1 
ATOM   307 C  CD1 . LEU A 1 43 ? 3.320   0.894   3.124   1.00 35.38  ? 54  LEU A CD1 1 
ATOM   308 C  CD2 . LEU A 1 43 ? 3.718   -1.465  4.061   1.00 41.55  ? 54  LEU A CD2 1 
ATOM   309 N  N   . PHE A 1 44 ? 6.740   -1.145  -0.458  1.00 43.19  ? 55  PHE A N   1 
ATOM   310 C  CA  . PHE A 1 44 ? 7.543   -0.720  -1.600  1.00 42.93  ? 55  PHE A CA  1 
ATOM   311 C  C   . PHE A 1 44 ? 6.764   -0.821  -2.900  1.00 43.56  ? 55  PHE A C   1 
ATOM   312 O  O   . PHE A 1 44 ? 6.720   0.122   -3.689  1.00 40.85  ? 55  PHE A O   1 
ATOM   313 C  CB  . PHE A 1 44 ? 8.840   -1.552  -1.709  1.00 45.85  ? 55  PHE A CB  1 
ATOM   314 C  CG  . PHE A 1 44 ? 9.617   -1.249  -2.964  1.00 47.27  ? 55  PHE A CG  1 
ATOM   315 C  CD1 . PHE A 1 44 ? 10.491  -0.176  -3.015  1.00 51.29  ? 55  PHE A CD1 1 
ATOM   316 C  CD2 . PHE A 1 44 ? 9.427   -2.001  -4.111  1.00 51.07  ? 55  PHE A CD2 1 
ATOM   317 C  CE1 . PHE A 1 44 ? 11.202  0.113   -4.180  1.00 52.56  ? 55  PHE A CE1 1 
ATOM   318 C  CE2 . PHE A 1 44 ? 10.117  -1.699  -5.284  1.00 54.67  ? 55  PHE A CE2 1 
ATOM   319 C  CZ  . PHE A 1 44 ? 11.010  -0.648  -5.308  1.00 52.54  ? 55  PHE A CZ  1 
ATOM   320 N  N   . TYR A 1 45 ? 6.162   -1.979  -3.129  1.00 42.38  ? 56  TYR A N   1 
ATOM   321 C  CA  . TYR A 1 45 ? 5.357   -2.223  -4.342  1.00 41.03  ? 56  TYR A CA  1 
ATOM   322 C  C   . TYR A 1 45 ? 4.138   -1.334  -4.414  1.00 41.61  ? 56  TYR A C   1 
ATOM   323 O  O   . TYR A 1 45 ? 3.801   -0.850  -5.489  1.00 41.68  ? 56  TYR A O   1 
ATOM   324 C  CB  . TYR A 1 45 ? 4.975   -3.715  -4.436  1.00 44.00  ? 56  TYR A CB  1 
ATOM   325 C  CG  . TYR A 1 45 ? 6.136   -4.573  -4.887  1.00 47.47  ? 56  TYR A CG  1 
ATOM   326 C  CD1 . TYR A 1 45 ? 6.735   -4.373  -6.128  1.00 49.49  ? 56  TYR A CD1 1 
ATOM   327 C  CD2 . TYR A 1 45 ? 6.663   -5.559  -4.061  1.00 49.21  ? 56  TYR A CD2 1 
ATOM   328 C  CE1 . TYR A 1 45 ? 7.824   -5.138  -6.538  1.00 52.80  ? 56  TYR A CE1 1 
ATOM   329 C  CE2 . TYR A 1 45 ? 7.751   -6.334  -4.464  1.00 51.07  ? 56  TYR A CE2 1 
ATOM   330 C  CZ  . TYR A 1 45 ? 8.324   -6.125  -5.711  1.00 58.97  ? 56  TYR A CZ  1 
ATOM   331 O  OH  . TYR A 1 45 ? 9.392   -6.868  -6.161  1.00 60.01  ? 56  TYR A OH  1 
ATOM   332 N  N   . LEU A 1 46 ? 3.473   -1.099  -3.281  1.00 37.79  ? 57  LEU A N   1 
ATOM   333 C  CA  . LEU A 1 46 ? 2.417   -0.071  -3.226  1.00 37.67  ? 57  LEU A CA  1 
ATOM   334 C  C   . LEU A 1 46 ? 2.890   1.331   -3.614  1.00 39.55  ? 57  LEU A C   1 
ATOM   335 O  O   . LEU A 1 46 ? 2.170   2.033   -4.314  1.00 38.02  ? 57  LEU A O   1 
ATOM   336 C  CB  . LEU A 1 46 ? 1.737   -0.030  -1.858  1.00 36.47  ? 57  LEU A CB  1 
ATOM   337 C  CG  . LEU A 1 46 ? 0.795   -1.181  -1.600  1.00 38.63  ? 57  LEU A CG  1 
ATOM   338 C  CD1 . LEU A 1 46 ? 0.606   -1.390  -0.097  1.00 36.97  ? 57  LEU A CD1 1 
ATOM   339 C  CD2 . LEU A 1 46 ? -0.533  -0.958  -2.309  1.00 38.93  ? 57  LEU A CD2 1 
ATOM   340 N  N   . GLY A 1 47 ? 4.073   1.707   -3.164  1.00 37.96  ? 58  GLY A N   1 
ATOM   341 C  CA  . GLY A 1 47 ? 4.721   2.948   -3.571  1.00 37.55  ? 58  GLY A CA  1 
ATOM   342 C  C   . GLY A 1 47 ? 4.920   3.029   -5.076  1.00 42.35  ? 58  GLY A C   1 
ATOM   343 O  O   . GLY A 1 47 ? 4.487   3.994   -5.711  1.00 43.85  ? 58  GLY A O   1 
ATOM   344 N  N   . GLN A 1 48 ? 5.570   1.996   -5.661  1.00 37.55  ? 59  GLN A N   1 
ATOM   345 C  CA  . GLN A 1 48 ? 5.750   1.855   -7.118  1.00 37.71  ? 59  GLN A CA  1 
ATOM   346 C  C   . GLN A 1 48 ? 4.404   1.983   -7.858  1.00 40.58  ? 59  GLN A C   1 
ATOM   347 O  O   . GLN A 1 48 ? 4.317   2.683   -8.873  1.00 40.10  ? 59  GLN A O   1 
ATOM   348 C  CB  . GLN A 1 48 ? 6.410   0.499   -7.469  1.00 39.11  ? 59  GLN A CB  1 
ATOM   349 C  CG  . GLN A 1 48 ? 7.834   0.301   -6.909  1.00 46.76  ? 59  GLN A CG  1 
ATOM   350 C  CD  . GLN A 1 48 ? 8.774   1.386   -7.394  1.00 66.41  ? 59  GLN A CD  1 
ATOM   351 O  OE1 . GLN A 1 48 ? 9.375   1.282   -8.467  1.00 60.04  ? 59  GLN A OE1 1 
ATOM   352 N  NE2 . GLN A 1 48 ? 8.916   2.452   -6.617  1.00 58.02  ? 59  GLN A NE2 1 
ATOM   353 N  N   . TYR A 1 49 ? 3.355   1.324   -7.346  1.00 35.83  ? 60  TYR A N   1 
ATOM   354 C  CA  . TYR A 1 49 ? 2.010   1.430   -7.942  1.00 33.76  ? 60  TYR A CA  1 
ATOM   355 C  C   . TYR A 1 49 ? 1.482   2.847   -7.905  1.00 35.17  ? 60  TYR A C   1 
ATOM   356 O  O   . TYR A 1 49 ? 1.053   3.359   -8.926  1.00 35.41  ? 60  TYR A O   1 
ATOM   357 C  CB  . TYR A 1 49 ? 1.046   0.477   -7.214  1.00 34.77  ? 60  TYR A CB  1 
ATOM   358 C  CG  . TYR A 1 49 ? -0.371  0.470   -7.727  1.00 33.51  ? 60  TYR A CG  1 
ATOM   359 C  CD1 . TYR A 1 49 ? -0.742  -0.331  -8.802  1.00 34.84  ? 60  TYR A CD1 1 
ATOM   360 C  CD2 . TYR A 1 49 ? -1.355  1.259   -7.130  1.00 34.12  ? 60  TYR A CD2 1 
ATOM   361 C  CE1 . TYR A 1 49 ? -2.065  -0.353  -9.271  1.00 33.87  ? 60  TYR A CE1 1 
ATOM   362 C  CE2 . TYR A 1 49 ? -2.678  1.239   -7.582  1.00 32.81  ? 60  TYR A CE2 1 
ATOM   363 C  CZ  . TYR A 1 49 ? -3.028  0.430   -8.650  1.00 38.22  ? 60  TYR A CZ  1 
ATOM   364 O  OH  . TYR A 1 49 ? -4.315  0.444   -9.127  1.00 36.09  ? 60  TYR A OH  1 
ATOM   365 N  N   . ILE A 1 50 ? 1.509   3.496   -6.734  1.00 34.07  ? 61  ILE A N   1 
ATOM   366 C  CA  . ILE A 1 50 ? 1.075   4.907   -6.602  1.00 33.66  ? 61  ILE A CA  1 
ATOM   367 C  C   . ILE A 1 50 ? 1.827   5.853   -7.598  1.00 39.04  ? 61  ILE A C   1 
ATOM   368 O  O   . ILE A 1 50 ? 1.223   6.755   -8.209  1.00 37.47  ? 61  ILE A O   1 
ATOM   369 C  CB  . ILE A 1 50 ? 1.240   5.356   -5.134  1.00 36.02  ? 61  ILE A CB  1 
ATOM   370 C  CG1 . ILE A 1 50 ? 0.146   4.729   -4.240  1.00 36.91  ? 61  ILE A CG1 1 
ATOM   371 C  CG2 . ILE A 1 50 ? 1.260   6.914   -4.969  1.00 35.66  ? 61  ILE A CG2 1 
ATOM   372 C  CD1 . ILE A 1 50 ? 0.577   4.568   -2.699  1.00 41.58  ? 61  ILE A CD1 1 
ATOM   373 N  N   . MET A 1 51 ? 3.133   5.638   -7.740  1.00 38.59  ? 62  MET A N   1 
ATOM   374 C  CA  . MET A 1 51 ? 3.962   6.520   -8.586  1.00 40.14  ? 62  MET A CA  1 
ATOM   375 C  C   . MET A 1 51 ? 3.662   6.260   -10.050 1.00 45.50  ? 62  MET A C   1 
ATOM   376 O  O   . MET A 1 51 ? 3.529   7.214   -10.806 1.00 46.52  ? 62  MET A O   1 
ATOM   377 C  CB  . MET A 1 51 ? 5.470   6.372   -8.272  1.00 42.39  ? 62  MET A CB  1 
ATOM   378 C  CG  . MET A 1 51 ? 5.878   6.854   -6.887  1.00 46.38  ? 62  MET A CG  1 
ATOM   379 S  SD  . MET A 1 51 ? 5.276   8.495   -6.381  1.00 50.90  ? 62  MET A SD  1 
ATOM   380 C  CE  . MET A 1 51 ? 6.189   9.452   -7.194  1.00 48.27  ? 62  MET A CE  1 
ATOM   381 N  N   . THR A 1 52 ? 3.536   4.980   -10.435 1.00 43.65  ? 63  THR A N   1 
ATOM   382 C  CA  . THR A 1 52 ? 3.097   4.526   -11.779 1.00 42.80  ? 63  THR A CA  1 
ATOM   383 C  C   . THR A 1 52 ? 1.731   5.065   -12.198 1.00 45.92  ? 63  THR A C   1 
ATOM   384 O  O   . THR A 1 52 ? 1.577   5.531   -13.338 1.00 46.29  ? 63  THR A O   1 
ATOM   385 C  CB  . THR A 1 52 ? 3.123   2.977   -11.807 1.00 48.57  ? 63  THR A CB  1 
ATOM   386 O  OG1 . THR A 1 52 ? 4.478   2.549   -11.609 1.00 49.91  ? 63  THR A OG1 1 
ATOM   387 C  CG2 . THR A 1 52 ? 2.572   2.384   -13.086 1.00 48.10  ? 63  THR A CG2 1 
ATOM   388 N  N   . LYS A 1 53 ? 0.736   5.000   -11.314 1.00 41.63  ? 64  LYS A N   1 
ATOM   389 C  CA  . LYS A 1 53 ? -0.595  5.471   -11.671 1.00 40.56  ? 64  LYS A CA  1 
ATOM   390 C  C   . LYS A 1 53 ? -0.788  6.980   -11.402 1.00 42.04  ? 64  LYS A C   1 
ATOM   391 O  O   . LYS A 1 53 ? -1.876  7.510   -11.663 1.00 40.16  ? 64  LYS A O   1 
ATOM   392 C  CB  . LYS A 1 53 ? -1.656  4.613   -11.021 1.00 43.14  ? 64  LYS A CB  1 
ATOM   393 C  CG  . LYS A 1 53 ? -1.603  3.186   -11.572 1.00 50.45  ? 64  LYS A CG  1 
ATOM   394 C  CD  . LYS A 1 53 ? -2.827  2.405   -11.280 1.00 53.37  ? 64  LYS A CD  1 
ATOM   395 C  CE  . LYS A 1 53 ? -3.953  2.576   -12.244 1.00 44.15  ? 64  LYS A CE  1 
ATOM   396 N  NZ  . LYS A 1 53 ? -5.104  1.708   -11.865 1.00 53.57  ? 64  LYS A NZ  1 
ATOM   397 N  N   . ARG A 1 54 ? 0.270   7.671   -10.906 1.00 38.52  ? 65  ARG A N   1 
ATOM   398 C  CA  . ARG A 1 54 ? 0.238   9.106   -10.630 1.00 37.16  ? 65  ARG A CA  1 
ATOM   399 C  C   . ARG A 1 54 ? -0.909  9.491   -9.709  1.00 36.77  ? 65  ARG A C   1 
ATOM   400 O  O   . ARG A 1 54 ? -1.631  10.442  -9.964  1.00 36.06  ? 65  ARG A O   1 
ATOM   401 C  CB  . ARG A 1 54 ? 0.192   9.887   -11.958 1.00 41.12  ? 65  ARG A CB  1 
ATOM   402 C  CG  . ARG A 1 54 ? 1.402   9.624   -12.834 1.00 43.60  ? 65  ARG A CG  1 
ATOM   403 C  CD  . ARG A 1 54 ? 1.243   10.290  -14.207 1.00 61.41  ? 65  ARG A CD  1 
ATOM   404 N  NE  . ARG A 1 54 ? 2.361   9.953   -15.086 1.00 74.24  ? 65  ARG A NE  1 
ATOM   405 C  CZ  . ARG A 1 54 ? 2.440   10.269  -16.377 1.00 102.54 ? 65  ARG A CZ  1 
ATOM   406 N  NH1 . ARG A 1 54 ? 1.457   10.947  -16.969 1.00 102.30 ? 65  ARG A NH1 1 
ATOM   407 N  NH2 . ARG A 1 54 ? 3.504   9.912   -17.090 1.00 89.24  ? 65  ARG A NH2 1 
ATOM   408 N  N   . LEU A 1 55 ? -1.075  8.740   -8.615  1.00 34.51  ? 66  LEU A N   1 
ATOM   409 C  CA  . LEU A 1 55 ? -2.129  8.947   -7.633  1.00 33.73  ? 66  LEU A CA  1 
ATOM   410 C  C   . LEU A 1 55 ? -1.656  9.979   -6.599  1.00 37.31  ? 66  LEU A C   1 
ATOM   411 O  O   . LEU A 1 55 ? -1.705  9.766   -5.398  1.00 36.05  ? 66  LEU A O   1 
ATOM   412 C  CB  . LEU A 1 55 ? -2.463  7.597   -6.965  1.00 33.33  ? 66  LEU A CB  1 
ATOM   413 C  CG  . LEU A 1 55 ? -2.882  6.474   -7.941  1.00 35.81  ? 66  LEU A CG  1 
ATOM   414 C  CD1 . LEU A 1 55 ? -3.239  5.190   -7.134  1.00 33.62  ? 66  LEU A CD1 1 
ATOM   415 C  CD2 . LEU A 1 55 ? -4.010  6.898   -8.853  1.00 34.93  ? 66  LEU A CD2 1 
ATOM   416 N  N   . TYR A 1 56 ? -1.181  11.101  -7.092  1.00 37.19  ? 67  TYR A N   1 
ATOM   417 C  CA  . TYR A 1 56 ? -0.564  12.148  -6.315  1.00 35.07  ? 67  TYR A CA  1 
ATOM   418 C  C   . TYR A 1 56 ? -0.898  13.451  -6.989  1.00 37.61  ? 67  TYR A C   1 
ATOM   419 O  O   . TYR A 1 56 ? -1.386  13.469  -8.129  1.00 34.88  ? 67  TYR A O   1 
ATOM   420 C  CB  . TYR A 1 56 ? 0.971   11.945  -6.189  1.00 34.52  ? 67  TYR A CB  1 
ATOM   421 C  CG  . TYR A 1 56 ? 1.756   11.802  -7.473  1.00 34.08  ? 67  TYR A CG  1 
ATOM   422 C  CD1 . TYR A 1 56 ? 1.969   12.895  -8.313  1.00 34.05  ? 67  TYR A CD1 1 
ATOM   423 C  CD2 . TYR A 1 56 ? 2.369   10.602  -7.807  1.00 34.29  ? 67  TYR A CD2 1 
ATOM   424 C  CE1 . TYR A 1 56 ? 2.736   12.780  -9.473  1.00 32.38  ? 67  TYR A CE1 1 
ATOM   425 C  CE2 . TYR A 1 56 ? 3.143   10.480  -8.955  1.00 34.91  ? 67  TYR A CE2 1 
ATOM   426 C  CZ  . TYR A 1 56 ? 3.297   11.563  -9.805  1.00 39.18  ? 67  TYR A CZ  1 
ATOM   427 O  OH  . TYR A 1 56 ? 4.028   11.452  -10.965 1.00 38.30  ? 67  TYR A OH  1 
ATOM   428 N  N   . ASP A 1 57 ? -0.610  14.528  -6.299  1.00 34.25  ? 68  ASP A N   1 
ATOM   429 C  CA  . ASP A 1 57 ? -0.796  15.864  -6.829  1.00 33.65  ? 68  ASP A CA  1 
ATOM   430 C  C   . ASP A 1 57 ? 0.250   16.823  -6.280  1.00 33.31  ? 68  ASP A C   1 
ATOM   431 O  O   . ASP A 1 57 ? 0.550   16.806  -5.086  1.00 31.64  ? 68  ASP A O   1 
ATOM   432 C  CB  . ASP A 1 57 ? -2.217  16.348  -6.504  1.00 34.87  ? 68  ASP A CB  1 
ATOM   433 C  CG  . ASP A 1 57 ? -2.692  17.398  -7.481  1.00 40.83  ? 68  ASP A CG  1 
ATOM   434 O  OD1 . ASP A 1 57 ? -3.242  17.023  -8.507  1.00 47.56  ? 68  ASP A OD1 1 
ATOM   435 O  OD2 . ASP A 1 57 ? -2.514  18.590  -7.202  1.00 43.91  ? 68  ASP A OD2 1 
ATOM   436 N  N   . ALA A 1 58 ? 0.799   17.646  -7.145  1.00 31.72  ? 69  ALA A N   1 
ATOM   437 C  CA  . ALA A 1 58 ? 1.782   18.686  -6.780  1.00 34.25  ? 69  ALA A CA  1 
ATOM   438 C  C   . ALA A 1 58 ? 1.263   19.728  -5.744  1.00 42.69  ? 69  ALA A C   1 
ATOM   439 O  O   . ALA A 1 58 ? 2.062   20.271  -4.972  1.00 38.47  ? 69  ALA A O   1 
ATOM   440 C  CB  . ALA A 1 58 ? 2.264   19.385  -8.028  1.00 35.16  ? 69  ALA A CB  1 
ATOM   441 N  N   . ALA A 1 59 ? -0.081  19.989  -5.708  1.00 44.99  ? 70  ALA A N   1 
ATOM   442 C  CA  . ALA A 1 59 ? -0.691  20.901  -4.708  1.00 45.78  ? 70  ALA A CA  1 
ATOM   443 C  C   . ALA A 1 59 ? -0.654  20.342  -3.269  1.00 44.61  ? 70  ALA A C   1 
ATOM   444 O  O   . ALA A 1 59 ? -0.627  21.116  -2.338  1.00 47.89  ? 70  ALA A O   1 
ATOM   445 C  CB  . ALA A 1 59 ? -2.146  21.194  -5.087  1.00 47.39  ? 70  ALA A CB  1 
ATOM   446 N  N   . GLN A 1 60 ? -0.658  19.038  -3.096  1.00 38.42  ? 71  GLN A N   1 
ATOM   447 C  CA  . GLN A 1 60 ? -0.743  18.392  -1.782  1.00 38.57  ? 71  GLN A CA  1 
ATOM   448 C  C   . GLN A 1 60 ? 0.137   17.164  -1.792  1.00 38.95  ? 71  GLN A C   1 
ATOM   449 O  O   . GLN A 1 60 ? -0.357  16.030  -1.953  1.00 36.54  ? 71  GLN A O   1 
ATOM   450 C  CB  . GLN A 1 60 ? -2.199  17.958  -1.514  1.00 39.98  ? 71  GLN A CB  1 
ATOM   451 C  CG  . GLN A 1 60 ? -3.217  19.086  -1.311  1.00 46.20  ? 71  GLN A CG  1 
ATOM   452 C  CD  . GLN A 1 60 ? -2.929  20.060  -0.200  1.00 60.03  ? 71  GLN A CD  1 
ATOM   453 O  OE1 . GLN A 1 60 ? -3.285  21.234  -0.313  1.00 64.19  ? 71  GLN A OE1 1 
ATOM   454 N  NE2 . GLN A 1 60 ? -2.294  19.646  0.895   1.00 56.76  ? 71  GLN A NE2 1 
ATOM   455 N  N   . GLN A 1 61 ? 1.452   17.387  -1.610  1.00 35.84  ? 72  GLN A N   1 
ATOM   456 C  CA  . GLN A 1 61 ? 2.456   16.407  -2.006  1.00 36.93  ? 72  GLN A CA  1 
ATOM   457 C  C   . GLN A 1 61 ? 2.597   15.210  -1.099  1.00 42.49  ? 72  GLN A C   1 
ATOM   458 O  O   . GLN A 1 61 ? 3.357   14.314  -1.460  1.00 44.76  ? 72  GLN A O   1 
ATOM   459 C  CB  . GLN A 1 61 ? 3.792   17.043  -2.229  1.00 38.30  ? 72  GLN A CB  1 
ATOM   460 C  CG  . GLN A 1 61 ? 3.766   17.870  -3.447  1.00 40.08  ? 72  GLN A CG  1 
ATOM   461 C  CD  . GLN A 1 61 ? 5.107   18.392  -3.772  1.00 38.06  ? 72  GLN A CD  1 
ATOM   462 O  OE1 . GLN A 1 61 ? 6.124   17.761  -3.534  1.00 37.85  ? 72  GLN A OE1 1 
ATOM   463 N  NE2 . GLN A 1 61 ? 5.136   19.550  -4.334  1.00 37.81  ? 72  GLN A NE2 1 
ATOM   464 N  N   . HIS A 1 62 ? 1.895   15.164  0.016   1.00 36.81  ? 73  HIS A N   1 
ATOM   465 C  CA  . HIS A 1 62 ? 1.923   14.032  0.916   1.00 40.13  ? 73  HIS A CA  1 
ATOM   466 C  C   . HIS A 1 62 ? 0.578   13.205  0.854   1.00 41.74  ? 73  HIS A C   1 
ATOM   467 O  O   . HIS A 1 62 ? 0.430   12.281  1.637   1.00 40.80  ? 73  HIS A O   1 
ATOM   468 C  CB  . HIS A 1 62 ? 2.199   14.520  2.378   1.00 43.15  ? 73  HIS A CB  1 
ATOM   469 C  CG  . HIS A 1 62 ? 3.622   14.943  2.657   1.00 47.10  ? 73  HIS A CG  1 
ATOM   470 N  ND1 . HIS A 1 62 ? 4.052   16.241  2.457   1.00 50.08  ? 73  HIS A ND1 1 
ATOM   471 C  CD2 . HIS A 1 62 ? 4.653   14.215  3.131   1.00 50.17  ? 73  HIS A CD2 1 
ATOM   472 C  CE1 . HIS A 1 62 ? 5.325   16.265  2.811   1.00 50.67  ? 73  HIS A CE1 1 
ATOM   473 N  NE2 . HIS A 1 62 ? 5.724   15.058  3.242   1.00 51.33  ? 73  HIS A NE2 1 
ATOM   474 N  N   . ILE A 1 63 ? -0.374  13.543  -0.077  1.00 35.59  ? 74  ILE A N   1 
ATOM   475 C  CA  A ILE A 1 63 ? -1.681  12.895  -0.161  0.50 33.96  ? 74  ILE A CA  1 
ATOM   476 C  CA  B ILE A 1 63 ? -1.687  12.902  -0.162  0.50 33.80  ? 74  ILE A CA  1 
ATOM   477 C  C   . ILE A 1 63 ? -1.691  11.952  -1.328  1.00 35.19  ? 74  ILE A C   1 
ATOM   478 O  O   . ILE A 1 63 ? -1.374  12.359  -2.439  1.00 33.81  ? 74  ILE A O   1 
ATOM   479 C  CB  A ILE A 1 63 ? -2.833  13.939  -0.232  0.50 36.26  ? 74  ILE A CB  1 
ATOM   480 C  CB  B ILE A 1 63 ? -2.842  13.941  -0.282  0.50 35.86  ? 74  ILE A CB  1 
ATOM   481 C  CG1 A ILE A 1 63 ? -2.717  14.889  0.996   0.50 36.23  ? 74  ILE A CG1 1 
ATOM   482 C  CG1 B ILE A 1 63 ? -2.824  14.944  0.907   0.50 36.01  ? 74  ILE A CG1 1 
ATOM   483 C  CG2 A ILE A 1 63 ? -4.225  13.256  -0.297  0.50 36.02  ? 74  ILE A CG2 1 
ATOM   484 C  CG2 B ILE A 1 63 ? -4.217  13.251  -0.384  0.50 34.97  ? 74  ILE A CG2 1 
ATOM   485 C  CD1 A ILE A 1 63 ? -3.858  15.837  1.240   0.50 43.50  ? 74  ILE A CD1 1 
ATOM   486 C  CD1 B ILE A 1 63 ? -3.362  14.408  2.279   0.50 34.96  ? 74  ILE A CD1 1 
ATOM   487 N  N   . VAL A 1 64 ? -2.058  10.684  -1.078  1.00 30.80  ? 75  VAL A N   1 
ATOM   488 C  CA  . VAL A 1 64 ? -2.365  9.750   -2.162  1.00 31.60  ? 75  VAL A CA  1 
ATOM   489 C  C   . VAL A 1 64 ? -3.833  9.949   -2.539  1.00 35.31  ? 75  VAL A C   1 
ATOM   490 O  O   . VAL A 1 64 ? -4.682  9.903   -1.668  1.00 36.52  ? 75  VAL A O   1 
ATOM   491 C  CB  . VAL A 1 64 ? -2.010  8.296   -1.794  1.00 34.16  ? 75  VAL A CB  1 
ATOM   492 C  CG1 . VAL A 1 64 ? -2.443  7.310   -2.884  1.00 33.00  ? 75  VAL A CG1 1 
ATOM   493 C  CG2 . VAL A 1 64 ? -0.497  8.188   -1.525  1.00 34.89  ? 75  VAL A CG2 1 
ATOM   494 N  N   . TYR A 1 65 ? -4.105  10.190  -3.814  1.00 29.61  ? 76  TYR A N   1 
ATOM   495 C  CA  . TYR A 1 65 ? -5.444  10.312  -4.390  1.00 31.66  ? 76  TYR A CA  1 
ATOM   496 C  C   . TYR A 1 65 ? -5.854  9.038   -5.114  1.00 34.64  ? 76  TYR A C   1 
ATOM   497 O  O   . TYR A 1 65 ? -5.459  8.816   -6.234  1.00 33.79  ? 76  TYR A O   1 
ATOM   498 C  CB  . TYR A 1 65 ? -5.513  11.511  -5.340  1.00 32.81  ? 76  TYR A CB  1 
ATOM   499 C  CG  . TYR A 1 65 ? -5.396  12.793  -4.556  1.00 32.05  ? 76  TYR A CG  1 
ATOM   500 C  CD1 . TYR A 1 65 ? -6.505  13.351  -3.934  1.00 34.27  ? 76  TYR A CD1 1 
ATOM   501 C  CD2 . TYR A 1 65 ? -4.169  13.424  -4.394  1.00 31.26  ? 76  TYR A CD2 1 
ATOM   502 C  CE1 . TYR A 1 65 ? -6.403  14.510  -3.182  1.00 34.55  ? 76  TYR A CE1 1 
ATOM   503 C  CE2 . TYR A 1 65 ? -4.050  14.586  -3.646  1.00 31.10  ? 76  TYR A CE2 1 
ATOM   504 C  CZ  . TYR A 1 65 ? -5.172  15.133  -3.044  1.00 37.20  ? 76  TYR A CZ  1 
ATOM   505 O  OH  . TYR A 1 65 ? -5.037  16.279  -2.309  1.00 40.22  ? 76  TYR A OH  1 
ATOM   506 N  N   . CYS A 1 66 ? -6.658  8.216   -4.463  1.00 31.95  ? 77  CYS A N   1 
ATOM   507 C  CA  . CYS A 1 66 ? -6.919  6.825   -4.849  1.00 30.83  ? 77  CYS A CA  1 
ATOM   508 C  C   . CYS A 1 66 ? -8.381  6.555   -5.107  1.00 33.15  ? 77  CYS A C   1 
ATOM   509 O  O   . CYS A 1 66 ? -8.765  5.385   -5.242  1.00 31.66  ? 77  CYS A O   1 
ATOM   510 C  CB  . CYS A 1 66 ? -6.325  5.865   -3.808  1.00 30.62  ? 77  CYS A CB  1 
ATOM   511 S  SG  . CYS A 1 66 ? -6.847  6.142   -2.093  1.00 33.73  ? 77  CYS A SG  1 
ATOM   512 N  N   . SER A 1 67 ? -9.217  7.615   -5.188  1.00 30.73  ? 78  SER A N   1 
ATOM   513 C  CA  . SER A 1 67 ? -10.641 7.461   -5.486  1.00 31.92  ? 78  SER A CA  1 
ATOM   514 C  C   . SER A 1 67 ? -10.830 6.847   -6.851  1.00 38.90  ? 78  SER A C   1 
ATOM   515 O  O   . SER A 1 67 ? -10.011 7.044   -7.729  1.00 40.74  ? 78  SER A O   1 
ATOM   516 C  CB  . SER A 1 67 ? -11.393 8.796   -5.443  1.00 34.75  ? 78  SER A CB  1 
ATOM   517 O  OG  . SER A 1 67 ? -11.056 9.625   -6.534  1.00 48.94  ? 78  SER A OG  1 
ATOM   518 N  N   . ASN A 1 68 ? -11.893 6.119   -7.044  1.00 36.57  ? 79  ASN A N   1 
ATOM   519 C  CA  . ASN A 1 68 ? -12.075 5.414   -8.318  1.00 40.55  ? 79  ASN A CA  1 
ATOM   520 C  C   . ASN A 1 68 ? -10.740 4.636   -8.837  1.00 43.15  ? 79  ASN A C   1 
ATOM   521 O  O   . ASN A 1 68 ? -10.463 4.592   -10.032 1.00 41.32  ? 79  ASN A O   1 
ATOM   522 C  CB  . ASN A 1 68 ? -12.621 6.442   -9.360  1.00 47.03  ? 79  ASN A CB  1 
ATOM   523 C  CG  . ASN A 1 68 ? -13.121 5.822   -10.617 1.00 62.18  ? 79  ASN A CG  1 
ATOM   524 O  OD1 . ASN A 1 68 ? -13.782 4.770   -10.600 1.00 62.35  ? 79  ASN A OD1 1 
ATOM   525 N  ND2 . ASN A 1 68 ? -12.810 6.458   -11.728 1.00 57.73  ? 79  ASN A ND2 1 
ATOM   526 N  N   . ASP A 1 69 ? -9.929  4.067   -7.916  1.00 39.39  ? 80  ASP A N   1 
ATOM   527 C  CA  . ASP A 1 69 ? -8.786  3.219   -8.266  1.00 36.30  ? 80  ASP A CA  1 
ATOM   528 C  C   . ASP A 1 69 ? -8.936  1.972   -7.429  1.00 38.33  ? 80  ASP A C   1 
ATOM   529 O  O   . ASP A 1 69 ? -9.532  2.041   -6.363  1.00 37.06  ? 80  ASP A O   1 
ATOM   530 C  CB  . ASP A 1 69 ? -7.455  3.926   -8.011  1.00 37.59  ? 80  ASP A CB  1 
ATOM   531 C  CG  . ASP A 1 69 ? -6.262  3.119   -8.523  1.00 38.81  ? 80  ASP A CG  1 
ATOM   532 O  OD1 . ASP A 1 69 ? -5.786  2.229   -7.782  1.00 35.64  ? 80  ASP A OD1 1 
ATOM   533 O  OD2 . ASP A 1 69 ? -5.817  3.368   -9.678  1.00 43.01  ? 80  ASP A OD2 1 
ATOM   534 N  N   . LEU A 1 70 ? -8.423  0.827   -7.897  1.00 37.24  ? 81  LEU A N   1 
ATOM   535 C  CA  . LEU A 1 70 ? -8.398  -0.376  -7.081  1.00 38.23  ? 81  LEU A CA  1 
ATOM   536 C  C   . LEU A 1 70 ? -7.815  -0.099  -5.670  1.00 37.70  ? 81  LEU A C   1 
ATOM   537 O  O   . LEU A 1 70 ? -8.321  -0.667  -4.684  1.00 34.28  ? 81  LEU A O   1 
ATOM   538 C  CB  . LEU A 1 70 ? -7.627  -1.517  -7.792  1.00 38.86  ? 81  LEU A CB  1 
ATOM   539 C  CG  . LEU A 1 70 ? -7.423  -2.806  -6.995  1.00 44.95  ? 81  LEU A CG  1 
ATOM   540 C  CD1 . LEU A 1 70 ? -8.753  -3.436  -6.625  1.00 44.14  ? 81  LEU A CD1 1 
ATOM   541 C  CD2 . LEU A 1 70 ? -6.561  -3.807  -7.783  1.00 50.43  ? 81  LEU A CD2 1 
ATOM   542 N  N   . LEU A 1 71 ? -6.774  0.770   -5.564  1.00 33.68  ? 82  LEU A N   1 
ATOM   543 C  CA  . LEU A 1 71 ? -6.216  1.103   -4.256  1.00 32.21  ? 82  LEU A CA  1 
ATOM   544 C  C   . LEU A 1 71 ? -7.244  1.716   -3.296  1.00 32.14  ? 82  LEU A C   1 
ATOM   545 O  O   . LEU A 1 71 ? -7.237  1.366   -2.122  1.00 28.81  ? 82  LEU A O   1 
ATOM   546 C  CB  . LEU A 1 71 ? -4.992  2.028   -4.360  1.00 31.68  ? 82  LEU A CB  1 
ATOM   547 C  CG  . LEU A 1 71 ? -4.213  2.332   -3.066  1.00 35.08  ? 82  LEU A CG  1 
ATOM   548 C  CD1 . LEU A 1 71 ? -3.789  1.077   -2.352  1.00 35.86  ? 82  LEU A CD1 1 
ATOM   549 C  CD2 . LEU A 1 71 ? -2.995  3.183   -3.360  1.00 38.46  ? 82  LEU A CD2 1 
ATOM   550 N  N   . GLY A 1 72 ? -8.068  2.625   -3.792  1.00 29.10  ? 83  GLY A N   1 
ATOM   551 C  CA  . GLY A 1 72 ? -9.111  3.244   -2.997  1.00 30.25  ? 83  GLY A CA  1 
ATOM   552 C  C   . GLY A 1 72 ? -10.144 2.239   -2.513  1.00 33.87  ? 83  GLY A C   1 
ATOM   553 O  O   . GLY A 1 72 ? -10.576 2.301   -1.366  1.00 30.83  ? 83  GLY A O   1 
ATOM   554 N  N   . ASP A 1 73 ? -10.523 1.295   -3.369  1.00 33.71  ? 84  ASP A N   1 
ATOM   555 C  CA  . ASP A 1 73 ? -11.420 0.190   -2.964  1.00 33.60  ? 84  ASP A CA  1 
ATOM   556 C  C   . ASP A 1 73 ? -10.825 -0.677  -1.860  1.00 36.47  ? 84  ASP A C   1 
ATOM   557 O  O   . ASP A 1 73 ? -11.535 -1.003  -0.926  1.00 35.89  ? 84  ASP A O   1 
ATOM   558 C  CB  . ASP A 1 73 ? -11.813 -0.703  -4.160  1.00 35.08  ? 84  ASP A CB  1 
ATOM   559 C  CG  . ASP A 1 73 ? -12.463 0.020   -5.327  1.00 42.94  ? 84  ASP A CG  1 
ATOM   560 O  OD1 . ASP A 1 73 ? -13.091 1.076   -5.104  1.00 42.17  ? 84  ASP A OD1 1 
ATOM   561 O  OD2 . ASP A 1 73 ? -12.339 -0.465  -6.445  1.00 42.51  ? 84  ASP A OD2 1 
ATOM   562 N  N   . LEU A 1 74 ? -9.520  -1.046  -1.967  1.00 33.24  ? 85  LEU A N   1 
ATOM   563 C  CA  . LEU A 1 74 ? -8.844  -1.868  -0.979  1.00 33.28  ? 85  LEU A CA  1 
ATOM   564 C  C   . LEU A 1 74 ? -8.737  -1.184  0.364   1.00 35.56  ? 85  LEU A C   1 
ATOM   565 O  O   . LEU A 1 74 ? -8.930  -1.828  1.408   1.00 33.83  ? 85  LEU A O   1 
ATOM   566 C  CB  . LEU A 1 74 ? -7.434  -2.292  -1.464  1.00 33.43  ? 85  LEU A CB  1 
ATOM   567 C  CG  . LEU A 1 74 ? -7.425  -3.166  -2.737  1.00 38.57  ? 85  LEU A CG  1 
ATOM   568 C  CD1 . LEU A 1 74 ? -6.086  -3.675  -3.030  1.00 39.43  ? 85  LEU A CD1 1 
ATOM   569 C  CD2 . LEU A 1 74 ? -8.367  -4.350  -2.646  1.00 44.22  ? 85  LEU A CD2 1 
ATOM   570 N  N   . PHE A 1 75 ? -8.468  0.102   0.344   1.00 30.16  ? 86  PHE A N   1 
ATOM   571 C  CA  . PHE A 1 75 ? -8.146  0.849   1.568   1.00 31.42  ? 86  PHE A CA  1 
ATOM   572 C  C   . PHE A 1 75 ? -9.397  1.495   2.171   1.00 34.84  ? 86  PHE A C   1 
ATOM   573 O  O   . PHE A 1 75 ? -9.355  1.899   3.335   1.00 36.23  ? 86  PHE A O   1 
ATOM   574 C  CB  . PHE A 1 75 ? -7.079  1.936   1.231   1.00 32.96  ? 86  PHE A CB  1 
ATOM   575 C  CG  . PHE A 1 75 ? -5.631  1.541   1.277   1.00 31.62  ? 86  PHE A CG  1 
ATOM   576 C  CD1 . PHE A 1 75 ? -5.245  0.208   1.234   1.00 33.89  ? 86  PHE A CD1 1 
ATOM   577 C  CD2 . PHE A 1 75 ? -4.647  2.503   1.413   1.00 32.67  ? 86  PHE A CD2 1 
ATOM   578 C  CE1 . PHE A 1 75 ? -3.877  -0.146  1.336   1.00 33.98  ? 86  PHE A CE1 1 
ATOM   579 C  CE2 . PHE A 1 75 ? -3.294  2.153   1.485   1.00 35.86  ? 86  PHE A CE2 1 
ATOM   580 C  CZ  . PHE A 1 75 ? -2.914  0.836   1.449   1.00 33.79  ? 86  PHE A CZ  1 
ATOM   581 N  N   . GLY A 1 76 ? -10.459 1.583   1.386   1.00 30.37  ? 87  GLY A N   1 
ATOM   582 C  CA  . GLY A 1 76 ? -11.760 2.100   1.798   1.00 31.48  ? 87  GLY A CA  1 
ATOM   583 C  C   . GLY A 1 76 ? -11.867 3.602   1.941   1.00 36.63  ? 87  GLY A C   1 
ATOM   584 O  O   . GLY A 1 76 ? -12.735 4.086   2.669   1.00 36.84  ? 87  GLY A O   1 
ATOM   585 N  N   . VAL A 1 77 ? -10.986 4.343   1.244   1.00 33.38  ? 88  VAL A N   1 
ATOM   586 C  CA  . VAL A 1 77 ? -10.857 5.798   1.340   1.00 34.31  ? 88  VAL A CA  1 
ATOM   587 C  C   . VAL A 1 77 ? -10.583 6.402   -0.069  1.00 36.60  ? 88  VAL A C   1 
ATOM   588 O  O   . VAL A 1 77 ? -9.938  5.777   -0.908  1.00 33.84  ? 88  VAL A O   1 
ATOM   589 C  CB  . VAL A 1 77 ? -9.747  6.235   2.366   1.00 37.68  ? 88  VAL A CB  1 
ATOM   590 C  CG1 . VAL A 1 77 ? -10.058 5.729   3.768   1.00 37.05  ? 88  VAL A CG1 1 
ATOM   591 C  CG2 . VAL A 1 77 ? -8.354  5.766   1.936   1.00 37.71  ? 88  VAL A CG2 1 
ATOM   592 N  N   . PRO A 1 78 ? -11.076 7.626   -0.325  1.00 35.07  ? 89  PRO A N   1 
ATOM   593 C  CA  . PRO A 1 78 ? -10.743 8.312   -1.589  1.00 34.11  ? 89  PRO A CA  1 
ATOM   594 C  C   . PRO A 1 78 ? -9.334  8.910   -1.636  1.00 35.08  ? 89  PRO A C   1 
ATOM   595 O  O   . PRO A 1 78 ? -8.823  9.188   -2.712  1.00 35.06  ? 89  PRO A O   1 
ATOM   596 C  CB  . PRO A 1 78 ? -11.788 9.423   -1.656  1.00 36.32  ? 89  PRO A CB  1 
ATOM   597 C  CG  . PRO A 1 78 ? -12.139 9.690   -0.235  1.00 39.17  ? 89  PRO A CG  1 
ATOM   598 C  CD  . PRO A 1 78 ? -11.966 8.443   0.524   1.00 35.68  ? 89  PRO A CD  1 
ATOM   599 N  N   . SER A 1 79 ? -8.732  9.118   -0.476  1.00 31.72  ? 90  SER A N   1 
ATOM   600 C  CA  . SER A 1 79 ? -7.419  9.688   -0.303  1.00 32.61  ? 90  SER A CA  1 
ATOM   601 C  C   . SER A 1 79 ? -6.896  9.419   1.122   1.00 37.78  ? 90  SER A C   1 
ATOM   602 O  O   . SER A 1 79 ? -7.686  9.134   2.020   1.00 37.24  ? 90  SER A O   1 
ATOM   603 C  CB  . SER A 1 79 ? -7.464  11.207  -0.549  1.00 34.99  ? 90  SER A CB  1 
ATOM   604 O  OG  . SER A 1 79 ? -8.174  11.850  0.499   1.00 36.30  ? 90  SER A OG  1 
ATOM   605 N  N   . PHE A 1 80 ? -5.568  9.521   1.306   1.00 35.22  ? 91  PHE A N   1 
ATOM   606 C  CA  . PHE A 1 80 ? -4.885  9.406   2.591   1.00 33.67  ? 91  PHE A CA  1 
ATOM   607 C  C   . PHE A 1 80 ? -3.504  10.095  2.584   1.00 35.96  ? 91  PHE A C   1 
ATOM   608 O  O   . PHE A 1 80 ? -2.892  10.304  1.526   1.00 34.81  ? 91  PHE A O   1 
ATOM   609 C  CB  . PHE A 1 80 ? -4.722  7.938   3.011   1.00 33.79  ? 91  PHE A CB  1 
ATOM   610 C  CG  . PHE A 1 80 ? -3.858  7.087   2.098   1.00 32.57  ? 91  PHE A CG  1 
ATOM   611 C  CD1 . PHE A 1 80 ? -4.401  6.473   0.963   1.00 32.04  ? 91  PHE A CD1 1 
ATOM   612 C  CD2 . PHE A 1 80 ? -2.514  6.876   2.385   1.00 31.24  ? 91  PHE A CD2 1 
ATOM   613 C  CE1 . PHE A 1 80 ? -3.605  5.695   0.126   1.00 30.68  ? 91  PHE A CE1 1 
ATOM   614 C  CE2 . PHE A 1 80 ? -1.728  6.088   1.565   1.00 34.12  ? 91  PHE A CE2 1 
ATOM   615 C  CZ  . PHE A 1 80 ? -2.270  5.517   0.423   1.00 33.84  ? 91  PHE A CZ  1 
ATOM   616 N  N   . SER A 1 81 ? -3.016  10.394  3.783   1.00 33.29  ? 92  SER A N   1 
ATOM   617 C  CA  . SER A 1 81 ? -1.711  10.975  4.036   1.00 33.76  ? 92  SER A CA  1 
ATOM   618 C  C   . SER A 1 81 ? -0.642  9.918   4.222   1.00 37.42  ? 92  SER A C   1 
ATOM   619 O  O   . SER A 1 81 ? -0.778  9.012   5.044   1.00 36.22  ? 92  SER A O   1 
ATOM   620 C  CB  . SER A 1 81 ? -1.733  11.856  5.275   1.00 38.03  ? 92  SER A CB  1 
ATOM   621 O  OG  . SER A 1 81 ? -0.415  12.325  5.509   1.00 45.69  ? 92  SER A OG  1 
ATOM   622 N  N   . VAL A 1 82 ? 0.443   10.060  3.475   1.00 36.70  ? 93  VAL A N   1 
ATOM   623 C  CA  . VAL A 1 82 ? 1.617   9.180   3.593   1.00 37.11  ? 93  VAL A CA  1 
ATOM   624 C  C   . VAL A 1 82 ? 2.356   9.321   4.913   1.00 42.09  ? 93  VAL A C   1 
ATOM   625 O  O   . VAL A 1 82 ? 3.163   8.453   5.208   1.00 43.38  ? 93  VAL A O   1 
ATOM   626 C  CB  . VAL A 1 82 ? 2.593   9.360   2.400   1.00 40.32  ? 93  VAL A CB  1 
ATOM   627 C  CG1 . VAL A 1 82 ? 1.870   9.135   1.077   1.00 40.57  ? 93  VAL A CG1 1 
ATOM   628 C  CG2 . VAL A 1 82 ? 3.354   10.721  2.456   1.00 40.10  ? 93  VAL A CG2 1 
ATOM   629 N  N   . LYS A 1 83 ? 2.090   10.391  5.686   1.00 38.96  ? 94  LYS A N   1 
ATOM   630 C  CA  . LYS A 1 83 ? 2.675   10.623  7.001   1.00 41.43  ? 94  LYS A CA  1 
ATOM   631 C  C   . LYS A 1 83 ? 2.005   9.770   8.113   1.00 45.42  ? 94  LYS A C   1 
ATOM   632 O  O   . LYS A 1 83 ? 2.571   9.623   9.202   1.00 43.09  ? 94  LYS A O   1 
ATOM   633 C  CB  . LYS A 1 83 ? 2.556   12.111  7.359   1.00 43.52  ? 94  LYS A CB  1 
ATOM   634 C  CG  . LYS A 1 83 ? 3.305   13.011  6.399   1.00 45.88  ? 94  LYS A CG  1 
ATOM   635 C  CD  . LYS A 1 83 ? 3.601   14.405  6.982   1.00 70.10  ? 94  LYS A CD  1 
ATOM   636 C  CE  . LYS A 1 83 ? 2.415   15.347  6.902   1.00 89.73  ? 94  LYS A CE  1 
ATOM   637 N  NZ  . LYS A 1 83 ? 2.793   16.748  7.244   1.00 101.09 ? 94  LYS A NZ  1 
ATOM   638 N  N   . GLU A 1 84 ? 0.823   9.214   7.844   1.00 38.16  ? 95  GLU A N   1 
ATOM   639 C  CA  . GLU A 1 84 ? 0.079   8.453   8.845   1.00 39.25  ? 95  GLU A CA  1 
ATOM   640 C  C   . GLU A 1 84 ? 0.399   6.961   8.697   1.00 38.81  ? 95  GLU A C   1 
ATOM   641 O  O   . GLU A 1 84 ? -0.403  6.209   8.173   1.00 35.53  ? 95  GLU A O   1 
ATOM   642 C  CB  . GLU A 1 84 ? -1.430  8.721   8.659   1.00 40.95  ? 95  GLU A CB  1 
ATOM   643 C  CG  . GLU A 1 84 ? -1.832  10.154  8.999   1.00 49.74  ? 95  GLU A CG  1 
ATOM   644 C  CD  . GLU A 1 84 ? -1.760  10.556  10.458  1.00 85.12  ? 95  GLU A CD  1 
ATOM   645 O  OE1 . GLU A 1 84 ? -1.686  9.666   11.341  1.00 92.97  ? 95  GLU A OE1 1 
ATOM   646 O  OE2 . GLU A 1 84 ? -1.782  11.782  10.714  1.00 83.94  ? 95  GLU A OE2 1 
ATOM   647 N  N   . HIS A 1 85 ? 1.575   6.545   9.158   1.00 39.53  ? 96  HIS A N   1 
ATOM   648 C  CA  . HIS A 1 85 ? 2.081   5.200   8.852   1.00 39.78  ? 96  HIS A CA  1 
ATOM   649 C  C   . HIS A 1 85 ? 1.282   4.101   9.519   1.00 38.22  ? 96  HIS A C   1 
ATOM   650 O  O   . HIS A 1 85 ? 1.079   3.080   8.883   1.00 35.21  ? 96  HIS A O   1 
ATOM   651 C  CB  . HIS A 1 85 ? 3.565   5.039   9.229   1.00 41.51  ? 96  HIS A CB  1 
ATOM   652 C  CG  . HIS A 1 85 ? 4.507   5.820   8.363   1.00 48.17  ? 96  HIS A CG  1 
ATOM   653 N  ND1 . HIS A 1 85 ? 5.864   5.520   8.317   1.00 52.66  ? 96  HIS A ND1 1 
ATOM   654 C  CD2 . HIS A 1 85 ? 4.274   6.870   7.547   1.00 51.24  ? 96  HIS A CD2 1 
ATOM   655 C  CE1 . HIS A 1 85 ? 6.402   6.391   7.478   1.00 52.07  ? 96  HIS A CE1 1 
ATOM   656 N  NE2 . HIS A 1 85 ? 5.479   7.216   6.988   1.00 52.24  ? 96  HIS A NE2 1 
ATOM   657 N  N   . ARG A 1 86 ? 0.838   4.299   10.785  1.00 35.28  ? 97  ARG A N   1 
ATOM   658 C  CA  . ARG A 1 86 ? 0.014   3.293   11.493  1.00 35.29  ? 97  ARG A CA  1 
ATOM   659 C  C   . ARG A 1 86 ? -1.328  3.129   10.787  1.00 34.25  ? 97  ARG A C   1 
ATOM   660 O  O   . ARG A 1 86 ? -1.770  2.006   10.518  1.00 31.62  ? 97  ARG A O   1 
ATOM   661 C  CB  . ARG A 1 86 ? -0.145  3.659   12.988  1.00 33.63  ? 97  ARG A CB  1 
ATOM   662 C  CG  . ARG A 1 86 ? -1.103  2.793   13.809  1.00 36.61  ? 97  ARG A CG  1 
ATOM   663 C  CD  . ARG A 1 86 ? -0.781  1.309   13.710  1.00 37.35  ? 97  ARG A CD  1 
ATOM   664 N  NE  . ARG A 1 86 ? 0.549   1.018   14.254  1.00 41.28  ? 97  ARG A NE  1 
ATOM   665 C  CZ  . ARG A 1 86 ? 1.301   -0.039  13.961  1.00 36.68  ? 97  ARG A CZ  1 
ATOM   666 N  NH1 . ARG A 1 86 ? 2.486   -0.187  14.528  1.00 38.68  ? 97  ARG A NH1 1 
ATOM   667 N  NH2 . ARG A 1 86 ? 0.872   -0.959  13.102  1.00 34.07  ? 97  ARG A NH2 1 
ATOM   668 N  N   . LYS A 1 87 ? -1.980  4.247   10.463  1.00 35.01  ? 98  LYS A N   1 
ATOM   669 C  CA  . LYS A 1 87 ? -3.275  4.186   9.745   1.00 34.51  ? 98  LYS A CA  1 
ATOM   670 C  C   . LYS A 1 87 ? -3.109  3.448   8.414   1.00 34.26  ? 98  LYS A C   1 
ATOM   671 O  O   . LYS A 1 87 ? -3.966  2.657   8.066   1.00 32.44  ? 98  LYS A O   1 
ATOM   672 C  CB  . LYS A 1 87 ? -3.884  5.569   9.527   1.00 37.10  ? 98  LYS A CB  1 
ATOM   673 C  CG  . LYS A 1 87 ? -4.383  6.236   10.793  1.00 53.42  ? 98  LYS A CG  1 
ATOM   674 C  CD  . LYS A 1 87 ? -4.834  7.684   10.527  1.00 59.63  ? 98  LYS A CD  1 
ATOM   675 C  CE  . LYS A 1 87 ? -5.430  8.371   11.734  1.00 76.81  ? 98  LYS A CE  1 
ATOM   676 N  NZ  . LYS A 1 87 ? -6.068  9.664   11.354  1.00 95.74  ? 98  LYS A NZ  1 
ATOM   677 N  N   . ILE A 1 88 ? -2.005  3.668   7.695   1.00 32.94  ? 99  ILE A N   1 
ATOM   678 C  CA  . ILE A 1 88 ? -1.709  2.932   6.457   1.00 32.49  ? 99  ILE A CA  1 
ATOM   679 C  C   . ILE A 1 88 ? -1.467  1.439   6.717   1.00 37.23  ? 99  ILE A C   1 
ATOM   680 O  O   . ILE A 1 88 ? -1.961  0.609   5.949   1.00 35.38  ? 99  ILE A O   1 
ATOM   681 C  CB  . ILE A 1 88 ? -0.521  3.535   5.695   1.00 35.49  ? 99  ILE A CB  1 
ATOM   682 C  CG1 . ILE A 1 88 ? -0.872  4.931   5.187   1.00 36.28  ? 99  ILE A CG1 1 
ATOM   683 C  CG2 . ILE A 1 88 ? -0.054  2.596   4.565   1.00 33.66  ? 99  ILE A CG2 1 
ATOM   684 C  CD1 . ILE A 1 88 ? 0.404   5.768   4.752   1.00 37.57  ? 99  ILE A CD1 1 
ATOM   685 N  N   . TYR A 1 89 ? -0.697  1.101   7.772   1.00 34.97  ? 100 TYR A N   1 
ATOM   686 C  CA  . TYR A 1 89 ? -0.526  -0.309  8.146   1.00 34.01  ? 100 TYR A CA  1 
ATOM   687 C  C   . TYR A 1 89 ? -1.886  -1.007  8.412   1.00 35.65  ? 100 TYR A C   1 
ATOM   688 O  O   . TYR A 1 89 ? -2.126  -2.121  7.917   1.00 34.03  ? 100 TYR A O   1 
ATOM   689 C  CB  . TYR A 1 89 ? 0.476   -0.480  9.317   1.00 34.01  ? 100 TYR A CB  1 
ATOM   690 C  CG  . TYR A 1 89 ? 1.889   -0.746  8.846   1.00 35.35  ? 100 TYR A CG  1 
ATOM   691 C  CD1 . TYR A 1 89 ? 2.541   0.144   7.999   1.00 37.69  ? 100 TYR A CD1 1 
ATOM   692 C  CD2 . TYR A 1 89 ? 2.559   -1.906  9.214   1.00 35.82  ? 100 TYR A CD2 1 
ATOM   693 C  CE1 . TYR A 1 89 ? 3.837   -0.102  7.550   1.00 41.57  ? 100 TYR A CE1 1 
ATOM   694 C  CE2 . TYR A 1 89 ? 3.858   -2.160  8.782   1.00 36.24  ? 100 TYR A CE2 1 
ATOM   695 C  CZ  . TYR A 1 89 ? 4.492   -1.258  7.942   1.00 42.98  ? 100 TYR A CZ  1 
ATOM   696 O  OH  . TYR A 1 89 ? 5.756   -1.489  7.486   1.00 38.92  ? 100 TYR A OH  1 
ATOM   697 N  N   . THR A 1 90 ? -2.761  -0.341  9.164   1.00 31.01  ? 101 THR A N   1 
ATOM   698 C  CA  . THR A 1 90 ? -4.115  -0.837  9.445   1.00 31.26  ? 101 THR A CA  1 
ATOM   699 C  C   . THR A 1 90 ? -4.886  -1.116  8.169   1.00 33.70  ? 101 THR A C   1 
ATOM   700 O  O   . THR A 1 90 ? -5.523  -2.175  8.076   1.00 32.17  ? 101 THR A O   1 
ATOM   701 C  CB  . THR A 1 90 ? -4.878  0.134   10.364  1.00 34.52  ? 101 THR A CB  1 
ATOM   702 O  OG1 . THR A 1 90 ? -4.165  0.217   11.611  1.00 36.34  ? 101 THR A OG1 1 
ATOM   703 C  CG2 . THR A 1 90 ? -6.345  -0.296  10.591  1.00 33.43  ? 101 THR A CG2 1 
ATOM   704 N  N   . MET A 1 91 ? -4.828  -0.178  7.185   1.00 31.24  ? 102 MET A N   1 
ATOM   705 C  CA  . MET A 1 91 ? -5.467  -0.375  5.881   1.00 30.79  ? 102 MET A CA  1 
ATOM   706 C  C   . MET A 1 91 ? -4.893  -1.564  5.125   1.00 36.74  ? 102 MET A C   1 
ATOM   707 O  O   . MET A 1 91 ? -5.648  -2.286  4.460   1.00 34.66  ? 102 MET A O   1 
ATOM   708 C  CB  . MET A 1 91 ? -5.446  0.918   5.033   1.00 31.15  ? 102 MET A CB  1 
ATOM   709 C  CG  . MET A 1 91 ? -6.314  2.012   5.645   1.00 33.53  ? 102 MET A CG  1 
ATOM   710 S  SD  . MET A 1 91 ? -6.510  3.551   4.685   1.00 36.38  ? 102 MET A SD  1 
ATOM   711 C  CE  . MET A 1 91 ? -5.004  4.219   4.804   1.00 33.47  ? 102 MET A CE  1 
ATOM   712 N  N   . ILE A 1 92 ? -3.572  -1.773  5.216   1.00 35.54  ? 103 ILE A N   1 
ATOM   713 C  CA  . ILE A 1 92 ? -2.920  -2.947  4.612   1.00 33.88  ? 103 ILE A CA  1 
ATOM   714 C  C   . ILE A 1 92 ? -3.302  -4.222  5.374   1.00 36.69  ? 103 ILE A C   1 
ATOM   715 O  O   . ILE A 1 92 ? -3.562  -5.208  4.711   1.00 35.86  ? 103 ILE A O   1 
ATOM   716 C  CB  . ILE A 1 92 ? -1.392  -2.751  4.447   1.00 35.63  ? 103 ILE A CB  1 
ATOM   717 C  CG1 . ILE A 1 92 ? -1.104  -1.561  3.470   1.00 35.60  ? 103 ILE A CG1 1 
ATOM   718 C  CG2 . ILE A 1 92 ? -0.716  -4.062  3.948   1.00 35.49  ? 103 ILE A CG2 1 
ATOM   719 C  CD1 . ILE A 1 92 ? 0.318   -1.048  3.496   1.00 41.46  ? 103 ILE A CD1 1 
ATOM   720 N  N   . TYR A 1 93 ? -3.363  -4.218  6.738   1.00 34.99  ? 104 TYR A N   1 
ATOM   721 C  CA  . TYR A 1 93 ? -3.759  -5.424  7.495   1.00 35.36  ? 104 TYR A CA  1 
ATOM   722 C  C   . TYR A 1 93 ? -5.127  -5.943  7.070   1.00 41.55  ? 104 TYR A C   1 
ATOM   723 O  O   . TYR A 1 93 ? -5.331  -7.156  7.019   1.00 40.91  ? 104 TYR A O   1 
ATOM   724 C  CB  . TYR A 1 93 ? -3.712  -5.203  9.023   1.00 35.86  ? 104 TYR A CB  1 
ATOM   725 C  CG  . TYR A 1 93 ? -2.298  -5.205  9.548   1.00 36.04  ? 104 TYR A CG  1 
ATOM   726 C  CD1 . TYR A 1 93 ? -1.450  -6.277  9.304   1.00 38.05  ? 104 TYR A CD1 1 
ATOM   727 C  CD2 . TYR A 1 93 ? -1.805  -4.138  10.295  1.00 35.69  ? 104 TYR A CD2 1 
ATOM   728 C  CE1 . TYR A 1 93 ? -0.139  -6.272  9.750   1.00 39.04  ? 104 TYR A CE1 1 
ATOM   729 C  CE2 . TYR A 1 93 ? -0.491  -4.129  10.759  1.00 34.68  ? 104 TYR A CE2 1 
ATOM   730 C  CZ  . TYR A 1 93 ? 0.340   -5.199  10.474  1.00 42.00  ? 104 TYR A CZ  1 
ATOM   731 O  OH  . TYR A 1 93 ? 1.639   -5.262  10.890  1.00 43.35  ? 104 TYR A OH  1 
ATOM   732 N  N   . ARG A 1 94 ? -6.056  -5.026  6.739   1.00 38.34  ? 105 ARG A N   1 
ATOM   733 C  CA  . ARG A 1 94 ? -7.377  -5.390  6.197   1.00 39.16  ? 105 ARG A CA  1 
ATOM   734 C  C   . ARG A 1 94 ? -7.313  -6.175  4.898   1.00 40.24  ? 105 ARG A C   1 
ATOM   735 O  O   . ARG A 1 94 ? -8.291  -6.809  4.565   1.00 40.18  ? 105 ARG A O   1 
ATOM   736 C  CB  . ARG A 1 94 ? -8.253  -4.133  5.961   1.00 38.53  ? 105 ARG A CB  1 
ATOM   737 C  CG  . ARG A 1 94 ? -8.696  -3.371  7.216   1.00 49.59  ? 105 ARG A CG  1 
ATOM   738 C  CD  . ARG A 1 94 ? -9.666  -2.231  6.885   1.00 65.88  ? 105 ARG A CD  1 
ATOM   739 N  NE  . ARG A 1 94 ? -10.075 -1.512  8.104   1.00 79.09  ? 105 ARG A NE  1 
ATOM   740 C  CZ  . ARG A 1 94 ? -9.732  -0.270  8.467   1.00 92.81  ? 105 ARG A CZ  1 
ATOM   741 N  NH1 . ARG A 1 94 ? -8.934  0.471   7.693   1.00 82.09  ? 105 ARG A NH1 1 
ATOM   742 N  NH2 . ARG A 1 94 ? -10.186 0.244   9.607   1.00 69.00  ? 105 ARG A NH2 1 
ATOM   743 N  N   . ASN A 1 95 ? -6.196  -6.117  4.172   1.00 35.10  ? 106 ASN A N   1 
ATOM   744 C  CA  . ASN A 1 95 ? -5.969  -6.781  2.897   1.00 33.88  ? 106 ASN A CA  1 
ATOM   745 C  C   . ASN A 1 95 ? -4.941  -7.896  2.983   1.00 40.34  ? 106 ASN A C   1 
ATOM   746 O  O   . ASN A 1 95 ? -4.483  -8.370  1.941   1.00 40.05  ? 106 ASN A O   1 
ATOM   747 C  CB  . ASN A 1 95 ? -5.538  -5.732  1.868   1.00 39.14  ? 106 ASN A CB  1 
ATOM   748 C  CG  . ASN A 1 95 ? -6.682  -4.808  1.519   1.00 39.71  ? 106 ASN A CG  1 
ATOM   749 O  OD1 . ASN A 1 95 ? -7.521  -5.159  0.684   1.00 33.47  ? 106 ASN A OD1 1 
ATOM   750 N  ND2 . ASN A 1 95 ? -6.762  -3.637  2.155   1.00 34.80  ? 106 ASN A ND2 1 
ATOM   751 N  N   . LEU A 1 96 ? -4.562  -8.330  4.212   1.00 38.01  ? 107 LEU A N   1 
ATOM   752 C  CA  . LEU A 1 96 ? -3.709  -9.514  4.395   1.00 38.39  ? 107 LEU A CA  1 
ATOM   753 C  C   . LEU A 1 96 ? -4.533  -10.671 4.896   1.00 41.87  ? 107 LEU A C   1 
ATOM   754 O  O   . LEU A 1 96 ? -5.469  -10.491 5.700   1.00 40.86  ? 107 LEU A O   1 
ATOM   755 C  CB  . LEU A 1 96 ? -2.541  -9.234  5.346   1.00 37.51  ? 107 LEU A CB  1 
ATOM   756 C  CG  . LEU A 1 96 ? -1.721  -7.976  4.988   1.00 39.16  ? 107 LEU A CG  1 
ATOM   757 C  CD1 . LEU A 1 96 ? -0.658  -7.656  6.044   1.00 38.83  ? 107 LEU A CD1 1 
ATOM   758 C  CD2 . LEU A 1 96 ? -1.122  -8.075  3.597   1.00 36.74  ? 107 LEU A CD2 1 
ATOM   759 N  N   . VAL A 1 97 ? -4.185  -11.874 4.419   1.00 39.75  ? 108 VAL A N   1 
ATOM   760 C  CA  . VAL A 1 97 ? -4.844  -13.116 4.870   1.00 46.73  ? 108 VAL A CA  1 
ATOM   761 C  C   . VAL A 1 97 ? -4.640  -13.295 6.394   1.00 46.11  ? 108 VAL A C   1 
ATOM   762 O  O   . VAL A 1 97 ? -3.555  -12.892 6.865   1.00 46.34  ? 108 VAL A O   1 
ATOM   763 C  CB  . VAL A 1 97 ? -4.333  -14.349 4.080   1.00 49.03  ? 108 VAL A CB  1 
ATOM   764 C  CG1 . VAL A 1 97 ? -4.816  -15.642 4.723   1.00 48.14  ? 108 VAL A CG1 1 
ATOM   765 C  CG2 . VAL A 1 97 ? -4.736  -14.269 2.605   1.00 49.45  ? 108 VAL A CG2 1 
HETATM 766 S  S   . SO4 B 2 .  ? 2.327   19.541  1.291   1.00 52.42  ? 201 SO4 A S   1 
HETATM 767 O  O1  . SO4 B 2 .  ? 1.001   19.362  1.741   1.00 52.98  ? 201 SO4 A O1  1 
HETATM 768 O  O2  . SO4 B 2 .  ? 2.269   19.907  -0.229  1.00 52.18  ? 201 SO4 A O2  1 
HETATM 769 O  O3  . SO4 B 2 .  ? 3.255   18.431  1.371   1.00 44.38  ? 201 SO4 A O3  1 
HETATM 770 O  O4  . SO4 B 2 .  ? 2.815   20.593  2.152   1.00 61.53  ? 201 SO4 A O4  1 
HETATM 771 S  S   . SO4 C 2 .  ? 1.238   3.110   17.000  0.50 64.04  ? 202 SO4 A S   1 
HETATM 772 O  O1  . SO4 C 2 .  ? 0.300   4.229   17.163  0.50 64.61  ? 202 SO4 A O1  1 
HETATM 773 O  O2  . SO4 C 2 .  ? 0.535   1.848   17.245  0.50 63.72  ? 202 SO4 A O2  1 
HETATM 774 O  O3  . SO4 C 2 .  ? 1.758   3.126   15.655  0.50 62.56  ? 202 SO4 A O3  1 
HETATM 775 O  O4  . SO4 C 2 .  ? 2.352   3.261   17.945  0.50 67.14  ? 202 SO4 A O4  1 
HETATM 776 C  C1  . TUZ D 3 .  ? 2.184   11.057  -2.378  1.00 39.50  ? 203 TUZ A C1  1 
HETATM 777 C  C2  . TUZ D 3 .  ? 3.711   11.002  -2.387  1.00 41.87  ? 203 TUZ A C2  1 
HETATM 778 C  C3  . TUZ D 3 .  ? 4.246   11.548  -3.707  1.00 40.65  ? 203 TUZ A C3  1 
HETATM 779 C  C5  . TUZ D 3 .  ? 4.232   9.606   -2.036  1.00 39.34  ? 203 TUZ A C5  1 
HETATM 780 C  C6  . TUZ D 3 .  ? 4.969   9.399   -0.868  1.00 35.18  ? 203 TUZ A C6  1 
HETATM 781 C  C7  . TUZ D 3 .  ? 5.417   8.122   -0.531  1.00 36.85  ? 203 TUZ A C7  1 
HETATM 782 C  C8  . TUZ D 3 .  ? 6.188   7.661   0.647   1.00 41.88  ? 203 TUZ A C8  1 
HETATM 783 O  O9  . TUZ D 3 .  ? 6.608   8.309   1.580   1.00 43.46  ? 203 TUZ A O9  1 
HETATM 784 C  C11 . TUZ D 3 .  ? 7.012   5.487   1.496   1.00 35.85  ? 203 TUZ A C11 1 
HETATM 785 C  C12 . TUZ D 3 .  ? 6.116   5.002   2.613   1.00 33.16  ? 203 TUZ A C12 1 
HETATM 786 C  C13 . TUZ D 3 .  ? 5.113   5.791   3.147   1.00 32.40  ? 203 TUZ A C13 1 
HETATM 787 C  C14 . TUZ D 3 .  ? 4.335   5.273   4.169   1.00 36.12  ? 203 TUZ A C14 1 
HETATM 788 C  C15 . TUZ D 3 .  ? 4.598   4.000   4.627   1.00 37.79  ? 203 TUZ A C15 1 
HETATM 789 N  N18 . TUZ D 3 .  ? 6.365   3.757   3.056   1.00 38.73  ? 203 TUZ A N18 1 
HETATM 790 C  C19 . TUZ D 3 .  ? 5.668   5.788   -0.668  1.00 35.18  ? 203 TUZ A C19 1 
HETATM 791 C  C21 . TUZ D 3 .  ? 7.790   5.571   -1.845  1.00 43.79  ? 203 TUZ A C21 1 
HETATM 792 C  C22 . TUZ D 3 .  ? 8.231   4.753   -3.052  1.00 48.85  ? 203 TUZ A C22 1 
HETATM 793 C  C23 . TUZ D 3 .  ? 7.580   5.114   -4.366  1.00 49.96  ? 203 TUZ A C23 1 
HETATM 794 C  C24 . TUZ D 3 .  ? 9.006   5.482   -4.124  1.00 50.34  ? 203 TUZ A C24 1 
HETATM 795 C  C25 . TUZ D 3 .  ? 8.592   3.281   -2.870  1.00 52.81  ? 203 TUZ A C25 1 
HETATM 796 C  C28 . TUZ D 3 .  ? 5.150   7.037   -1.342  1.00 33.11  ? 203 TUZ A C28 1 
HETATM 797 C  C31 . TUZ D 3 .  ? 3.931   8.505   -2.837  1.00 36.95  ? 203 TUZ A C31 1 
HETATM 798 C  C35 . TUZ D 3 .  ? 2.124   3.555   0.451   1.00 34.86  ? 203 TUZ A C35 1 
HETATM 799 C  C37 . TUZ D 3 .  ? 2.088   4.932   0.484   1.00 33.38  ? 203 TUZ A C37 1 
HETATM 800 C  C38 . TUZ D 3 .  ? 3.225   5.648   0.141   1.00 31.10  ? 203 TUZ A C38 1 
HETATM 801 O  O4  . TUZ D 3 .  ? 4.131   11.878  -1.327  1.00 41.55  ? 203 TUZ A O4  1 
HETATM 802 N  N10 . TUZ D 3 .  ? 6.348   6.323   0.492   1.00 41.07  ? 203 TUZ A N10 1 
HETATM 803 CL CL1 . TUZ D 3 .  ? 3.623   3.321   5.923   1.00 40.33  ? 203 TUZ A CL1 1 
HETATM 804 C  C17 . TUZ D 3 .  ? 5.613   3.278   4.057   1.00 37.30  ? 203 TUZ A C17 1 
HETATM 805 O  O20 . TUZ D 3 .  ? 6.553   4.953   -1.440  1.00 38.24  ? 203 TUZ A O20 1 
HETATM 806 O  O26 . TUZ D 3 .  ? 8.854   2.597   -3.859  1.00 56.91  ? 203 TUZ A O26 1 
HETATM 807 N  N27 . TUZ D 3 .  ? 8.607   2.786   -1.641  1.00 54.60  ? 203 TUZ A N27 1 
HETATM 808 C  C29 . TUZ D 3 .  ? 4.370   7.234   -2.541  1.00 34.18  ? 203 TUZ A C29 1 
HETATM 809 F  F30 . TUZ D 3 .  ? 4.057   6.228   -3.369  1.00 40.18  ? 203 TUZ A F30 1 
HETATM 810 C  C32 . TUZ D 3 .  ? 4.398   4.998   -0.252  1.00 30.26  ? 203 TUZ A C32 1 
HETATM 811 C  C33 . TUZ D 3 .  ? 4.394   3.603   -0.272  1.00 33.32  ? 203 TUZ A C33 1 
HETATM 812 C  C34 . TUZ D 3 .  ? 3.262   2.880   0.067   1.00 33.42  ? 203 TUZ A C34 1 
HETATM 813 CL CL2 . TUZ D 3 .  ? 0.689   2.645   0.850   1.00 35.03  ? 203 TUZ A CL2 1 
HETATM 814 H  H40 . TUZ D 3 .  ? 1.777   10.809  -1.400  1.00 39.51  ? 203 TUZ A H40 1 
HETATM 815 H  H39 . TUZ D 3 .  ? 1.742   10.373  -3.101  1.00 39.51  ? 203 TUZ A H39 1 
HETATM 816 H  H41 . TUZ D 3 .  ? 1.813   12.053  -2.614  1.00 39.49  ? 203 TUZ A H41 1 
HETATM 817 H  H44 . TUZ D 3 .  ? 3.764   11.097  -4.572  1.00 40.66  ? 203 TUZ A H44 1 
HETATM 818 H  H43 . TUZ D 3 .  ? 5.315   11.383  -3.831  1.00 40.64  ? 203 TUZ A H43 1 
HETATM 819 H  H42 . TUZ D 3 .  ? 4.051   12.616  -3.799  1.00 40.64  ? 203 TUZ A H42 1 
HETATM 820 H  H46 . TUZ D 3 .  ? 5.232   10.180  -0.157  1.00 35.17  ? 203 TUZ A H46 1 
HETATM 821 H  H47 . TUZ D 3 .  ? 7.524   4.658   1.010   1.00 35.83  ? 203 TUZ A H47 1 
HETATM 822 H  H48 . TUZ D 3 .  ? 7.804   6.061   1.974   1.00 35.87  ? 203 TUZ A H48 1 
HETATM 823 H  H49 . TUZ D 3 .  ? 4.902   6.797   2.794   1.00 32.40  ? 203 TUZ A H49 1 
HETATM 824 H  H50 . TUZ D 3 .  ? 3.535   5.864   4.611   1.00 36.11  ? 203 TUZ A H50 1 
HETATM 825 H  H53 . TUZ D 3 .  ? 8.536   5.533   -1.052  1.00 43.78  ? 203 TUZ A H53 1 
HETATM 826 H  H52 . TUZ D 3 .  ? 7.699   6.620   -2.124  1.00 43.77  ? 203 TUZ A H52 1 
HETATM 827 H  H55 . TUZ D 3 .  ? 6.801   5.875   -4.373  1.00 49.95  ? 203 TUZ A H55 1 
HETATM 828 H  H54 . TUZ D 3 .  ? 7.329   4.349   -5.098  1.00 49.95  ? 203 TUZ A H54 1 
HETATM 829 H  H56 . TUZ D 3 .  ? 9.288   6.525   -3.985  1.00 50.34  ? 203 TUZ A H56 1 
HETATM 830 H  H57 . TUZ D 3 .  ? 9.809   4.972   -4.656  1.00 50.33  ? 203 TUZ A H57 1 
HETATM 831 H  H60 . TUZ D 3 .  ? 3.363   8.662   -3.753  1.00 36.94  ? 203 TUZ A H60 1 
HETATM 832 H  H63 . TUZ D 3 .  ? 1.180   5.454   0.781   1.00 33.38  ? 203 TUZ A H63 1 
HETATM 833 H  H64 . TUZ D 3 .  ? 3.140   6.732   0.187   1.00 31.07  ? 203 TUZ A H64 1 
HETATM 834 H  H45 . TUZ D 3 .  ? 5.121   11.898  -1.335  1.00 41.55  ? 203 TUZ A H45 1 
HETATM 835 H  H51 . TUZ D 3 .  ? 5.857   2.266   4.374   1.00 37.31  ? 203 TUZ A H51 1 
HETATM 836 H  H58 . TUZ D 3 .  ? 8.281   3.259   -0.805  1.00 54.60  ? 203 TUZ A H58 1 
HETATM 837 H  H59 . TUZ D 3 .  ? 9.288   2.064   -1.430  1.00 54.60  ? 203 TUZ A H59 1 
HETATM 838 H  H61 . TUZ D 3 .  ? 5.270   3.030   -0.570  1.00 33.32  ? 203 TUZ A H61 1 
HETATM 839 H  H62 . TUZ D 3 .  ? 3.257   1.792   0.042   1.00 33.39  ? 203 TUZ A H62 1 
HETATM 840 O  O   . HOH E 4 .  ? 3.934   1.753   15.934  1.00 49.85  ? 301 HOH A O   1 
HETATM 841 O  O   . HOH E 4 .  ? -2.614  15.553  -10.556 1.00 57.67  ? 302 HOH A O   1 
HETATM 842 O  O   . HOH E 4 .  ? -4.660  -12.390 -7.019  1.00 59.62  ? 303 HOH A O   1 
HETATM 843 O  O   . HOH E 4 .  ? 0.068   16.943  1.288   1.00 50.18  ? 304 HOH A O   1 
HETATM 844 O  O   . HOH E 4 .  ? -7.590  7.802   -8.429  1.00 59.63  ? 305 HOH A O   1 
HETATM 845 O  O   . HOH E 4 .  ? -13.933 0.014   -0.429  1.00 42.46  ? 306 HOH A O   1 
HETATM 846 O  O   . HOH E 4 .  ? 12.081  -6.952  3.470   1.00 45.12  ? 307 HOH A O   1 
HETATM 847 O  O   . HOH E 4 .  ? -12.956 -3.052  -6.684  1.00 55.13  ? 308 HOH A O   1 
HETATM 848 O  O   . HOH E 4 .  ? -6.199  -9.312  8.363   1.00 29.79  ? 309 HOH A O   1 
HETATM 849 O  O   . HOH E 4 .  ? 1.588   6.877   12.750  1.00 42.87  ? 310 HOH A O   1 
HETATM 850 O  O   . HOH E 4 .  ? 7.592   3.729   9.377   1.00 46.17  ? 311 HOH A O   1 
HETATM 851 O  O   . HOH E 4 .  ? 5.605   8.774   -11.574 1.00 58.72  ? 312 HOH A O   1 
HETATM 852 O  O   . HOH E 4 .  ? -7.971  8.850   4.705   1.00 45.22  ? 313 HOH A O   1 
HETATM 853 O  O   . HOH E 4 .  ? 0.431   14.070  -3.669  1.00 33.09  ? 314 HOH A O   1 
HETATM 854 O  O   . HOH E 4 .  ? 11.386  2.001   12.680  1.00 68.50  ? 315 HOH A O   1 
HETATM 855 O  O   . HOH E 4 .  ? -12.136 3.606   -5.423  1.00 42.68  ? 316 HOH A O   1 
HETATM 856 O  O   . HOH E 4 .  ? 2.209   22.897  3.473   1.00 70.69  ? 317 HOH A O   1 
HETATM 857 O  O   . HOH E 4 .  ? -4.673  2.481   13.046  1.00 42.32  ? 318 HOH A O   1 
HETATM 858 O  O   . HOH E 4 .  ? 2.040   -11.991 8.785   0.50 60.06  ? 319 HOH A O   1 
HETATM 859 O  O   . HOH E 4 .  ? 1.966   5.851   15.419  1.00 64.13  ? 320 HOH A O   1 
HETATM 860 O  O   . HOH E 4 .  ? -3.851  -0.616  -12.611 1.00 63.12  ? 321 HOH A O   1 
HETATM 861 O  O   . HOH E 4 .  ? 11.594  1.448   6.227   1.00 64.85  ? 322 HOH A O   1 
HETATM 862 O  O   . HOH E 4 .  ? -12.360 1.034   -8.746  1.00 49.09  ? 323 HOH A O   1 
HETATM 863 O  O   . HOH E 4 .  ? -6.585  5.531   -11.194 1.00 45.35  ? 324 HOH A O   1 
HETATM 864 O  O   . HOH E 4 .  ? -3.857  11.685  -8.926  1.00 52.02  ? 325 HOH A O   1 
HETATM 865 O  O   . HOH E 4 .  ? -7.892  0.616   -10.604 1.00 36.04  ? 326 HOH A O   1 
HETATM 866 O  O   . HOH E 4 .  ? -4.193  -14.417 -1.637  1.00 47.87  ? 327 HOH A O   1 
HETATM 867 O  O   . HOH E 4 .  ? -1.045  6.996   11.740  1.00 36.29  ? 328 HOH A O   1 
HETATM 868 O  O   . HOH E 4 .  ? 9.711   5.643   9.535   1.00 55.39  ? 329 HOH A O   1 
HETATM 869 O  O   . HOH E 4 .  ? -7.470  17.079  -1.151  1.00 47.85  ? 330 HOH A O   1 
HETATM 870 O  O   . HOH E 4 .  ? 4.057   -3.307  16.597  1.00 32.84  ? 331 HOH A O   1 
HETATM 871 O  O   . HOH E 4 .  ? -8.673  10.770  -5.059  1.00 36.54  ? 332 HOH A O   1 
HETATM 872 O  O   . HOH E 4 .  ? 3.580   -7.075  9.825   1.00 46.41  ? 333 HOH A O   1 
HETATM 873 O  O   . HOH E 4 .  ? -0.746  -12.754 6.327   1.00 33.14  ? 334 HOH A O   1 
HETATM 874 O  O   . HOH E 4 .  ? 6.212   9.516   5.436   1.00 53.96  ? 335 HOH A O   1 
HETATM 875 O  O   . HOH E 4 .  ? -4.549  6.898   -12.521 1.00 50.28  ? 336 HOH A O   1 
HETATM 876 O  O   . HOH E 4 .  ? 8.552   2.651   16.472  1.00 63.75  ? 337 HOH A O   1 
HETATM 877 O  O   . HOH E 4 .  ? 7.360   0.195   5.767   1.00 35.84  ? 338 HOH A O   1 
HETATM 878 O  O   . HOH E 4 .  ? -13.787 6.121   4.441   1.00 53.17  ? 339 HOH A O   1 
HETATM 879 O  O   . HOH E 4 .  ? 0.371   17.106  -9.974  1.00 37.48  ? 340 HOH A O   1 
HETATM 880 O  O   . HOH E 4 .  ? -3.443  -6.669  -13.360 1.00 73.75  ? 341 HOH A O   1 
HETATM 881 O  O   . HOH E 4 .  ? -10.919 10.456  -9.368  1.00 53.99  ? 342 HOH A O   1 
HETATM 882 O  O   . HOH E 4 .  ? 4.578   13.546  -12.995 1.00 66.22  ? 343 HOH A O   1 
HETATM 883 O  O   . HOH E 4 .  ? 2.754   22.152  -2.758  1.00 52.31  ? 344 HOH A O   1 
HETATM 884 O  O   . HOH E 4 .  ? -5.091  18.473  -10.354 1.00 40.00  ? 345 HOH A O   1 
HETATM 885 O  O   . HOH E 4 .  ? -0.962  13.605  -11.123 1.00 81.12  ? 346 HOH A O   1 
HETATM 886 O  O   . HOH E 4 .  ? 4.092   -9.941  -12.093 1.00 57.81  ? 347 HOH A O   1 
HETATM 887 O  O   . HOH E 4 .  ? -1.655  -8.301  -11.953 1.00 53.21  ? 348 HOH A O   1 
HETATM 888 O  O   . HOH E 4 .  ? -12.044 -2.348  1.780   1.00 44.49  ? 349 HOH A O   1 
HETATM 889 O  O   . HOH E 4 .  ? -6.861  2.944   9.050   1.00 51.02  ? 350 HOH A O   1 
HETATM 890 O  O   . HOH E 4 .  ? 3.227   -16.569 -6.726  1.00 73.91  ? 351 HOH A O   1 
HETATM 891 O  O   . HOH E 4 .  ? -10.302 3.130   5.994   1.00 54.67  ? 352 HOH A O   1 
HETATM 892 O  O   . HOH E 4 .  ? 3.947   22.652  -5.565  1.00 49.75  ? 353 HOH A O   1 
HETATM 893 O  O   . HOH E 4 .  ? -5.341  -1.965  -10.779 1.00 54.94  ? 354 HOH A O   1 
HETATM 894 O  O   . HOH E 4 .  ? -6.581  12.713  3.029   1.00 52.06  ? 355 HOH A O   1 
HETATM 895 O  O   . HOH E 4 .  ? 0.238   -17.388 -8.333  1.00 73.66  ? 356 HOH A O   1 
HETATM 896 O  O   . HOH E 4 .  ? 12.611  -0.119  15.224  1.00 55.38  ? 357 HOH A O   1 
HETATM 897 O  O   . HOH E 4 .  ? 9.311   -13.912 0.204   1.00 60.14  ? 358 HOH A O   1 
HETATM 898 O  O   . HOH E 4 .  ? -4.691  9.439   6.310   1.00 41.46  ? 359 HOH A O   1 
HETATM 899 O  O   . HOH E 4 .  ? -5.950  -9.881  -12.953 1.00 53.58  ? 360 HOH A O   1 
HETATM 900 O  O   . HOH E 4 .  ? 6.000   -17.076 -2.370  1.00 65.39  ? 361 HOH A O   1 
HETATM 901 O  O   . HOH E 4 .  ? 9.876   -1.743  -9.566  1.00 59.96  ? 362 HOH A O   1 
HETATM 902 O  O   . HOH E 4 .  ? 6.062   0.106   -13.100 1.00 62.06  ? 363 HOH A O   1 
HETATM 903 O  O   . HOH E 4 .  ? 9.244   -10.469 -6.243  1.00 64.14  ? 364 HOH A O   1 
HETATM 904 O  O   . HOH E 4 .  ? 5.350   19.431  4.057   1.00 55.51  ? 365 HOH A O   1 
HETATM 905 O  O   . HOH E 4 .  ? 6.520   11.966  4.343   1.00 54.18  ? 366 HOH A O   1 
HETATM 906 O  O   . HOH E 4 .  ? -0.329  22.545  -7.938  1.00 52.58  ? 367 HOH A O   1 
HETATM 907 O  O   . HOH E 4 .  ? -7.785  3.479   -13.074 1.00 58.25  ? 368 HOH A O   1 
HETATM 908 O  O   . HOH E 4 .  ? 13.284  -0.856  9.165   1.00 64.68  ? 369 HOH A O   1 
HETATM 909 O  O   . HOH E 4 .  ? 5.488   1.819   18.322  1.00 44.40  ? 370 HOH A O   1 
HETATM 910 O  O   . HOH E 4 .  ? 11.981  -3.376  16.420  1.00 40.42  ? 371 HOH A O   1 
HETATM 911 O  O   . HOH E 4 .  ? 8.573   14.886  5.319   1.00 60.90  ? 372 HOH A O   1 
HETATM 912 O  O   . HOH E 4 .  ? -3.552  20.626  -9.919  1.00 60.08  ? 373 HOH A O   1 
HETATM 913 O  O   . HOH E 4 .  ? -9.126  -8.939  8.009   1.00 45.08  ? 374 HOH A O   1 
HETATM 914 O  O   . HOH E 4 .  ? 0.203   3.807   -16.137 1.00 59.53  ? 375 HOH A O   1 
HETATM 915 O  O   . HOH E 4 .  ? 8.825   0.933   1.767   1.00 52.80  ? 376 HOH A O   1 
HETATM 916 O  O   . HOH E 4 .  ? -7.737  -4.003  -14.263 1.00 62.17  ? 377 HOH A O   1 
HETATM 917 O  O   . HOH E 4 .  ? -2.707  -11.922 -8.749  1.00 70.60  ? 378 HOH A O   1 
HETATM 918 O  O   . HOH E 4 .  ? 8.500   7.500   4.740   1.00 73.01  ? 379 HOH A O   1 
HETATM 919 O  O   . HOH E 4 .  ? -10.852 11.159  3.223   1.00 69.89  ? 380 HOH A O   1 
HETATM 920 O  O   . HOH E 4 .  ? -5.153  22.398  -3.542  1.00 57.12  ? 381 HOH A O   1 
HETATM 921 O  O   . HOH E 4 .  ? 1.212   13.564  -12.683 1.00 68.79  ? 382 HOH A O   1 
HETATM 922 O  O   . HOH E 4 .  ? 1.987   -9.169  10.334  0.50 41.82  ? 383 HOH A O   1 
HETATM 923 O  O   . HOH E 4 .  ? -6.518  11.274  5.426   1.00 58.88  ? 384 HOH A O   1 
HETATM 924 O  O   . HOH E 4 .  ? 11.796  -3.459  0.210   1.00 53.87  ? 385 HOH A O   1 
HETATM 925 O  O   . HOH E 4 .  ? -1.170  16.300  4.500   1.00 70.37  ? 386 HOH A O   1 
HETATM 926 O  O   . HOH E 4 .  ? -2.706  6.652   14.239  1.00 55.72  ? 387 HOH A O   1 
HETATM 927 O  O   . HOH E 4 .  ? -6.513  -12.946 -8.998  1.00 59.51  ? 388 HOH A O   1 
HETATM 928 O  O   . HOH E 4 .  ? -7.990  4.868   7.477   1.00 64.41  ? 389 HOH A O   1 
HETATM 929 O  O   . HOH E 4 .  ? -1.441  -6.332  -15.170 1.00 67.83  ? 390 HOH A O   1 
HETATM 930 O  O   . HOH E 4 .  ? -6.499  7.452   6.715   1.00 55.71  ? 391 HOH A O   1 
# 
loop_
_atom_site_anisotrop.id 
_atom_site_anisotrop.type_symbol 
_atom_site_anisotrop.pdbx_label_atom_id 
_atom_site_anisotrop.pdbx_label_alt_id 
_atom_site_anisotrop.pdbx_label_comp_id 
_atom_site_anisotrop.pdbx_label_asym_id 
_atom_site_anisotrop.pdbx_label_seq_id 
_atom_site_anisotrop.pdbx_PDB_ins_code 
_atom_site_anisotrop.U[1][1] 
_atom_site_anisotrop.U[2][2] 
_atom_site_anisotrop.U[3][3] 
_atom_site_anisotrop.U[1][2] 
_atom_site_anisotrop.U[1][3] 
_atom_site_anisotrop.U[2][3] 
_atom_site_anisotrop.pdbx_auth_seq_id 
_atom_site_anisotrop.pdbx_auth_comp_id 
_atom_site_anisotrop.pdbx_auth_asym_id 
_atom_site_anisotrop.pdbx_auth_atom_id 
1   N N   . SER A 6  ? 0.8529 1.2750 0.7882 -0.2667 -0.1550 0.1011  17  SER A N   
2   C CA  . SER A 6  ? 0.8620 1.2679 0.7631 -0.2785 -0.1691 0.0917  17  SER A CA  
3   C C   . SER A 6  ? 0.8507 1.2121 0.7148 -0.2647 -0.1592 0.0840  17  SER A C   
4   O O   . SER A 6  ? 0.8756 1.2308 0.7116 -0.2597 -0.1658 0.0819  17  SER A O   
5   C CB  . SER A 6  ? 0.9400 1.3342 0.8346 -0.3064 -0.1799 0.0827  17  SER A CB  
6   O OG  . SER A 6  ? 1.1224 1.4784 1.0084 -0.3093 -0.1665 0.0757  17  SER A OG  
7   N N   . GLN A 7  ? 0.7055 1.0371 0.5695 -0.2576 -0.1431 0.0812  18  GLN A N   
8   C CA  . GLN A 7  ? 0.6816 0.9807 0.5240 -0.2404 -0.1309 0.0795  18  GLN A CA  
9   C C   . GLN A 7  ? 0.6628 0.9835 0.5248 -0.2189 -0.1255 0.0932  18  GLN A C   
10  O O   . GLN A 7  ? 0.6628 0.9744 0.5061 -0.2071 -0.1223 0.0965  18  GLN A O   
11  C CB  . GLN A 7  ? 0.6991 0.9639 0.5411 -0.2391 -0.1176 0.0740  18  GLN A CB  
12  C CG  . GLN A 7  ? 0.7468 0.9800 0.5628 -0.2581 -0.1213 0.0605  18  GLN A CG  
13  C CD  . GLN A 7  ? 0.8604 1.0592 0.6744 -0.2546 -0.1080 0.0564  18  GLN A CD  
14  O OE1 . GLN A 7  ? 0.6580 0.8362 0.4651 -0.2378 -0.0966 0.0578  18  GLN A OE1 
15  N NE2 . GLN A 7  ? 0.6643 0.8574 0.4861 -0.2701 -0.1090 0.0531  18  GLN A NE2 
16  N N   . ILE A 8  ? 0.5472 0.8937 0.4453 -0.2128 -0.1239 0.1020  19  ILE A N   
17  C CA  . ILE A 8  ? 0.4804 0.8438 0.3996 -0.1931 -0.1208 0.1149  19  ILE A CA  
18  C C   . ILE A 8  ? 0.4994 0.9066 0.4341 -0.1936 -0.1322 0.1233  19  ILE A C   
19  O O   . ILE A 8  ? 0.4724 0.9026 0.4241 -0.2037 -0.1371 0.1230  19  ILE A O   
20  C CB  . ILE A 8  ? 0.4769 0.8326 0.4213 -0.1822 -0.1125 0.1180  19  ILE A CB  
21  C CG1 . ILE A 8  ? 0.4749 0.7899 0.4077 -0.1828 -0.1033 0.1101  19  ILE A CG1 
22  C CG2 . ILE A 8  ? 0.4291 0.7959 0.3937 -0.1623 -0.1118 0.1310  19  ILE A CG2 
23  C CD1 . ILE A 8  ? 0.5024 0.7926 0.4178 -0.1747 -0.0962 0.1119  19  ILE A CD1 
24  N N   . PRO A 9  ? 0.4493 0.8707 0.3811 -0.1819 -0.1356 0.1328  20  PRO A N   
25  C CA  . PRO A 9  ? 0.4234 0.8880 0.3722 -0.1805 -0.1470 0.1419  20  PRO A CA  
26  C C   . PRO A 9  ? 0.4444 0.9306 0.4294 -0.1703 -0.1436 0.1499  20  PRO A C   
27  O O   . PRO A 9  ? 0.4242 0.8908 0.4192 -0.1569 -0.1341 0.1519  20  PRO A O   
28  C CB  . PRO A 9  ? 0.4460 0.9133 0.3824 -0.1658 -0.1478 0.1521  20  PRO A CB  
29  C CG  . PRO A 9  ? 0.5052 0.9338 0.4166 -0.1616 -0.1370 0.1483  20  PRO A CG  
30  C CD  . PRO A 9  ? 0.4626 0.8632 0.3768 -0.1687 -0.1283 0.1378  20  PRO A CD  
31  N N   . ALA A 10 ? 0.3863 0.9129 0.3904 -0.1758 -0.1523 0.1547  21  ALA A N   
32  C CA  . ALA A 10 ? 0.3520 0.9033 0.3880 -0.1641 -0.1481 0.1628  21  ALA A CA  
33  C C   . ALA A 10 ? 0.3878 0.9346 0.4333 -0.1390 -0.1441 0.1725  21  ALA A C   
34  O O   . ALA A 10 ? 0.3997 0.9396 0.4595 -0.1253 -0.1371 0.1741  21  ALA A O   
35  C CB  . ALA A 10 ? 0.3256 0.9279 0.3825 -0.1727 -0.1588 0.1703  21  ALA A CB  
36  N N   . SER A 11 ? 0.3664 0.9146 0.4018 -0.1327 -0.1489 0.1794  22  SER A N   
37  C CA  . SER A 11 ? 0.3676 0.9109 0.4138 -0.1104 -0.1463 0.1910  22  SER A CA  
38  C C   . SER A 11 ? 0.3844 0.8846 0.4304 -0.1025 -0.1369 0.1878  22  SER A C   
39  O O   . SER A 11 ? 0.3534 0.8457 0.4157 -0.0858 -0.1355 0.1938  22  SER A O   
40  C CB  . SER A 11 ? 0.3823 0.9356 0.4159 -0.1061 -0.1524 0.2010  22  SER A CB  
41  O OG  . SER A 11 ? 0.4851 1.0102 0.4904 -0.1135 -0.1487 0.1959  22  SER A OG  
42  N N   . GLU A 12 ? 0.3375 0.8092 0.3645 -0.1142 -0.1319 0.1785  23  GLU A N   
43  C CA  . GLU A 12 ? 0.3415 0.7747 0.3698 -0.1097 -0.1243 0.1754  23  GLU A CA  
44  C C   . GLU A 12 ? 0.3562 0.7782 0.3949 -0.1084 -0.1222 0.1667  23  GLU A C   
45  O O   . GLU A 12 ? 0.3262 0.7257 0.3764 -0.0961 -0.1214 0.1680  23  GLU A O   
46  C CB  . GLU A 12 ? 0.3603 0.7712 0.3641 -0.1213 -0.1190 0.1689  23  GLU A CB  
47  C CG  . GLU A 12 ? 0.4014 0.7764 0.4110 -0.1161 -0.1111 0.1687  23  GLU A CG  
48  C CD  . GLU A 12 ? 0.3924 0.7458 0.3793 -0.1233 -0.1032 0.1642  23  GLU A CD  
49  O OE1 . GLU A 12 ? 0.4033 0.7639 0.3636 -0.1323 -0.1044 0.1593  23  GLU A OE1 
50  O OE2 . GLU A 12 ? 0.4227 0.7504 0.4181 -0.1194 -0.0968 0.1655  23  GLU A OE2 
51  N N   . GLN A 13 ? 0.3230 0.7601 0.3569 -0.1210 -0.1222 0.1587  24  GLN A N   
52  C CA  . GLN A 13 ? 0.3230 0.7557 0.3637 -0.1184 -0.1184 0.1528  24  GLN A CA  
53  C C   . GLN A 13 ? 0.3953 0.8422 0.4536 -0.0978 -0.1198 0.1603  24  GLN A C   
54  O O   . GLN A 13 ? 0.4030 0.8280 0.4624 -0.0860 -0.1172 0.1564  24  GLN A O   
55  C CB  . GLN A 13 ? 0.3257 0.7792 0.3628 -0.1364 -0.1176 0.1477  24  GLN A CB  
56  C CG  . GLN A 13 ? 0.3903 0.8261 0.4064 -0.1573 -0.1175 0.1383  24  GLN A CG  
57  C CD  . GLN A 13 ? 0.5233 0.9778 0.5407 -0.1760 -0.1186 0.1348  24  GLN A CD  
58  O OE1 . GLN A 13 ? 0.4425 0.9068 0.4726 -0.1735 -0.1132 0.1366  24  GLN A OE1 
59  N NE2 . GLN A 13 ? 0.5216 0.9800 0.5255 -0.1949 -0.1259 0.1306  24  GLN A NE2 
60  N N   . GLU A 14 ? 0.3947 0.8748 0.4638 -0.0918 -0.1247 0.1708  25  GLU A N   
61  C CA  . GLU A 14 ? 0.3952 0.8902 0.4799 -0.0702 -0.1257 0.1789  25  GLU A CA  
62  C C   . GLU A 14 ? 0.4861 0.9556 0.5751 -0.0525 -0.1295 0.1848  25  GLU A C   
63  O O   . GLU A 14 ? 0.5241 1.0057 0.6241 -0.0340 -0.1320 0.1928  25  GLU A O   
64  C CB  . GLU A 14 ? 0.3866 0.9342 0.4843 -0.0719 -0.1297 0.1891  25  GLU A CB  
65  C CG  . GLU A 14 ? 0.4920 1.0680 0.5970 -0.0825 -0.1253 0.1870  25  GLU A CG  
66  C CD  . GLU A 14 ? 0.8018 1.3662 0.9092 -0.0661 -0.1155 0.1843  25  GLU A CD  
67  O OE1 . GLU A 14 ? 0.7594 1.3200 0.8717 -0.0411 -0.1146 0.1893  25  GLU A OE1 
68  O OE2 . GLU A 14 ? 0.5370 1.0928 0.6378 -0.0771 -0.1088 0.1773  25  GLU A OE2 
69  N N   . THR A 15 ? 0.4461 0.8808 0.5292 -0.0570 -0.1300 0.1824  26  THR A N   
70  C CA  . THR A 15 ? 0.4395 0.8485 0.5323 -0.0430 -0.1345 0.1901  26  THR A CA  
71  C C   . THR A 15 ? 0.4639 0.8338 0.5576 -0.0318 -0.1371 0.1815  26  THR A C   
72  O O   . THR A 15 ? 0.4299 0.7791 0.5144 -0.0401 -0.1347 0.1708  26  THR A O   
73  C CB  . THR A 15 ? 0.4567 0.8544 0.5471 -0.0533 -0.1330 0.1960  26  THR A CB  
74  O OG1 . THR A 15 ? 0.4191 0.8504 0.5039 -0.0577 -0.1332 0.2045  26  THR A OG1 
75  C CG2 . THR A 15 ? 0.3754 0.7427 0.4815 -0.0427 -0.1369 0.2055  26  THR A CG2 
76  N N   . LEU A 16 ? 0.4277 0.7856 0.5299 -0.0121 -0.1436 0.1864  27  LEU A N   
77  C CA  . LEU A 16 ? 0.4415 0.7566 0.5423 0.0018  -0.1509 0.1792  27  LEU A CA  
78  C C   . LEU A 16 ? 0.4611 0.7375 0.5709 -0.0066 -0.1575 0.1795  27  LEU A C   
79  O O   . LEU A 16 ? 0.4122 0.6884 0.5378 -0.0103 -0.1593 0.1926  27  LEU A O   
80  C CB  . LEU A 16 ? 0.4547 0.7663 0.5622 0.0252  -0.1576 0.1866  27  LEU A CB  
81  C CG  . LEU A 16 ? 0.5542 0.8235 0.6517 0.0454  -0.1663 0.1765  27  LEU A CG  
82  C CD1 . LEU A 16 ? 0.5785 0.8567 0.6550 0.0519  -0.1576 0.1644  27  LEU A CD1 
83  C CD2 . LEU A 16 ? 0.6002 0.8627 0.7036 0.0681  -0.1734 0.1849  27  LEU A CD2 
84  N N   . VAL A 17 ? 0.4598 0.7055 0.5608 -0.0088 -0.1606 0.1669  28  VAL A N   
85  C CA  . VAL A 17 ? 0.4551 0.6669 0.5678 -0.0171 -0.1679 0.1670  28  VAL A CA  
86  C C   . VAL A 17 ? 0.4995 0.6658 0.6083 -0.0040 -0.1833 0.1569  28  VAL A C   
87  O O   . VAL A 17 ? 0.5032 0.6634 0.5907 0.0102  -0.1841 0.1463  28  VAL A O   
88  C CB  . VAL A 17 ? 0.5104 0.7284 0.6154 -0.0355 -0.1580 0.1614  28  VAL A CB  
89  C CG1 . VAL A 17 ? 0.4981 0.7523 0.6030 -0.0480 -0.1460 0.1703  28  VAL A CG1 
90  C CG2 . VAL A 17 ? 0.5253 0.7410 0.6061 -0.0353 -0.1537 0.1458  28  VAL A CG2 
91  N N   A ARG A 18 ? 0.4532 0.5878 0.5821 -0.0082 -0.1959 0.1611  29  ARG A N   
92  N N   B ARG A 18 ? 0.4561 0.5904 0.5853 -0.0082 -0.1960 0.1612  29  ARG A N   
93  C CA  A ARG A 18 ? 0.4614 0.5476 0.5879 0.0011  -0.2156 0.1510  29  ARG A CA  
94  C CA  B ARG A 18 ? 0.4659 0.5517 0.5927 0.0009  -0.2157 0.1512  29  ARG A CA  
95  C C   A ARG A 18 ? 0.4877 0.5579 0.6174 -0.0126 -0.2181 0.1452  29  ARG A C   
96  C C   B ARG A 18 ? 0.4882 0.5590 0.6178 -0.0129 -0.2177 0.1453  29  ARG A C   
97  O O   A ARG A 18 ? 0.4680 0.5371 0.6272 -0.0251 -0.2200 0.1570  29  ARG A O   
98  O O   B ARG A 18 ? 0.4656 0.5363 0.6243 -0.0256 -0.2191 0.1570  29  ARG A O   
99  C CB  A ARG A 18 ? 0.4846 0.5460 0.6382 0.0068  -0.2325 0.1629  29  ARG A CB  
100 C CB  B ARG A 18 ? 0.4988 0.5590 0.6538 0.0058  -0.2331 0.1631  29  ARG A CB  
101 C CG  A ARG A 18 ? 0.6296 0.6350 0.7803 0.0172  -0.2586 0.1521  29  ARG A CG  
102 C CG  B ARG A 18 ? 0.6703 0.6745 0.8270 0.0129  -0.2595 0.1535  29  ARG A CG  
103 C CD  A ARG A 18 ? 0.6682 0.6490 0.8459 0.0225  -0.2759 0.1648  29  ARG A CD  
104 C CD  B ARG A 18 ? 0.8097 0.7864 0.9386 0.0373  -0.2707 0.1418  29  ARG A CD  
105 N NE  A ARG A 18 ? 0.7049 0.6989 0.8699 0.0395  -0.2697 0.1681  29  ARG A NE  
106 N NE  B ARG A 18 ? 0.7508 0.6683 0.8717 0.0458  -0.2985 0.1292  29  ARG A NE  
107 C CZ  A ARG A 18 ? 0.8703 0.8397 1.0052 0.0627  -0.2777 0.1549  29  ARG A CZ  
108 C CZ  B ARG A 18 ? 0.8162 0.7086 0.9100 0.0495  -0.3063 0.1115  29  ARG A CZ  
109 N NH1 A ARG A 18 ? 0.6980 0.6241 0.8071 0.0727  -0.2933 0.1358  29  ARG A NH1 
110 N NH1 B ARG A 18 ? 0.5564 0.4782 0.6300 0.0446  -0.2862 0.1054  29  ARG A NH1 
111 N NH2 A ARG A 18 ? 0.7262 0.7138 0.8548 0.0782  -0.2698 0.1613  29  ARG A NH2 
112 N NH2 B ARG A 18 ? 0.6092 0.4448 0.6946 0.0581  -0.3354 0.1001  29  ARG A NH2 
113 N N   . PRO A 19 ? 0.4457 0.5056 0.5464 -0.0095 -0.2164 0.1291  30  PRO A N   
114 C CA  . PRO A 19 ? 0.4548 0.4961 0.5579 -0.0202 -0.2208 0.1237  30  PRO A CA  
115 C C   . PRO A 19 ? 0.5132 0.5141 0.6407 -0.0199 -0.2458 0.1258  30  PRO A C   
116 O O   . PRO A 19 ? 0.4990 0.4687 0.6232 -0.0062 -0.2650 0.1214  30  PRO A O   
117 C CB  . PRO A 19 ? 0.4875 0.5200 0.5506 -0.0113 -0.2169 0.1066  30  PRO A CB  
118 C CG  . PRO A 19 ? 0.5314 0.5998 0.5790 -0.0047 -0.1998 0.1079  30  PRO A CG  
119 C CD  . PRO A 19 ? 0.4758 0.5427 0.5411 0.0045  -0.2087 0.1172  30  PRO A CD  
120 N N   . LYS A 20 ? 0.4450 0.4468 0.5984 -0.0346 -0.2461 0.1334  31  LYS A N   
121 C CA  . LYS A 20 ? 0.4321 0.3985 0.6128 -0.0371 -0.2712 0.1358  31  LYS A CA  
122 C C   . LYS A 20 ? 0.5330 0.4602 0.6779 -0.0249 -0.2888 0.1144  31  LYS A C   
123 O O   . LYS A 20 ? 0.5032 0.4382 0.6081 -0.0179 -0.2751 0.1019  31  LYS A O   
124 C CB  . LYS A 20 ? 0.4380 0.4196 0.6538 -0.0536 -0.2642 0.1497  31  LYS A CB  
125 C CG  . LYS A 20 ? 0.4109 0.4226 0.6647 -0.0621 -0.2510 0.1738  31  LYS A CG  
126 C CD  . LYS A 20 ? 0.5122 0.5371 0.7997 -0.0742 -0.2432 0.1885  31  LYS A CD  
127 C CE  . LYS A 20 ? 0.5978 0.6561 0.9127 -0.0800 -0.2232 0.2122  31  LYS A CE  
128 N NZ  . LYS A 20 ? 0.6386 0.7088 0.9855 -0.0882 -0.2139 0.2275  31  LYS A NZ  
129 N N   . PRO A 21 ? 0.5293 0.4135 0.6865 -0.0216 -0.3195 0.1107  32  PRO A N   
130 C CA  . PRO A 21 ? 0.5550 0.3963 0.6702 -0.0062 -0.3388 0.0891  32  PRO A CA  
131 C C   . PRO A 21 ? 0.5952 0.4374 0.6768 -0.0052 -0.3291 0.0770  32  PRO A C   
132 O O   . PRO A 21 ? 0.6236 0.4484 0.6572 0.0117  -0.3289 0.0612  32  PRO A O   
133 C CB  . PRO A 21 ? 0.5854 0.3847 0.7319 -0.0099 -0.3757 0.0911  32  PRO A CB  
134 C CG  . PRO A 21 ? 0.6233 0.4370 0.8175 -0.0186 -0.3761 0.1116  32  PRO A CG  
135 C CD  . PRO A 21 ? 0.5456 0.4162 0.7552 -0.0310 -0.3401 0.1266  32  PRO A CD  
136 N N   . LEU A 22 ? 0.4950 0.3547 0.6002 -0.0212 -0.3212 0.0849  33  LEU A N   
137 C CA  . LEU A 22 ? 0.4991 0.3591 0.5727 -0.0204 -0.3106 0.0749  33  LEU A CA  
138 C C   . LEU A 22 ? 0.5619 0.4570 0.6066 -0.0205 -0.2777 0.0730  33  LEU A C   
139 O O   . LEU A 22 ? 0.5632 0.4501 0.5688 -0.0131 -0.2712 0.0617  33  LEU A O   
140 C CB  . LEU A 22 ? 0.4774 0.3421 0.5836 -0.0350 -0.3132 0.0836  33  LEU A CB  
141 C CG  . LEU A 22 ? 0.5200 0.3513 0.6564 -0.0364 -0.3481 0.0856  33  LEU A CG  
142 C CD1 . LEU A 22 ? 0.5186 0.3695 0.7016 -0.0519 -0.3442 0.1015  33  LEU A CD1 
143 C CD2 . LEU A 22 ? 0.5781 0.3621 0.6700 -0.0206 -0.3734 0.0650  33  LEU A CD2 
144 N N   . LEU A 23 ? 0.4861 0.4194 0.5500 -0.0293 -0.2580 0.0850  34  LEU A N   
145 C CA  . LEU A 23 ? 0.4916 0.4570 0.5290 -0.0288 -0.2317 0.0827  34  LEU A CA  
146 C C   . LEU A 23 ? 0.5471 0.5008 0.5510 -0.0088 -0.2352 0.0727  34  LEU A C   
147 O O   . LEU A 23 ? 0.5373 0.5000 0.5092 -0.0031 -0.2209 0.0660  34  LEU A O   
148 C CB  . LEU A 23 ? 0.4659 0.4721 0.5271 -0.0408 -0.2138 0.0967  34  LEU A CB  
149 C CG  . LEU A 23 ? 0.4978 0.5390 0.5366 -0.0426 -0.1908 0.0953  34  LEU A CG  
150 C CD1 . LEU A 23 ? 0.5040 0.5469 0.5175 -0.0489 -0.1779 0.0875  34  LEU A CD1 
151 C CD2 . LEU A 23 ? 0.4564 0.5323 0.5166 -0.0543 -0.1779 0.1083  34  LEU A CD2 
152 N N   . LEU A 24 ? 0.5415 0.4735 0.5525 0.0027  -0.2538 0.0724  35  LEU A N   
153 C CA  . LEU A 24 ? 0.5801 0.4967 0.5555 0.0259  -0.2568 0.0623  35  LEU A CA  
154 C C   . LEU A 24 ? 0.6548 0.5367 0.5871 0.0408  -0.2645 0.0468  35  LEU A C   
155 O O   . LEU A 24 ? 0.6688 0.5546 0.5647 0.0577  -0.2523 0.0407  35  LEU A O   
156 C CB  . LEU A 24 ? 0.5903 0.4819 0.5798 0.0365  -0.2780 0.0641  35  LEU A CB  
157 C CG  . LEU A 24 ? 0.6760 0.5563 0.6318 0.0623  -0.2777 0.0564  35  LEU A CG  
158 C CD1 . LEU A 24 ? 0.6645 0.5964 0.6245 0.0622  -0.2509 0.0662  35  LEU A CD1 
159 C CD2 . LEU A 24 ? 0.7360 0.5741 0.7010 0.0734  -0.3056 0.0548  35  LEU A CD2 
160 N N   . LYS A 25 ? 0.6383 0.4882 0.5753 0.0358  -0.2845 0.0420  36  LYS A N   
161 C CA  . LYS A 25 ? 0.6572 0.4726 0.5523 0.0491  -0.2937 0.0280  36  LYS A CA  
162 C C   . LYS A 25 ? 0.6847 0.5279 0.5539 0.0466  -0.2643 0.0281  36  LYS A C   
163 O O   . LYS A 25 ? 0.6814 0.5111 0.5052 0.0656  -0.2586 0.0194  36  LYS A O   
164 C CB  . LYS A 25 ? 0.6846 0.4686 0.5999 0.0395  -0.3209 0.0264  36  LYS A CB  
165 C CG  . LYS A 25 ? 0.6801 0.4412 0.5592 0.0459  -0.3245 0.0161  36  LYS A CG  
166 C CD  . LYS A 25 ? 0.8313 0.5520 0.7250 0.0435  -0.3605 0.0119  36  LYS A CD  
167 C CE  . LYS A 25 ? 1.0171 0.7163 0.8792 0.0488  -0.3660 0.0037  36  LYS A CE  
168 N NZ  . LYS A 25 ? 1.1902 0.8542 0.9846 0.0767  -0.3706 -0.0126 36  LYS A NZ  
169 N N   . LEU A 26 ? 0.6110 0.4903 0.5086 0.0241  -0.2465 0.0385  37  LEU A N   
170 C CA  . LEU A 26 ? 0.5937 0.5004 0.4744 0.0170  -0.2197 0.0404  37  LEU A CA  
171 C C   . LEU A 26 ? 0.6505 0.5857 0.5127 0.0273  -0.1993 0.0424  37  LEU A C   
172 O O   . LEU A 26 ? 0.6670 0.6047 0.4969 0.0364  -0.1851 0.0397  37  LEU A O   
173 C CB  . LEU A 26 ? 0.5714 0.5072 0.4884 -0.0086 -0.2081 0.0510  37  LEU A CB  
174 C CG  . LEU A 26 ? 0.6401 0.5996 0.5461 -0.0212 -0.1840 0.0534  37  LEU A CG  
175 C CD1 . LEU A 26 ? 0.6279 0.5918 0.5603 -0.0403 -0.1817 0.0592  37  LEU A CD1 
176 C CD2 . LEU A 26 ? 0.6687 0.6687 0.5745 -0.0256 -0.1630 0.0590  37  LEU A CD2 
177 N N   . LEU A 27 ? 0.5978 0.5554 0.4821 0.0270  -0.1975 0.0488  38  LEU A N   
178 C CA  . LEU A 27 ? 0.5913 0.5806 0.4641 0.0371  -0.1790 0.0529  38  LEU A CA  
179 C C   . LEU A 27 ? 0.6609 0.6223 0.4927 0.0675  -0.1832 0.0439  38  LEU A C   
180 O O   . LEU A 27 ? 0.6389 0.6194 0.4477 0.0773  -0.1633 0.0461  38  LEU A O   
181 C CB  . LEU A 27 ? 0.5556 0.5726 0.4592 0.0330  -0.1782 0.0620  38  LEU A CB  
182 C CG  . LEU A 27 ? 0.5687 0.6142 0.5086 0.0071  -0.1729 0.0720  38  LEU A CG  
183 C CD1 . LEU A 27 ? 0.5189 0.5864 0.4833 0.0085  -0.1746 0.0813  38  LEU A CD1 
184 C CD2 . LEU A 27 ? 0.5476 0.6260 0.4856 -0.0105 -0.1519 0.0755  38  LEU A CD2 
185 N N   . LYS A 28 ? 0.6465 0.5615 0.4687 0.0827  -0.2094 0.0347  39  LYS A N   
186 C CA  . LYS A 28 ? 0.6902 0.5672 0.4653 0.1153  -0.2178 0.0232  39  LYS A CA  
187 C C   . LYS A 28 ? 0.7792 0.6384 0.5122 0.1247  -0.2110 0.0165  39  LYS A C   
188 O O   . LYS A 28 ? 0.8125 0.6611 0.5025 0.1523  -0.2022 0.0123  39  LYS A O   
189 C CB  . LYS A 28 ? 0.7582 0.5824 0.5314 0.1269  -0.2522 0.0132  39  LYS A CB  
190 C CG  . LYS A 28 ? 1.0889 0.9203 0.8749 0.1379  -0.2539 0.0174  39  LYS A CG  
191 C CD  . LYS A 28 ? 1.2599 1.0476 1.0631 0.1382  -0.2876 0.0129  39  LYS A CD  
192 C CE  . LYS A 28 ? 1.3653 1.1666 1.1857 0.1464  -0.2851 0.0202  39  LYS A CE  
193 N NZ  . LYS A 28 ? 1.5238 1.2753 1.3560 0.1501  -0.3189 0.0157  39  LYS A NZ  
194 N N   . SER A 29 ? 0.7227 0.5796 0.4667 0.1041  -0.2131 0.0171  40  SER A N   
195 C CA  . SER A 29 ? 0.7445 0.5860 0.4504 0.1111  -0.2055 0.0130  40  SER A CA  
196 C C   . SER A 29 ? 0.7998 0.6830 0.4937 0.1126  -0.1707 0.0231  40  SER A C   
197 O O   . SER A 29 ? 0.7907 0.6583 0.4428 0.1294  -0.1621 0.0207  40  SER A O   
198 C CB  . SER A 29 ? 0.7414 0.5710 0.4646 0.0895  -0.2162 0.0124  40  SER A CB  
199 O OG  . SER A 29 ? 0.8129 0.6854 0.5676 0.0626  -0.1945 0.0239  40  SER A OG  
200 N N   . VAL A 30 ? 0.7543 0.6898 0.4846 0.0953  -0.1518 0.0354  41  VAL A N   
201 C CA  . VAL A 30 ? 0.7338 0.7141 0.4621 0.0935  -0.1209 0.0474  41  VAL A CA  
202 C C   . VAL A 30 ? 0.7641 0.7694 0.4909 0.1141  -0.1102 0.0530  41  VAL A C   
203 O O   . VAL A 30 ? 0.7203 0.7749 0.4650 0.1065  -0.0875 0.0662  41  VAL A O   
204 C CB  . VAL A 30 ? 0.7608 0.7820 0.5268 0.0585  -0.1069 0.0577  41  VAL A CB  
205 C CG1 . VAL A 30 ? 0.7759 0.7769 0.5311 0.0451  -0.1067 0.0553  41  VAL A CG1 
206 C CG2 . VAL A 30 ? 0.7419 0.7791 0.5493 0.0395  -0.1176 0.0594  41  VAL A CG2 
207 N N   . GLY A 31 ? 0.7827 0.7529 0.4888 0.1400  -0.1276 0.0431  42  GLY A N   
208 C CA  . GLY A 31 ? 0.7883 0.7712 0.4815 0.1682  -0.1180 0.0466  42  GLY A CA  
209 C C   . GLY A 31 ? 0.8452 0.8504 0.5743 0.1640  -0.1239 0.0512  42  GLY A C   
210 O O   . GLY A 31 ? 0.8363 0.8540 0.5564 0.1884  -0.1151 0.0551  42  GLY A O   
211 N N   . ALA A 32 ? 0.8178 0.8285 0.5867 0.1354  -0.1377 0.0522  43  ALA A N   
212 C CA  . ALA A 32 ? 0.7993 0.8348 0.6046 0.1285  -0.1418 0.0593  43  ALA A CA  
213 C C   . ALA A 32 ? 0.9594 0.9465 0.7500 0.1519  -0.1657 0.0494  43  ALA A C   
214 O O   . ALA A 32 ? 0.9874 0.9247 0.7657 0.1523  -0.1888 0.0378  43  ALA A O   
215 C CB  . ALA A 32 ? 0.7798 0.8323 0.6258 0.0933  -0.1471 0.0643  43  ALA A CB  
216 N N   . GLN A 33 ? 0.9538 0.9541 0.7472 0.1709  -0.1620 0.0542  44  GLN A N   
217 C CA  . GLN A 33 ? 0.9943 0.9427 0.7600 0.2017  -0.1816 0.0433  44  GLN A CA  
218 C C   . GLN A 33 ? 0.9986 0.9455 0.7962 0.1987  -0.1960 0.0484  44  GLN A C   
219 O O   . GLN A 33 ? 1.0191 0.9379 0.7965 0.2272  -0.2042 0.0437  44  GLN A O   
220 C CB  . GLN A 33 ? 1.0371 0.9891 0.7611 0.2391  -0.1628 0.0428  44  GLN A CB  
221 C CG  . GLN A 33 ? 1.3376 1.2527 1.0101 0.2552  -0.1619 0.0311  44  GLN A CG  
222 C CD  . GLN A 33 ? 1.6536 1.5904 1.2916 0.2862  -0.1330 0.0370  44  GLN A CD  
223 O OE1 . GLN A 33 ? 1.5412 1.5413 1.2061 0.2817  -0.1063 0.0544  44  GLN A OE1 
224 N NE2 . GLN A 33 ? 1.6781 1.5634 1.2557 0.3190  -0.1380 0.0238  44  GLN A NE2 
225 N N   . LYS A 34 ? 0.8863 0.8599 0.7307 0.1663  -0.1988 0.0583  45  LYS A N   
226 C CA  . LYS A 34 ? 0.8406 0.8192 0.7183 0.1615  -0.2091 0.0672  45  LYS A CA  
227 C C   . LYS A 34 ? 0.8328 0.7971 0.7446 0.1331  -0.2264 0.0698  45  LYS A C   
228 O O   . LYS A 34 ? 0.8092 0.7714 0.7235 0.1147  -0.2268 0.0666  45  LYS A O   
229 C CB  . LYS A 34 ? 0.8195 0.8654 0.7239 0.1543  -0.1863 0.0837  45  LYS A CB  
230 C CG  . LYS A 34 ? 1.0249 1.1001 0.9071 0.1791  -0.1648 0.0865  45  LYS A CG  
231 C CD  . LYS A 34 ? 1.1251 1.2685 1.0398 0.1708  -0.1468 0.1042  45  LYS A CD  
232 C CE  . LYS A 34 ? 1.2096 1.3994 1.1481 0.1370  -0.1342 0.1116  45  LYS A CE  
233 N NZ  . LYS A 34 ? 1.2985 1.5540 1.2617 0.1323  -0.1178 0.1273  45  LYS A NZ  
234 N N   . ASP A 35 ? 0.7724 0.7283 0.7114 0.1307  -0.2396 0.0776  46  ASP A N   
235 C CA  . ASP A 35 ? 0.7583 0.7062 0.7363 0.1051  -0.2536 0.0854  46  ASP A CA  
236 C C   . ASP A 35 ? 0.7056 0.7117 0.7177 0.0808  -0.2345 0.1020  46  ASP A C   
237 O O   . ASP A 35 ? 0.6467 0.6544 0.6853 0.0589  -0.2384 0.1084  46  ASP A O   
238 C CB  . ASP A 35 ? 0.8160 0.7241 0.8088 0.1141  -0.2774 0.0884  46  ASP A CB  
239 C CG  . ASP A 35 ? 1.1047 0.9430 1.0691 0.1321  -0.3054 0.0713  46  ASP A CG  
240 O OD1 . ASP A 35 ? 1.1314 0.9463 1.0827 0.1260  -0.3150 0.0603  46  ASP A OD1 
241 O OD2 . ASP A 35 ? 1.2610 1.0656 1.2146 0.1528  -0.3193 0.0685  46  ASP A OD2 
242 N N   . THR A 36 ? 0.6519 0.7049 0.6627 0.0857  -0.2148 0.1096  47  THR A N   
243 C CA  . THR A 36 ? 0.6136 0.7192 0.6502 0.0646  -0.1992 0.1237  47  THR A CA  
244 C C   . THR A 36 ? 0.6356 0.7864 0.6581 0.0632  -0.1777 0.1229  47  THR A C   
245 O O   . THR A 36 ? 0.6396 0.7910 0.6394 0.0836  -0.1718 0.1174  47  THR A O   
246 C CB  . THR A 36 ? 0.6236 0.7422 0.6829 0.0695  -0.2024 0.1385  47  THR A CB  
247 O OG1 . THR A 36 ? 0.5695 0.6898 0.6120 0.0958  -0.2004 0.1367  47  THR A OG1 
248 C CG2 . THR A 36 ? 0.5843 0.6609 0.6649 0.0666  -0.2230 0.1432  47  THR A CG2 
249 N N   . TYR A 37 ? 0.5632 0.7497 0.5990 0.0395  -0.1663 0.1289  48  TYR A N   
250 C CA  . TYR A 37 ? 0.5501 0.7796 0.5789 0.0313  -0.1485 0.1297  48  TYR A CA  
251 C C   . TYR A 37 ? 0.5007 0.7699 0.5498 0.0103  -0.1425 0.1407  48  TYR A C   
252 O O   . TYR A 37 ? 0.4577 0.7172 0.5216 0.0016  -0.1492 0.1464  48  TYR A O   
253 C CB  . TYR A 37 ? 0.6059 0.8196 0.6174 0.0210  -0.1440 0.1189  48  TYR A CB  
254 C CG  . TYR A 37 ? 0.6851 0.8533 0.6711 0.0403  -0.1523 0.1067  48  TYR A CG  
255 C CD1 . TYR A 37 ? 0.7204 0.8405 0.7066 0.0418  -0.1710 0.1003  48  TYR A CD1 
256 C CD2 . TYR A 37 ? 0.7123 0.8853 0.6733 0.0583  -0.1420 0.1025  48  TYR A CD2 
257 C CE1 . TYR A 37 ? 0.7624 0.8368 0.7212 0.0603  -0.1825 0.0876  48  TYR A CE1 
258 C CE2 . TYR A 37 ? 0.7451 0.8723 0.6749 0.0792  -0.1500 0.0905  48  TYR A CE2 
259 C CZ  . TYR A 37 ? 0.8342 0.9104 0.7612 0.0800  -0.1719 0.0819  48  TYR A CZ  
260 O OH  . TYR A 37 ? 0.8488 0.8767 0.7415 0.1008  -0.1835 0.0687  48  TYR A OH  
261 N N   . THR A 38 ? 0.4357 0.7486 0.4852 0.0024  -0.1304 0.1443  49  THR A N   
262 C CA  . THR A 38 ? 0.4234 0.7671 0.4837 -0.0204 -0.1266 0.1508  49  THR A CA  
263 C C   . THR A 38 ? 0.4540 0.7761 0.5053 -0.0395 -0.1246 0.1422  49  THR A C   
264 O O   . THR A 38 ? 0.4242 0.7235 0.4617 -0.0364 -0.1228 0.1329  49  THR A O   
265 C CB  . THR A 38 ? 0.4142 0.8087 0.4794 -0.0256 -0.1182 0.1566  49  THR A CB  
266 O OG1 . THR A 38 ? 0.3645 0.7612 0.4189 -0.0294 -0.1094 0.1500  49  THR A OG1 
267 C CG2 . THR A 38 ? 0.3769 0.7962 0.4527 -0.0047 -0.1190 0.1662  49  THR A CG2 
268 N N   . MET A 39 ? 0.4095 0.7370 0.4656 -0.0565 -0.1242 0.1458  50  MET A N   
269 C CA  . MET A 39 ? 0.3991 0.7116 0.4445 -0.0740 -0.1197 0.1382  50  MET A CA  
270 C C   . MET A 39 ? 0.4368 0.7604 0.4693 -0.0821 -0.1118 0.1309  50  MET A C   
271 O O   . MET A 39 ? 0.4072 0.7047 0.4281 -0.0859 -0.1095 0.1227  50  MET A O   
272 C CB  . MET A 39 ? 0.4142 0.7389 0.4598 -0.0895 -0.1174 0.1430  50  MET A CB  
273 C CG  . MET A 39 ? 0.4844 0.7878 0.5395 -0.0866 -0.1204 0.1492  50  MET A CG  
274 S SD  . MET A 39 ? 0.5355 0.7940 0.5904 -0.0869 -0.1222 0.1412  50  MET A SD  
275 C CE  . MET A 39 ? 0.5145 0.7710 0.5619 -0.1022 -0.1130 0.1426  50  MET A CE  
276 N N   . LYS A 40 ? 0.3899 0.7532 0.4269 -0.0851 -0.1080 0.1359  51  LYS A N   
277 C CA  . LYS A 40 ? 0.3739 0.7536 0.4056 -0.0937 -0.1000 0.1334  51  LYS A CA  
278 C C   . LYS A 40 ? 0.4073 0.7656 0.4286 -0.0778 -0.0952 0.1285  51  LYS A C   
279 O O   . LYS A 40 ? 0.4332 0.7814 0.4433 -0.0866 -0.0888 0.1237  51  LYS A O   
280 C CB  . LYS A 40 ? 0.3846 0.8155 0.4319 -0.0956 -0.0984 0.1433  51  LYS A CB  
281 C CG  . LYS A 40 ? 0.4540 0.9068 0.5026 -0.1142 -0.0922 0.1437  51  LYS A CG  
282 C CD  . LYS A 40 ? 0.5861 1.0939 0.6575 -0.1155 -0.0920 0.1560  51  LYS A CD  
283 C CE  . LYS A 40 ? 0.8811 1.4141 0.9598 -0.1435 -0.0934 0.1578  51  LYS A CE  
284 N NZ  . LYS A 40 ? 1.0614 1.5700 1.1279 -0.1559 -0.0854 0.1513  51  LYS A NZ  
285 N N   . GLU A 41 ? 0.3746 0.7231 0.3963 -0.0535 -0.0988 0.1299  52  GLU A N   
286 C CA  . GLU A 41 ? 0.3789 0.6986 0.3827 -0.0336 -0.0968 0.1235  52  GLU A CA  
287 C C   . GLU A 41 ? 0.4480 0.7183 0.4374 -0.0366 -0.1039 0.1128  52  GLU A C   
288 O O   . GLU A 41 ? 0.4547 0.7053 0.4252 -0.0320 -0.0996 0.1067  52  GLU A O   
289 C CB  . GLU A 41 ? 0.3911 0.7061 0.3949 -0.0053 -0.1017 0.1261  52  GLU A CB  
290 C CG  . GLU A 41 ? 0.5014 0.8653 0.5183 0.0035  -0.0928 0.1376  52  GLU A CG  
291 C CD  . GLU A 41 ? 0.7557 1.1186 0.7762 0.0302  -0.0982 0.1419  52  GLU A CD  
292 O OE1 . GLU A 41 ? 0.5523 0.8797 0.5711 0.0371  -0.1116 0.1379  52  GLU A OE1 
293 O OE2 . GLU A 41 ? 0.7756 1.1743 0.8028 0.0443  -0.0887 0.1509  52  GLU A OE2 
294 N N   . VAL A 42 ? 0.4084 0.6611 0.4081 -0.0436 -0.1139 0.1125  53  VAL A N   
295 C CA  . VAL A 42 ? 0.4049 0.6171 0.3983 -0.0480 -0.1209 0.1050  53  VAL A CA  
296 C C   . VAL A 42 ? 0.4434 0.6576 0.4253 -0.0657 -0.1107 0.1010  53  VAL A C   
297 O O   . VAL A 42 ? 0.4726 0.6591 0.4379 -0.0623 -0.1107 0.0939  53  VAL A O   
298 C CB  . VAL A 42 ? 0.4321 0.6333 0.4450 -0.0537 -0.1303 0.1097  53  VAL A CB  
299 C CG1 . VAL A 42 ? 0.4374 0.6056 0.4496 -0.0613 -0.1349 0.1047  53  VAL A CG1 
300 C CG2 . VAL A 42 ? 0.4258 0.6156 0.4496 -0.0358 -0.1424 0.1136  53  VAL A CG2 
301 N N   . LEU A 43 ? 0.3717 0.6161 0.3606 -0.0838 -0.1033 0.1054  54  LEU A N   
302 C CA  . LEU A 43 ? 0.3897 0.6339 0.3678 -0.1021 -0.0949 0.1018  54  LEU A CA  
303 C C   . LEU A 43 ? 0.4735 0.7227 0.4391 -0.0979 -0.0859 0.1010  54  LEU A C   
304 O O   . LEU A 43 ? 0.4777 0.7071 0.4292 -0.1050 -0.0813 0.0964  54  LEU A O   
305 C CB  . LEU A 43 ? 0.3759 0.6503 0.3610 -0.1216 -0.0918 0.1059  54  LEU A CB  
306 C CG  . LEU A 43 ? 0.4228 0.6850 0.4079 -0.1317 -0.0947 0.1051  54  LEU A CG  
307 C CD1 . LEU A 43 ? 0.3813 0.6101 0.3528 -0.1389 -0.0914 0.0977  54  LEU A CD1 
308 C CD2 . LEU A 43 ? 0.4399 0.6988 0.4400 -0.1188 -0.1021 0.1112  54  LEU A CD2 
309 N N   . PHE A 44 ? 0.4645 0.7411 0.4355 -0.0851 -0.0820 0.1073  55  PHE A N   
310 C CA  . PHE A 44 ? 0.4623 0.7465 0.4223 -0.0777 -0.0706 0.1097  55  PHE A CA  
311 C C   . PHE A 44 ? 0.4933 0.7337 0.4281 -0.0602 -0.0725 0.1016  55  PHE A C   
312 O O   . PHE A 44 ? 0.4683 0.6965 0.3874 -0.0638 -0.0644 0.1003  55  PHE A O   
313 C CB  . PHE A 44 ? 0.4826 0.8051 0.4545 -0.0622 -0.0650 0.1196  55  PHE A CB  
314 C CG  . PHE A 44 ? 0.5021 0.8321 0.4618 -0.0490 -0.0506 0.1246  55  PHE A CG  
315 C CD1 . PHE A 44 ? 0.5388 0.9007 0.5093 -0.0661 -0.0377 0.1340  55  PHE A CD1 
316 C CD2 . PHE A 44 ? 0.5675 0.8695 0.5034 -0.0193 -0.0501 0.1201  55  PHE A CD2 
317 C CE1 . PHE A 44 ? 0.5549 0.9261 0.5162 -0.0531 -0.0216 0.1421  55  PHE A CE1 
318 C CE2 . PHE A 44 ? 0.6167 0.9242 0.5363 -0.0040 -0.0344 0.1257  55  PHE A CE2 
319 C CZ  . PHE A 44 ? 0.5726 0.9170 0.5067 -0.0207 -0.0186 0.1381  55  PHE A CZ  
320 N N   . TYR A 45 ? 0.4882 0.7036 0.4185 -0.0410 -0.0848 0.0966  56  TYR A N   
321 C CA  . TYR A 45 ? 0.4950 0.6643 0.3998 -0.0227 -0.0923 0.0873  56  TYR A CA  
322 C C   . TYR A 45 ? 0.5143 0.6532 0.4135 -0.0369 -0.0976 0.0808  56  TYR A C   
323 O O   . TYR A 45 ? 0.5323 0.6441 0.4073 -0.0293 -0.0968 0.0758  56  TYR A O   
324 C CB  . TYR A 45 ? 0.5399 0.6870 0.4449 -0.0019 -0.1085 0.0832  56  TYR A CB  
325 C CG  . TYR A 45 ? 0.5810 0.7448 0.4778 0.0220  -0.1022 0.0873  56  TYR A CG  
326 C CD1 . TYR A 45 ? 0.6183 0.7759 0.4861 0.0414  -0.0914 0.0862  56  TYR A CD1 
327 C CD2 . TYR A 45 ? 0.5883 0.7756 0.5058 0.0269  -0.1052 0.0936  56  TYR A CD2 
328 C CE1 . TYR A 45 ? 0.6572 0.8322 0.5168 0.0664  -0.0826 0.0914  56  TYR A CE1 
329 C CE2 . TYR A 45 ? 0.6086 0.8126 0.5193 0.0510  -0.0981 0.0983  56  TYR A CE2 
330 C CZ  . TYR A 45 ? 0.7203 0.9182 0.6020 0.0714  -0.0863 0.0971  56  TYR A CZ  
331 O OH  . TYR A 45 ? 0.7309 0.9453 0.6038 0.0990  -0.0766 0.1027  56  TYR A OH  
332 N N   . LEU A 46 ? 0.4578 0.6007 0.3774 -0.0555 -0.1021 0.0819  57  LEU A N   
333 C CA  . LEU A 46 ? 0.4650 0.5852 0.3811 -0.0696 -0.1031 0.0778  57  LEU A CA  
334 C C   . LEU A 46 ? 0.4919 0.6175 0.3933 -0.0818 -0.0885 0.0785  57  LEU A C   
335 O O   . LEU A 46 ? 0.4874 0.5840 0.3732 -0.0816 -0.0892 0.0739  57  LEU A O   
336 C CB  . LEU A 46 ? 0.4399 0.5675 0.3782 -0.0850 -0.1064 0.0808  57  LEU A CB  
337 C CG  . LEU A 46 ? 0.4672 0.5782 0.4223 -0.0757 -0.1216 0.0816  57  LEU A CG  
338 C CD1 . LEU A 46 ? 0.4315 0.5640 0.4092 -0.0872 -0.1201 0.0893  57  LEU A CD1 
339 C CD2 . LEU A 46 ? 0.4849 0.5577 0.4366 -0.0721 -0.1322 0.0765  57  LEU A CD2 
340 N N   . GLY A 47 ? 0.4573 0.6192 0.3658 -0.0925 -0.0770 0.0851  58  GLY A N   
341 C CA  . GLY A 47 ? 0.4524 0.6227 0.3516 -0.1048 -0.0635 0.0885  58  GLY A CA  
342 C C   . GLY A 47 ? 0.5266 0.6804 0.4021 -0.0868 -0.0571 0.0888  58  GLY A C   
343 O O   . GLY A 47 ? 0.5592 0.6892 0.4177 -0.0910 -0.0528 0.0870  58  GLY A O   
344 N N   . GLN A 48 ? 0.4638 0.6278 0.3351 -0.0643 -0.0563 0.0915  59  GLN A N   
345 C CA  . GLN A 48 ? 0.4822 0.6269 0.3237 -0.0401 -0.0507 0.0911  59  GLN A CA  
346 C C   . GLN A 48 ? 0.5438 0.6369 0.3611 -0.0316 -0.0635 0.0800  59  GLN A C   
347 O O   . GLN A 48 ? 0.5529 0.6264 0.3443 -0.0252 -0.0566 0.0803  59  GLN A O   
348 C CB  . GLN A 48 ? 0.4979 0.6528 0.3353 -0.0129 -0.0521 0.0924  59  GLN A CB  
349 C CG  . GLN A 48 ? 0.5683 0.7780 0.4304 -0.0164 -0.0387 0.1058  59  GLN A CG  
350 C CD  . GLN A 48 ? 0.8080 1.0443 0.6708 -0.0249 -0.0177 0.1185  59  GLN A CD  
351 O OE1 . GLN A 48 ? 0.7331 0.9716 0.5766 -0.0030 -0.0042 0.1249  59  GLN A OE1 
352 N NE2 . GLN A 48 ? 0.6884 0.9435 0.5725 -0.0563 -0.0145 0.1231  59  GLN A NE2 
353 N N   . TYR A 49 ? 0.4871 0.5596 0.3146 -0.0317 -0.0822 0.0720  60  TYR A N   
354 C CA  . TYR A 49 ? 0.4808 0.5083 0.2936 -0.0259 -0.0975 0.0629  60  TYR A CA  
355 C C   . TYR A 49 ? 0.5028 0.5208 0.3127 -0.0440 -0.0905 0.0638  60  TYR A C   
356 O O   . TYR A 49 ? 0.5240 0.5132 0.3081 -0.0352 -0.0915 0.0608  60  TYR A O   
357 C CB  . TYR A 49 ? 0.4897 0.5056 0.3258 -0.0268 -0.1175 0.0586  60  TYR A CB  
358 C CG  . TYR A 49 ? 0.4893 0.4637 0.3202 -0.0224 -0.1364 0.0513  60  TYR A CG  
359 C CD1 . TYR A 49 ? 0.5253 0.4646 0.3338 0.0003  -0.1542 0.0433  60  TYR A CD1 
360 C CD2 . TYR A 49 ? 0.4928 0.4625 0.3410 -0.0399 -0.1376 0.0527  60  TYR A CD2 
361 C CE1 . TYR A 49 ? 0.5256 0.4280 0.3333 0.0030  -0.1753 0.0373  60  TYR A CE1 
362 C CE2 . TYR A 49 ? 0.4868 0.4232 0.3367 -0.0357 -0.1556 0.0484  60  TYR A CE2 
363 C CZ  . TYR A 49 ? 0.5722 0.4761 0.4040 -0.0155 -0.1755 0.0410  60  TYR A CZ  
364 O OH  . TYR A 49 ? 0.5546 0.4267 0.3901 -0.0126 -0.1961 0.0372  60  TYR A OH  
365 N N   . ILE A 50 ? 0.4741 0.5134 0.3070 -0.0678 -0.0840 0.0676  61  ILE A N   
366 C CA  . ILE A 50 ? 0.4742 0.5023 0.3025 -0.0852 -0.0764 0.0681  61  ILE A CA  
367 C C   . ILE A 50 ? 0.5507 0.5772 0.3555 -0.0845 -0.0609 0.0733  61  ILE A C   
368 O O   . ILE A 50 ? 0.5459 0.5447 0.3331 -0.0853 -0.0592 0.0721  61  ILE A O   
369 C CB  . ILE A 50 ? 0.4885 0.5405 0.3397 -0.1087 -0.0716 0.0707  61  ILE A CB  
370 C CG1 . ILE A 50 ? 0.4957 0.5406 0.3663 -0.1089 -0.0843 0.0676  61  ILE A CG1 
371 C CG2 . ILE A 50 ? 0.4892 0.5337 0.3320 -0.1279 -0.0605 0.0720  61  ILE A CG2 
372 C CD1 . ILE A 50 ? 0.5374 0.6135 0.4289 -0.1240 -0.0812 0.0711  61  ILE A CD1 
373 N N   . MET A 51 ? 0.5338 0.5917 0.3408 -0.0822 -0.0490 0.0810  62  MET A N   
374 C CA  . MET A 51 ? 0.5566 0.6204 0.3480 -0.0830 -0.0313 0.0905  62  MET A CA  
375 C C   . MET A 51 ? 0.6465 0.6798 0.4025 -0.0556 -0.0321 0.0884  62  MET A C   
376 O O   . MET A 51 ? 0.6726 0.6870 0.4080 -0.0559 -0.0237 0.0923  62  MET A O   
377 C CB  . MET A 51 ? 0.5625 0.6748 0.3733 -0.0889 -0.0175 0.1027  62  MET A CB  
378 C CG  . MET A 51 ? 0.5933 0.7341 0.4347 -0.1183 -0.0176 0.1053  62  MET A CG  
379 S SD  . MET A 51 ? 0.6595 0.7763 0.4983 -0.1474 -0.0166 0.1026  62  MET A SD  
380 C CE  . MET A 51 ? 0.6245 0.7506 0.4589 -0.1542 0.0005  0.1161  62  MET A CE  
381 N N   . THR A 52 ? 0.6290 0.6541 0.3753 -0.0314 -0.0435 0.0821  63  THR A N   
382 C CA  . THR A 52 ? 0.6439 0.6316 0.3507 -0.0018 -0.0510 0.0760  63  THR A CA  
383 C C   . THR A 52 ? 0.7031 0.6473 0.3943 -0.0024 -0.0655 0.0677  63  THR A C   
384 O O   . THR A 52 ? 0.7283 0.6464 0.3842 0.0122  -0.0624 0.0683  63  THR A O   
385 C CB  . THR A 52 ? 0.7189 0.7027 0.4237 0.0200  -0.0658 0.0683  63  THR A CB  
386 O OG1 . THR A 52 ? 0.7190 0.7435 0.4338 0.0251  -0.0494 0.0780  63  THR A OG1 
387 C CG2 . THR A 52 ? 0.7425 0.6808 0.4041 0.0506  -0.0800 0.0584  63  THR A CG2 
388 N N   . LYS A 53 ? 0.6426 0.5797 0.3593 -0.0170 -0.0808 0.0613  64  LYS A N   
389 C CA  . LYS A 53 ? 0.6443 0.5444 0.3524 -0.0167 -0.0950 0.0552  64  LYS A CA  
390 C C   . LYS A 53 ? 0.6624 0.5614 0.3734 -0.0370 -0.0815 0.0610  64  LYS A C   
391 O O   . LYS A 53 ? 0.6500 0.5205 0.3553 -0.0370 -0.0908 0.0577  64  LYS A O   
392 C CB  . LYS A 53 ? 0.6715 0.5621 0.4055 -0.0181 -0.1180 0.0480  64  LYS A CB  
393 C CG  . LYS A 53 ? 0.7724 0.6494 0.4950 0.0049  -0.1356 0.0409  64  LYS A CG  
394 C CD  . LYS A 53 ? 0.8088 0.6659 0.5533 0.0055  -0.1625 0.0346  64  LYS A CD  
395 C CE  . LYS A 53 ? 0.7120 0.5277 0.4379 0.0163  -0.1831 0.0283  64  LYS A CE  
396 N NZ  . LYS A 53 ? 0.8253 0.6272 0.5830 0.0144  -0.2109 0.0248  64  LYS A NZ  
397 N N   . ARG A 54 ? 0.6046 0.5336 0.3253 -0.0541 -0.0607 0.0700  65  ARG A N   
398 C CA  . ARG A 54 ? 0.5882 0.5135 0.3101 -0.0746 -0.0481 0.0753  65  ARG A CA  
399 C C   . ARG A 54 ? 0.5817 0.4936 0.3217 -0.0880 -0.0579 0.0694  65  ARG A C   
400 O O   . ARG A 54 ? 0.5851 0.4708 0.3143 -0.0911 -0.0572 0.0692  65  ARG A O   
401 C CB  . ARG A 54 ? 0.6592 0.5575 0.3458 -0.0627 -0.0404 0.0802  65  ARG A CB  
402 C CG  . ARG A 54 ? 0.6912 0.6061 0.3593 -0.0485 -0.0255 0.0895  65  ARG A CG  
403 C CD  . ARG A 54 ? 0.9404 0.8249 0.5680 -0.0322 -0.0185 0.0949  65  ARG A CD  
404 N NE  . ARG A 54 ? 1.1045 1.0048 0.7115 -0.0137 -0.0023 0.1053  65  ARG A NE  
405 C CZ  . ARG A 54 ? 1.4839 1.3622 1.0499 0.0076  0.0063  0.1118  65  ARG A CZ  
406 N NH1 . ARG A 54 ? 1.5025 1.3409 1.0436 0.0122  -0.0018 0.1085  65  ARG A NH1 
407 N NH2 . ARG A 54 ? 1.3151 1.2117 0.8637 0.0263  0.0239  0.1228  65  ARG A NH2 
408 N N   . LEU A 55 ? 0.5378 0.4683 0.3051 -0.0943 -0.0657 0.0657  66  LEU A N   
409 C CA  . LEU A 55 ? 0.5240 0.4470 0.3105 -0.1041 -0.0727 0.0622  66  LEU A CA  
410 C C   . LEU A 55 ? 0.5631 0.4984 0.3561 -0.1275 -0.0592 0.0646  66  LEU A C   
411 O O   . LEU A 55 ? 0.5355 0.4870 0.3472 -0.1377 -0.0602 0.0633  66  LEU A O   
412 C CB  . LEU A 55 ? 0.5058 0.4434 0.3172 -0.0984 -0.0862 0.0596  66  LEU A CB  
413 C CG  . LEU A 55 ? 0.5448 0.4662 0.3497 -0.0762 -0.1036 0.0557  66  LEU A CG  
414 C CD1 . LEU A 55 ? 0.5028 0.4373 0.3374 -0.0742 -0.1170 0.0550  66  LEU A CD1 
415 C CD2 . LEU A 55 ? 0.5503 0.4357 0.3411 -0.0661 -0.1145 0.0528  66  LEU A CD2 
416 N N   . TYR A 56 ? 0.5708 0.4961 0.3462 -0.1354 -0.0474 0.0684  67  TYR A N   
417 C CA  . TYR A 56 ? 0.5411 0.4729 0.3185 -0.1585 -0.0365 0.0707  67  TYR A CA  
418 C C   . TYR A 56 ? 0.5915 0.4902 0.3473 -0.1615 -0.0294 0.0730  67  TYR A C   
419 O O   . TYR A 56 ? 0.5697 0.4471 0.3085 -0.1451 -0.0312 0.0744  67  TYR A O   
420 C CB  . TYR A 56 ? 0.5188 0.4873 0.3055 -0.1688 -0.0285 0.0776  67  TYR A CB  
421 C CG  . TYR A 56 ? 0.5148 0.4904 0.2897 -0.1571 -0.0202 0.0863  67  TYR A CG  
422 C CD1 . TYR A 56 ? 0.5264 0.4839 0.2834 -0.1608 -0.0089 0.0937  67  TYR A CD1 
423 C CD2 . TYR A 56 ? 0.5069 0.5084 0.2876 -0.1418 -0.0216 0.0887  67  TYR A CD2 
424 C CE1 . TYR A 56 ? 0.5064 0.4727 0.2512 -0.1484 0.0020  0.1044  67  TYR A CE1 
425 C CE2 . TYR A 56 ? 0.5169 0.5258 0.2837 -0.1281 -0.0110 0.0977  67  TYR A CE2 
426 C CZ  . TYR A 56 ? 0.5829 0.5746 0.3311 -0.1306 0.0013  0.1060  67  TYR A CZ  
427 O OH  . TYR A 56 ? 0.5749 0.5737 0.3066 -0.1143 0.0141  0.1170  67  TYR A OH  
428 N N   . ASP A 57 ? 0.5516 0.4437 0.3061 -0.1820 -0.0225 0.0732  68  ASP A N   
429 C CA  . ASP A 57 ? 0.5616 0.4207 0.2962 -0.1881 -0.0148 0.0764  68  ASP A CA  
430 C C   . ASP A 57 ? 0.5548 0.4191 0.2918 -0.2144 -0.0069 0.0804  68  ASP A C   
431 O O   . ASP A 57 ? 0.5255 0.4030 0.2736 -0.2293 -0.0108 0.0751  68  ASP A O   
432 C CB  . ASP A 57 ? 0.5909 0.4159 0.3181 -0.1815 -0.0196 0.0694  68  ASP A CB  
433 C CG  . ASP A 57 ? 0.6865 0.4742 0.3907 -0.1761 -0.0144 0.0736  68  ASP A CG  
434 O OD1 . ASP A 57 ? 0.7778 0.5559 0.4734 -0.1568 -0.0189 0.0756  68  ASP A OD1 
435 O OD2 . ASP A 57 ? 0.7364 0.5021 0.4298 -0.1912 -0.0072 0.0745  68  ASP A OD2 
436 N N   . ALA A 58 ? 0.5418 0.3953 0.2681 -0.2201 0.0029  0.0904  69  ALA A N   
437 C CA  . ALA A 58 ? 0.5721 0.4261 0.3030 -0.2474 0.0092  0.0968  69  ALA A CA  
438 C C   . ALA A 58 ? 0.6940 0.5131 0.4149 -0.2638 0.0045  0.0866  69  ALA A C   
439 O O   . ALA A 58 ? 0.6362 0.4606 0.3650 -0.2883 0.0023  0.0864  69  ALA A O   
440 C CB  . ALA A 58 ? 0.5906 0.4342 0.3111 -0.2474 0.0220  0.1121  69  ALA A CB  
441 N N   . ALA A 59 ? 0.7409 0.5242 0.4443 -0.2490 0.0019  0.0781  70  ALA A N   
442 C CA  . ALA A 59 ? 0.7674 0.5152 0.4569 -0.2581 -0.0009 0.0675  70  ALA A CA  
443 C C   . ALA A 59 ? 0.7434 0.5098 0.4417 -0.2639 -0.0090 0.0568  70  ALA A C   
444 O O   . ALA A 59 ? 0.7968 0.5404 0.4824 -0.2776 -0.0117 0.0489  70  ALA A O   
445 C CB  . ALA A 59 ? 0.8053 0.5173 0.4781 -0.2367 0.0001  0.0640  70  ALA A CB  
446 N N   . GLN A 60 ? 0.6464 0.4502 0.3631 -0.2527 -0.0133 0.0565  71  GLN A N   
447 C CA  . GLN A 60 ? 0.6396 0.4618 0.3641 -0.2540 -0.0200 0.0483  71  GLN A CA  
448 C C   . GLN A 60 ? 0.6197 0.4915 0.3687 -0.2541 -0.0236 0.0534  71  GLN A C   
449 O O   . GLN A 60 ? 0.5788 0.4691 0.3403 -0.2359 -0.0264 0.0541  71  GLN A O   
450 C CB  . GLN A 60 ? 0.6622 0.4719 0.3850 -0.2317 -0.0206 0.0437  71  GLN A CB  
451 C CG  . GLN A 60 ? 0.7644 0.5271 0.4639 -0.2268 -0.0160 0.0386  71  GLN A CG  
452 C CD  . GLN A 60 ? 0.9552 0.6929 0.6327 -0.2426 -0.0160 0.0295  71  GLN A CD  
453 O OE1 . GLN A 60 ? 1.0299 0.7247 0.6844 -0.2448 -0.0119 0.0265  71  GLN A OE1 
454 N NE2 . GLN A 60 ? 0.9056 0.6650 0.5860 -0.2531 -0.0217 0.0246  71  GLN A NE2 
455 N N   . GLN A 61 ? 0.5701 0.4635 0.3282 -0.2748 -0.0247 0.0578  72  GLN A N   
456 C CA  . GLN A 61 ? 0.5604 0.5005 0.3423 -0.2737 -0.0246 0.0669  72  GLN A CA  
457 C C   . GLN A 61 ? 0.6142 0.5885 0.4117 -0.2685 -0.0322 0.0635  72  GLN A C   
458 O O   . GLN A 61 ? 0.6242 0.6358 0.4406 -0.2637 -0.0318 0.0711  72  GLN A O   
459 C CB  . GLN A 61 ? 0.5688 0.5250 0.3614 -0.2964 -0.0218 0.0766  72  GLN A CB  
460 C CG  . GLN A 61 ? 0.6026 0.5352 0.3851 -0.2957 -0.0113 0.0855  72  GLN A CG  
461 C CD  . GLN A 61 ? 0.5639 0.5183 0.3639 -0.3169 -0.0066 0.0996  72  GLN A CD  
462 O OE1 . GLN A 61 ? 0.5376 0.5374 0.3631 -0.3234 -0.0083 0.1067  72  GLN A OE1 
463 N NE2 . GLN A 61 ? 0.5745 0.4983 0.3639 -0.3277 -0.0002 0.1058  72  GLN A NE2 
464 N N   . HIS A 62 ? 0.5491 0.5113 0.3382 -0.2670 -0.0376 0.0540  73  HIS A N   
465 C CA  . HIS A 62 ? 0.5769 0.5687 0.3791 -0.2604 -0.0438 0.0523  73  HIS A CA  
466 C C   . HIS A 62 ? 0.5995 0.5825 0.4039 -0.2363 -0.0434 0.0508  73  HIS A C   
467 O O   . HIS A 62 ? 0.5773 0.5804 0.3925 -0.2296 -0.0477 0.0507  73  HIS A O   
468 C CB  . HIS A 62 ? 0.6205 0.6082 0.4109 -0.2763 -0.0507 0.0444  73  HIS A CB  
469 C CG  . HIS A 62 ? 0.6609 0.6694 0.4593 -0.3007 -0.0572 0.0472  73  HIS A CG  
470 N ND1 . HIS A 62 ? 0.7106 0.6941 0.4981 -0.3210 -0.0577 0.0461  73  HIS A ND1 
471 C CD2 . HIS A 62 ? 0.6783 0.7305 0.4974 -0.3077 -0.0643 0.0520  73  HIS A CD2 
472 C CE1 . HIS A 62 ? 0.7022 0.7162 0.5068 -0.3411 -0.0661 0.0508  73  HIS A CE1 
473 N NE2 . HIS A 62 ? 0.6898 0.7469 0.5136 -0.3331 -0.0702 0.0543  73  HIS A NE2 
474 N N   . ILE A 63 ? 0.5338 0.4880 0.3304 -0.2240 -0.0394 0.0509  74  ILE A N   
475 C CA  A ILE A 63 ? 0.5140 0.4590 0.3173 -0.2040 -0.0413 0.0509  74  ILE A CA  
476 C CA  B ILE A 63 ? 0.5121 0.4569 0.3152 -0.2039 -0.0412 0.0509  74  ILE A CA  
477 C C   . ILE A 63 ? 0.5215 0.4780 0.3376 -0.1895 -0.0452 0.0559  74  ILE A C   
478 O O   . ILE A 63 ? 0.5105 0.4571 0.3170 -0.1884 -0.0423 0.0583  74  ILE A O   
479 C CB  A ILE A 63 ? 0.5624 0.4667 0.3487 -0.1992 -0.0364 0.0475  74  ILE A CB  
480 C CB  B ILE A 63 ? 0.5574 0.4614 0.3437 -0.1989 -0.0364 0.0476  74  ILE A CB  
481 C CG1 A ILE A 63 ? 0.5739 0.4621 0.3405 -0.2124 -0.0329 0.0406  74  ILE A CG1 
482 C CG1 B ILE A 63 ? 0.5724 0.4575 0.3383 -0.2111 -0.0324 0.0407  74  ILE A CG1 
483 C CG2 A ILE A 63 ? 0.5558 0.4558 0.3569 -0.1791 -0.0392 0.0503  74  ILE A CG2 
484 C CG2 B ILE A 63 ? 0.5427 0.4423 0.3437 -0.1788 -0.0394 0.0504  74  ILE A CG2 
485 C CD1 A ILE A 63 ? 0.6853 0.5344 0.4331 -0.2049 -0.0268 0.0368  74  ILE A CD1 
486 C CD1 B ILE A 63 ? 0.5549 0.4498 0.3237 -0.2046 -0.0326 0.0389  74  ILE A CD1 
487 N N   . VAL A 64 ? 0.4534 0.4281 0.2888 -0.1774 -0.0522 0.0578  75  VAL A N   
488 C CA  . VAL A 64 ? 0.4607 0.4355 0.3045 -0.1604 -0.0596 0.0603  75  VAL A CA  
489 C C   . VAL A 64 ? 0.5167 0.4631 0.3618 -0.1487 -0.0640 0.0599  75  VAL A C   
490 O O   . VAL A 64 ? 0.5288 0.4734 0.3854 -0.1475 -0.0639 0.0609  75  VAL A O   
491 C CB  . VAL A 64 ? 0.4765 0.4804 0.3410 -0.1537 -0.0671 0.0630  75  VAL A CB  
492 C CG1 . VAL A 64 ? 0.4627 0.4586 0.3327 -0.1351 -0.0781 0.0635  75  VAL A CG1 
493 C CG2 . VAL A 64 ? 0.4755 0.5100 0.3402 -0.1642 -0.0626 0.0649  75  VAL A CG2 
494 N N   . TYR A 65 ? 0.4554 0.3812 0.2884 -0.1395 -0.0670 0.0595  76  TYR A N   
495 C CA  . TYR A 65 ? 0.4891 0.3893 0.3246 -0.1270 -0.0746 0.0600  76  TYR A CA  
496 C C   . TYR A 65 ? 0.5218 0.4235 0.3709 -0.1114 -0.0916 0.0605  76  TYR A C   
497 O O   . TYR A 65 ? 0.5194 0.4126 0.3519 -0.1024 -0.0965 0.0587  76  TYR A O   
498 C CB  . TYR A 65 ? 0.5220 0.3936 0.3311 -0.1265 -0.0689 0.0593  76  TYR A CB  
499 C CG  . TYR A 65 ? 0.5197 0.3809 0.3172 -0.1411 -0.0554 0.0582  76  TYR A CG  
500 C CD1 . TYR A 65 ? 0.5519 0.3967 0.3535 -0.1386 -0.0532 0.0580  76  TYR A CD1 
501 C CD2 . TYR A 65 ? 0.5122 0.3798 0.2957 -0.1573 -0.0456 0.0577  76  TYR A CD2 
502 C CE1 . TYR A 65 ? 0.5660 0.3954 0.3513 -0.1499 -0.0417 0.0552  76  TYR A CE1 
503 C CE2 . TYR A 65 ? 0.5193 0.3721 0.2901 -0.1718 -0.0368 0.0551  76  TYR A CE2 
504 C CZ  . TYR A 65 ? 0.6048 0.4356 0.3732 -0.1672 -0.0349 0.0527  76  TYR A CZ  
505 O OH  . TYR A 65 ? 0.6559 0.4664 0.4059 -0.1795 -0.0270 0.0484  76  TYR A OH  
506 N N   . CYS A 66 ? 0.4752 0.3856 0.3531 -0.1075 -0.1005 0.0636  77  CYS A N   
507 C CA  . CYS A 66 ? 0.4535 0.3680 0.3500 -0.0964 -0.1185 0.0644  77  CYS A CA  
508 C C   . CYS A 66 ? 0.4801 0.3795 0.4000 -0.0878 -0.1340 0.0683  77  CYS A C   
509 O O   . CYS A 66 ? 0.4530 0.3545 0.3953 -0.0811 -0.1514 0.0702  77  CYS A O   
510 C CB  . CYS A 66 ? 0.4346 0.3785 0.3503 -0.1015 -0.1169 0.0673  77  CYS A CB  
511 S SG  . CYS A 66 ? 0.4607 0.4225 0.3985 -0.1118 -0.1047 0.0745  77  CYS A SG  
512 N N   . SER A 67 ? 0.4556 0.3392 0.3728 -0.0878 -0.1289 0.0703  78  SER A N   
513 C CA  . SER A 67 ? 0.4658 0.3378 0.4093 -0.0793 -0.1439 0.0761  78  SER A CA  
514 C C   . SER A 67 ? 0.5637 0.4154 0.4989 -0.0675 -0.1677 0.0714  78  SER A C   
515 O O   . SER A 67 ? 0.6036 0.4423 0.5020 -0.0633 -0.1668 0.0637  78  SER A O   
516 C CB  . SER A 67 ? 0.5087 0.3660 0.4456 -0.0788 -0.1330 0.0791  78  SER A CB  
517 O OG  . SER A 67 ? 0.7089 0.5417 0.6089 -0.0752 -0.1322 0.0728  78  SER A OG  
518 N N   . ASN A 68 ? 0.5246 0.3724 0.4925 -0.0616 -0.1892 0.0763  79  ASN A N   
519 C CA  . ASN A 68 ? 0.5864 0.4105 0.5438 -0.0499 -0.2169 0.0698  79  ASN A CA  
520 C C   . ASN A 68 ? 0.6318 0.4522 0.5555 -0.0446 -0.2191 0.0593  79  ASN A C   
521 O O   . ASN A 68 ? 0.6287 0.4245 0.5167 -0.0324 -0.2302 0.0509  79  ASN A O   
522 C CB  . ASN A 68 ? 0.6857 0.4829 0.6182 -0.0415 -0.2216 0.0676  79  ASN A CB  
523 C CG  . ASN A 68 ? 0.8897 0.6594 0.8135 -0.0281 -0.2538 0.0620  79  ASN A CG  
524 O OD1 . ASN A 68 ? 0.8806 0.6499 0.8384 -0.0270 -0.2790 0.0643  79  ASN A OD1 
525 N ND2 . ASN A 68 ? 0.8575 0.6018 0.7342 -0.0178 -0.2545 0.0550  79  ASN A ND2 
526 N N   . ASP A 69 ? 0.5724 0.4181 0.5062 -0.0522 -0.2071 0.0608  80  ASP A N   
527 C CA  . ASP A 69 ? 0.5403 0.3872 0.4517 -0.0458 -0.2093 0.0536  80  ASP A CA  
528 C C   . ASP A 69 ? 0.5482 0.4110 0.4972 -0.0492 -0.2190 0.0587  80  ASP A C   
529 O O   . ASP A 69 ? 0.5136 0.3955 0.4990 -0.0596 -0.2126 0.0688  80  ASP A O   
530 C CB  . ASP A 69 ? 0.5601 0.4246 0.4436 -0.0518 -0.1820 0.0521  80  ASP A CB  
531 C CG  . ASP A 69 ? 0.5826 0.4498 0.4422 -0.0416 -0.1826 0.0465  80  ASP A CG  
532 O OD1 . ASP A 69 ? 0.5294 0.4172 0.4076 -0.0442 -0.1822 0.0487  80  ASP A OD1 
533 O OD2 . ASP A 69 ? 0.6549 0.5033 0.4761 -0.0289 -0.1827 0.0409  80  ASP A OD2 
534 N N   . LEU A 70 ? 0.5407 0.3939 0.4804 -0.0390 -0.2340 0.0527  81  LEU A N   
535 C CA  . LEU A 70 ? 0.5375 0.4049 0.5102 -0.0422 -0.2415 0.0582  81  LEU A CA  
536 C C   . LEU A 70 ? 0.5124 0.4186 0.5014 -0.0557 -0.2152 0.0670  81  LEU A C   
537 O O   . LEU A 70 ? 0.4509 0.3728 0.4788 -0.0627 -0.2169 0.0776  81  LEU A O   
538 C CB  . LEU A 70 ? 0.5591 0.4093 0.5081 -0.0270 -0.2560 0.0487  81  LEU A CB  
539 C CG  . LEU A 70 ? 0.6224 0.4847 0.6008 -0.0286 -0.2629 0.0542  81  LEU A CG  
540 C CD1 . LEU A 70 ? 0.5984 0.4529 0.6259 -0.0355 -0.2851 0.0634  81  LEU A CD1 
541 C CD2 . LEU A 70 ? 0.7095 0.5510 0.6556 -0.0101 -0.2746 0.0433  81  LEU A CD2 
542 N N   . LEU A 71 ? 0.4664 0.3872 0.4261 -0.0596 -0.1920 0.0636  82  LEU A N   
543 C CA  . LEU A 71 ? 0.4331 0.3870 0.4037 -0.0727 -0.1707 0.0703  82  LEU A CA  
544 C C   . LEU A 71 ? 0.4208 0.3825 0.4178 -0.0829 -0.1633 0.0794  82  LEU A C   
545 O O   . LEU A 71 ? 0.3639 0.3480 0.3827 -0.0892 -0.1559 0.0876  82  LEU A O   
546 C CB  . LEU A 71 ? 0.4333 0.3992 0.3713 -0.0774 -0.1504 0.0657  82  LEU A CB  
547 C CG  . LEU A 71 ? 0.4633 0.4621 0.4075 -0.0911 -0.1325 0.0706  82  LEU A CG  
548 C CD1 . LEU A 71 ? 0.4597 0.4790 0.4238 -0.0887 -0.1373 0.0754  82  LEU A CD1 
549 C CD2 . LEU A 71 ? 0.5120 0.5208 0.4285 -0.0967 -0.1174 0.0670  82  LEU A CD2 
550 N N   . GLY A 72 ? 0.3898 0.3336 0.3822 -0.0824 -0.1640 0.0784  83  GLY A N   
551 C CA  . GLY A 72 ? 0.3949 0.3438 0.4108 -0.0881 -0.1560 0.0876  83  GLY A CA  
552 C C   . GLY A 72 ? 0.4227 0.3785 0.4857 -0.0863 -0.1694 0.0999  83  GLY A C   
553 O O   . GLY A 72 ? 0.3700 0.3449 0.4565 -0.0910 -0.1570 0.1113  83  GLY A O   
554 N N   . ASP A 73 ? 0.4218 0.3610 0.4980 -0.0793 -0.1947 0.0984  84  ASP A N   
555 C CA  . ASP A 73 ? 0.4020 0.3467 0.5279 -0.0796 -0.2111 0.1113  84  ASP A CA  
556 C C   . ASP A 73 ? 0.4252 0.3943 0.5662 -0.0838 -0.2025 0.1190  84  ASP A C   
557 O O   . ASP A 73 ? 0.3990 0.3854 0.5793 -0.0878 -0.1981 0.1354  84  ASP A O   
558 C CB  . ASP A 73 ? 0.4285 0.3443 0.5601 -0.0718 -0.2445 0.1054  84  ASP A CB  
559 C CG  . ASP A 73 ? 0.5419 0.4313 0.6583 -0.0659 -0.2580 0.0984  84  ASP A CG  
560 O OD1 . ASP A 73 ? 0.5280 0.4237 0.6506 -0.0686 -0.2451 0.1041  84  ASP A OD1 
561 O OD2 . ASP A 73 ? 0.5530 0.4139 0.6485 -0.0569 -0.2813 0.0871  84  ASP A OD2 
562 N N   . LEU A 74 ? 0.3936 0.3653 0.5040 -0.0816 -0.1990 0.1091  85  LEU A N   
563 C CA  . LEU A 74 ? 0.3829 0.3775 0.5040 -0.0840 -0.1919 0.1158  85  LEU A CA  
564 C C   . LEU A 74 ? 0.4019 0.4243 0.5249 -0.0921 -0.1664 0.1245  85  LEU A C   
565 O O   . LEU A 74 ? 0.3649 0.4060 0.5145 -0.0942 -0.1618 0.1383  85  LEU A O   
566 C CB  . LEU A 74 ? 0.3967 0.3899 0.4835 -0.0781 -0.1927 0.1036  85  LEU A CB  
567 C CG  . LEU A 74 ? 0.4753 0.4372 0.5530 -0.0657 -0.2183 0.0940  85  LEU A CG  
568 C CD1 . LEU A 74 ? 0.4948 0.4600 0.5434 -0.0571 -0.2154 0.0857  85  LEU A CD1 
569 C CD2 . LEU A 74 ? 0.5373 0.4866 0.6562 -0.0647 -0.2416 0.1032  85  LEU A CD2 
570 N N   . PHE A 75 ? 0.3434 0.3655 0.4371 -0.0959 -0.1509 0.1170  86  PHE A N   
571 C CA  . PHE A 75 ? 0.3563 0.3987 0.4389 -0.1028 -0.1281 0.1206  86  PHE A CA  
572 C C   . PHE A 75 ? 0.3933 0.4357 0.4947 -0.1028 -0.1182 0.1314  86  PHE A C   
573 O O   . PHE A 75 ? 0.4076 0.4651 0.5038 -0.1052 -0.1007 0.1372  86  PHE A O   
574 C CB  . PHE A 75 ? 0.3913 0.4305 0.4304 -0.1082 -0.1175 0.1063  86  PHE A CB  
575 C CG  . PHE A 75 ? 0.3751 0.4299 0.3963 -0.1105 -0.1161 0.1004  86  PHE A CG  
576 C CD1 . PHE A 75 ? 0.3960 0.4595 0.4323 -0.1043 -0.1272 0.1039  86  PHE A CD1 
577 C CD2 . PHE A 75 ? 0.3961 0.4576 0.3876 -0.1190 -0.1040 0.0928  86  PHE A CD2 
578 C CE1 . PHE A 75 ? 0.3958 0.4776 0.4176 -0.1046 -0.1243 0.1003  86  PHE A CE1 
579 C CE2 . PHE A 75 ? 0.4334 0.5149 0.4143 -0.1215 -0.1026 0.0900  86  PHE A CE2 
580 C CZ  . PHE A 75 ? 0.3983 0.4913 0.3943 -0.1133 -0.1119 0.0940  86  PHE A CZ  
581 N N   . GLY A 76 ? 0.3355 0.3614 0.4570 -0.0985 -0.1298 0.1341  87  GLY A N   
582 C CA  . GLY A 76 ? 0.3404 0.3680 0.4877 -0.0959 -0.1223 0.1471  87  GLY A CA  
583 C C   . GLY A 76 ? 0.4188 0.4373 0.5357 -0.0959 -0.1042 0.1408  87  GLY A C   
584 O O   . GLY A 76 ? 0.4147 0.4395 0.5456 -0.0918 -0.0902 0.1522  87  GLY A O   
585 N N   . VAL A 77 ? 0.3969 0.3994 0.4720 -0.0996 -0.1037 0.1238  88  VAL A N   
586 C CA  . VAL A 77 ? 0.4247 0.4139 0.4651 -0.1018 -0.0878 0.1157  88  VAL A CA  
587 C C   . VAL A 77 ? 0.4702 0.4344 0.4859 -0.1016 -0.0970 0.1034  88  VAL A C   
588 O O   . VAL A 77 ? 0.4383 0.3997 0.4477 -0.1015 -0.1103 0.0971  88  VAL A O   
589 C CB  . VAL A 77 ? 0.4747 0.4741 0.4829 -0.1102 -0.0717 0.1094  88  VAL A CB  
590 C CG1 . VAL A 77 ? 0.4539 0.4749 0.4789 -0.1075 -0.0614 0.1219  88  VAL A CG1 
591 C CG2 . VAL A 77 ? 0.4784 0.4849 0.4696 -0.1172 -0.0793 0.0997  88  VAL A CG2 
592 N N   . PRO A 78 ? 0.4629 0.4077 0.4620 -0.0997 -0.0888 0.1009  89  PRO A N   
593 C CA  . PRO A 78 ? 0.4682 0.3889 0.4390 -0.0994 -0.0944 0.0907  89  PRO A CA  
594 C C   . PRO A 78 ? 0.4943 0.4124 0.4262 -0.1098 -0.0847 0.0799  89  PRO A C   
595 O O   . PRO A 78 ? 0.5057 0.4099 0.4165 -0.1095 -0.0894 0.0736  89  PRO A O   
596 C CB  . PRO A 78 ? 0.5028 0.4050 0.4722 -0.0934 -0.0870 0.0942  89  PRO A CB  
597 C CG  . PRO A 78 ? 0.5323 0.4469 0.5091 -0.0937 -0.0695 0.1009  89  PRO A CG  
598 C CD  . PRO A 78 ? 0.4698 0.4125 0.4733 -0.0955 -0.0728 0.1082  89  PRO A CD  
599 N N   . SER A 79 ? 0.4501 0.3820 0.3732 -0.1186 -0.0718 0.0790  90  SER A N   
600 C CA  . SER A 79 ? 0.4705 0.4044 0.3641 -0.1313 -0.0639 0.0708  90  SER A CA  
601 C C   . SER A 79 ? 0.5285 0.4842 0.4228 -0.1385 -0.0566 0.0718  90  SER A C   
602 O O   . SER A 79 ? 0.5142 0.4767 0.4240 -0.1325 -0.0525 0.0789  90  SER A O   
603 C CB  . SER A 79 ? 0.5200 0.4253 0.3841 -0.1359 -0.0542 0.0653  90  SER A CB  
604 O OG  . SER A 79 ? 0.5406 0.4375 0.4011 -0.1342 -0.0434 0.0668  90  SER A OG  
605 N N   . PHE A 80 ? 0.4976 0.4652 0.3754 -0.1507 -0.0550 0.0663  91  PHE A N   
606 C CA  . PHE A 80 ? 0.4736 0.4600 0.3457 -0.1592 -0.0505 0.0656  91  PHE A CA  
607 C C   . PHE A 80 ? 0.5089 0.4987 0.3588 -0.1760 -0.0491 0.0585  91  PHE A C   
608 O O   . PHE A 80 ? 0.4964 0.4838 0.3424 -0.1799 -0.0511 0.0570  91  PHE A O   
609 C CB  . PHE A 80 ? 0.4564 0.4728 0.3545 -0.1537 -0.0572 0.0730  91  PHE A CB  
610 C CG  . PHE A 80 ? 0.4329 0.4643 0.3403 -0.1528 -0.0666 0.0726  91  PHE A CG  
611 C CD1 . PHE A 80 ? 0.4249 0.4466 0.3459 -0.1413 -0.0760 0.0744  91  PHE A CD1 
612 C CD2 . PHE A 80 ? 0.4101 0.4649 0.3119 -0.1619 -0.0669 0.0711  91  PHE A CD2 
613 C CE1 . PHE A 80 ? 0.4040 0.4351 0.3267 -0.1370 -0.0838 0.0733  91  PHE A CE1 
614 C CE2 . PHE A 80 ? 0.4392 0.5086 0.3487 -0.1576 -0.0731 0.0721  91  PHE A CE2 
615 C CZ  . PHE A 80 ? 0.4378 0.4932 0.3547 -0.1442 -0.0805 0.0726  91  PHE A CZ  
616 N N   . SER A 81 ? 0.4773 0.4738 0.3138 -0.1853 -0.0464 0.0555  92  SER A N   
617 C CA  . SER A 81 ? 0.4860 0.4898 0.3070 -0.2035 -0.0482 0.0500  92  SER A CA  
618 C C   . SER A 81 ? 0.5133 0.5565 0.3520 -0.2068 -0.0549 0.0544  92  SER A C   
619 O O   . SER A 81 ? 0.4882 0.5505 0.3375 -0.1999 -0.0572 0.0587  92  SER A O   
620 C CB  . SER A 81 ? 0.5549 0.5418 0.3484 -0.2115 -0.0455 0.0429  92  SER A CB  
621 O OG  . SER A 81 ? 0.6521 0.6481 0.4358 -0.2314 -0.0518 0.0383  92  SER A OG  
622 N N   . VAL A 82 ? 0.4986 0.5548 0.3410 -0.2166 -0.0571 0.0551  93  VAL A N   
623 C CA  . VAL A 82 ? 0.4848 0.5808 0.3444 -0.2198 -0.0623 0.0603  93  VAL A CA  
624 C C   . VAL A 82 ? 0.5441 0.6574 0.3977 -0.2331 -0.0676 0.0583  93  VAL A C   
625 O O   . VAL A 82 ? 0.5434 0.6916 0.4132 -0.2327 -0.0728 0.0638  93  VAL A O   
626 C CB  . VAL A 82 ? 0.5192 0.6270 0.3858 -0.2249 -0.0604 0.0642  93  VAL A CB  
627 C CG1 . VAL A 82 ? 0.5288 0.6174 0.3953 -0.2086 -0.0570 0.0655  93  VAL A CG1 
628 C CG2 . VAL A 82 ? 0.5232 0.6227 0.3775 -0.2476 -0.0589 0.0618  93  VAL A CG2 
629 N N   . LYS A 83 ? 0.5216 0.6089 0.3498 -0.2434 -0.0675 0.0503  94  LYS A N   
630 C CA  . LYS A 83 ? 0.5551 0.6502 0.3688 -0.2550 -0.0751 0.0460  94  LYS A CA  
631 C C   . LYS A 83 ? 0.6045 0.7066 0.4146 -0.2398 -0.0746 0.0483  94  LYS A C   
632 O O   . LYS A 83 ? 0.5736 0.6900 0.3736 -0.2452 -0.0821 0.0469  94  LYS A O   
633 C CB  . LYS A 83 ? 0.6056 0.6611 0.3869 -0.2691 -0.0761 0.0350  94  LYS A CB  
634 C CG  . LYS A 83 ? 0.6362 0.6850 0.4221 -0.2871 -0.0771 0.0350  94  LYS A CG  
635 C CD  . LYS A 83 ? 0.9639 0.9789 0.7207 -0.3073 -0.0842 0.0243  94  LYS A CD  
636 C CE  . LYS A 83 ? 1.2401 1.2024 0.9669 -0.2994 -0.0756 0.0161  94  LYS A CE  
637 N NZ  . LYS A 83 ? 1.4061 1.3302 1.1047 -0.3199 -0.0832 0.0058  94  LYS A NZ  
638 N N   . GLU A 84 ? 0.5126 0.6054 0.3319 -0.2212 -0.0665 0.0531  95  GLU A N   
639 C CA  . GLU A 84 ? 0.5245 0.6229 0.3439 -0.2064 -0.0631 0.0587  95  GLU A CA  
640 C C   . GLU A 84 ? 0.4963 0.6304 0.3478 -0.1977 -0.0673 0.0698  95  GLU A C   
641 O O   . GLU A 84 ? 0.4478 0.5813 0.3210 -0.1843 -0.0643 0.0771  95  GLU A O   
642 C CB  . GLU A 84 ? 0.5562 0.6260 0.3737 -0.1920 -0.0521 0.0605  95  GLU A CB  
643 C CG  . GLU A 84 ? 0.6924 0.7238 0.4737 -0.1965 -0.0464 0.0499  95  GLU A CG  
644 C CD  . GLU A 84 ? 1.1553 1.1773 0.9015 -0.1962 -0.0457 0.0445  95  GLU A CD  
645 O OE1 . GLU A 84 ? 1.2456 1.2910 0.9957 -0.1885 -0.0463 0.0518  95  GLU A OE1 
646 O OE2 . GLU A 84 ? 1.1634 1.1512 0.8747 -0.2028 -0.0449 0.0329  95  GLU A OE2 
647 N N   . HIS A 85 ? 0.4944 0.6582 0.3494 -0.2053 -0.0758 0.0713  96  HIS A N   
648 C CA  . HIS A 85 ? 0.4768 0.6734 0.3613 -0.1974 -0.0802 0.0811  96  HIS A CA  
649 C C   . HIS A 85 ? 0.4511 0.6538 0.3473 -0.1809 -0.0776 0.0914  96  HIS A C   
650 O O   . HIS A 85 ? 0.4015 0.6126 0.3237 -0.1703 -0.0790 0.0988  96  HIS A O   
651 C CB  . HIS A 85 ? 0.4863 0.7167 0.3742 -0.2087 -0.0898 0.0821  96  HIS A CB  
652 C CG  . HIS A 85 ? 0.5680 0.8032 0.4589 -0.2240 -0.0922 0.0777  96  HIS A CG  
653 N ND1 . HIS A 85 ? 0.6070 0.8795 0.5144 -0.2321 -0.0994 0.0827  96  HIS A ND1 
654 C CD2 . HIS A 85 ? 0.6188 0.8277 0.5004 -0.2322 -0.0875 0.0713  96  HIS A CD2 
655 C CE1 . HIS A 85 ? 0.5999 0.8691 0.5095 -0.2453 -0.0979 0.0803  96  HIS A CE1 
656 N NE2 . HIS A 85 ? 0.6207 0.8507 0.5135 -0.2458 -0.0909 0.0732  96  HIS A NE2 
657 N N   . ARG A 86 ? 0.4226 0.6192 0.2987 -0.1781 -0.0738 0.0927  97  ARG A N   
658 C CA  . ARG A 86 ? 0.4165 0.6196 0.3049 -0.1620 -0.0685 0.1061  97  ARG A CA  
659 C C   . ARG A 86 ? 0.4030 0.5866 0.3117 -0.1516 -0.0611 0.1115  97  ARG A C   
660 O O   . ARG A 86 ? 0.3565 0.5490 0.2961 -0.1417 -0.0627 0.1232  97  ARG A O   
661 C CB  . ARG A 86 ? 0.4074 0.6068 0.2636 -0.1592 -0.0639 0.1068  97  ARG A CB  
662 C CG  . ARG A 86 ? 0.4405 0.6445 0.3060 -0.1416 -0.0542 0.1234  97  ARG A CG  
663 C CD  . ARG A 86 ? 0.4289 0.6610 0.3292 -0.1351 -0.0600 0.1375  97  ARG A CD  
664 N NE  . ARG A 86 ? 0.4738 0.7312 0.3635 -0.1411 -0.0710 0.1356  97  ARG A NE  
665 C CZ  . ARG A 86 ? 0.3985 0.6816 0.3135 -0.1393 -0.0797 0.1425  97  ARG A CZ  
666 N NH1 . ARG A 86 ? 0.4190 0.7266 0.3240 -0.1444 -0.0895 0.1416  97  ARG A NH1 
667 N NH2 . ARG A 86 ? 0.3538 0.6369 0.3038 -0.1315 -0.0799 0.1504  97  ARG A NH2 
668 N N   . LYS A 87 ? 0.4273 0.5829 0.3201 -0.1542 -0.0546 0.1035  98  LYS A N   
669 C CA  . LYS A 87 ? 0.4197 0.5577 0.3338 -0.1447 -0.0492 0.1089  98  LYS A CA  
670 C C   . LYS A 87 ? 0.4055 0.5479 0.3485 -0.1441 -0.0593 0.1097  98  LYS A C   
671 O O   . LYS A 87 ? 0.3732 0.5141 0.3452 -0.1344 -0.0613 0.1195  98  LYS A O   
672 C CB  . LYS A 87 ? 0.4707 0.5776 0.3613 -0.1471 -0.0413 0.0995  98  LYS A CB  
673 C CG  . LYS A 87 ? 0.6914 0.7861 0.5521 -0.1414 -0.0294 0.0997  98  LYS A CG  
674 C CD  . LYS A 87 ? 0.7912 0.8508 0.6237 -0.1438 -0.0227 0.0882  98  LYS A CD  
675 C CE  . LYS A 87 ? 1.0263 1.0679 0.8243 -0.1337 -0.0096 0.0876  98  LYS A CE  
676 N NZ  . LYS A 87 ? 1.2855 1.2903 1.0619 -0.1320 -0.0021 0.0785  98  LYS A NZ  
677 N N   . ILE A 88 ? 0.3894 0.5373 0.3248 -0.1533 -0.0661 0.1004  99  ILE A N   
678 C CA  . ILE A 88 ? 0.3760 0.5274 0.3311 -0.1492 -0.0748 0.1006  99  ILE A CA  
679 C C   . ILE A 88 ? 0.4208 0.5938 0.4000 -0.1402 -0.0816 0.1109  99  ILE A C   
680 O O   . ILE A 88 ? 0.3929 0.5581 0.3934 -0.1309 -0.0887 0.1147  99  ILE A O   
681 C CB  . ILE A 88 ? 0.4172 0.5732 0.3580 -0.1593 -0.0769 0.0913  99  ILE A CB  
682 C CG1 . ILE A 88 ? 0.4430 0.5718 0.3636 -0.1671 -0.0713 0.0825  99  ILE A CG1 
683 C CG2 . ILE A 88 ? 0.3862 0.5498 0.3429 -0.1506 -0.0842 0.0928  99  ILE A CG2 
684 C CD1 . ILE A 88 ? 0.4622 0.5976 0.3677 -0.1817 -0.0711 0.0759  99  ILE A CD1 
685 N N   . TYR A 89 ? 0.3857 0.5831 0.3599 -0.1428 -0.0812 0.1150  100 TYR A N   
686 C CA  . TYR A 89 ? 0.3600 0.5761 0.3562 -0.1332 -0.0867 0.1266  100 TYR A CA  
687 C C   . TYR A 89 ? 0.3766 0.5813 0.3966 -0.1232 -0.0852 0.1393  100 TYR A C   
688 O O   . TYR A 89 ? 0.3481 0.5510 0.3939 -0.1148 -0.0938 0.1461  100 TYR A O   
689 C CB  . TYR A 89 ? 0.3544 0.5985 0.3393 -0.1369 -0.0868 0.1300  100 TYR A CB  
690 C CG  . TYR A 89 ? 0.3632 0.6303 0.3497 -0.1400 -0.0938 0.1264  100 TYR A CG  
691 C CD1 . TYR A 89 ? 0.3970 0.6621 0.3730 -0.1497 -0.0937 0.1159  100 TYR A CD1 
692 C CD2 . TYR A 89 ? 0.3562 0.6479 0.3569 -0.1319 -0.0993 0.1357  100 TYR A CD2 
693 C CE1 . TYR A 89 ? 0.4357 0.7263 0.4175 -0.1512 -0.0977 0.1158  100 TYR A CE1 
694 C CE2 . TYR A 89 ? 0.3520 0.6682 0.3567 -0.1324 -0.1042 0.1343  100 TYR A CE2 
695 C CZ  . TYR A 89 ? 0.4398 0.7569 0.4365 -0.1418 -0.1027 0.1249  100 TYR A CZ  
696 O OH  . TYR A 89 ? 0.3765 0.7211 0.3812 -0.1412 -0.1051 0.1264  100 TYR A OH  
697 N N   . THR A 90 ? 0.3234 0.5193 0.3355 -0.1236 -0.0746 0.1429  101 THR A N   
698 C CA  . THR A 90 ? 0.3201 0.5089 0.3588 -0.1147 -0.0705 0.1579  101 THR A CA  
699 C C   . THR A 90 ? 0.3486 0.5184 0.4135 -0.1120 -0.0799 0.1572  101 THR A C   
700 O O   . THR A 90 ? 0.3179 0.4875 0.4170 -0.1057 -0.0869 0.1702  101 THR A O   
701 C CB  . THR A 90 ? 0.3698 0.5515 0.3903 -0.1135 -0.0546 0.1608  101 THR A CB  
702 O OG1 . THR A 90 ? 0.3966 0.5939 0.3902 -0.1140 -0.0488 0.1619  101 THR A OG1 
703 C CG2 . THR A 90 ? 0.3460 0.5242 0.4000 -0.1037 -0.0475 0.1794  101 THR A CG2 
704 N N   . MET A 91 ? 0.3288 0.4808 0.3774 -0.1168 -0.0818 0.1425  102 MET A N   
705 C CA  . MET A 91 ? 0.3240 0.4556 0.3902 -0.1133 -0.0933 0.1396  102 MET A CA  
706 C C   . MET A 91 ? 0.3950 0.5271 0.4739 -0.1082 -0.1091 0.1384  102 MET A C   
707 O O   . MET A 91 ? 0.3652 0.4823 0.4695 -0.1025 -0.1222 0.1427  102 MET A O   
708 C CB  . MET A 91 ? 0.3435 0.4557 0.3844 -0.1182 -0.0906 0.1252  102 MET A CB  
709 C CG  . MET A 91 ? 0.3796 0.4828 0.4117 -0.1195 -0.0768 0.1273  102 MET A CG  
710 S SD  . MET A 91 ? 0.4339 0.5092 0.4391 -0.1238 -0.0733 0.1131  102 MET A SD  
711 C CE  . MET A 91 ? 0.4068 0.4886 0.3764 -0.1355 -0.0696 0.1004  102 MET A CE  
712 N N   . ILE A 92 ? 0.3801 0.5284 0.4418 -0.1095 -0.1090 0.1328  103 ILE A N   
713 C CA  . ILE A 92 ? 0.3556 0.5058 0.4258 -0.1014 -0.1216 0.1324  103 ILE A CA  
714 C C   . ILE A 92 ? 0.3789 0.5369 0.4783 -0.0957 -0.1267 0.1481  103 ILE A C   
715 O O   . ILE A 92 ? 0.3676 0.5103 0.4846 -0.0879 -0.1413 0.1498  103 ILE A O   
716 C CB  . ILE A 92 ? 0.3793 0.5482 0.4262 -0.1031 -0.1183 0.1241  103 ILE A CB  
717 C CG1 . ILE A 92 ? 0.3910 0.5480 0.4136 -0.1084 -0.1142 0.1110  103 ILE A CG1 
718 C CG2 . ILE A 92 ? 0.3737 0.5458 0.4290 -0.0905 -0.1292 0.1256  103 ILE A CG2 
719 C CD1 . ILE A 92 ? 0.4636 0.6439 0.4679 -0.1147 -0.1074 0.1062  103 ILE A CD1 
720 N N   . TYR A 93 ? 0.3494 0.5277 0.4524 -0.0986 -0.1157 0.1598  104 TYR A N   
721 C CA  . TYR A 93 ? 0.3418 0.5279 0.4738 -0.0928 -0.1186 0.1780  104 TYR A CA  
722 C C   . TYR A 93 ? 0.4150 0.5804 0.5833 -0.0903 -0.1277 0.1881  104 TYR A C   
723 O O   . TYR A 93 ? 0.3996 0.5597 0.5952 -0.0853 -0.1394 0.1985  104 TYR A O   
724 C CB  . TYR A 93 ? 0.3429 0.5519 0.4677 -0.0945 -0.1033 0.1900  104 TYR A CB  
725 C CG  . TYR A 93 ? 0.3458 0.5780 0.4455 -0.0957 -0.1014 0.1848  104 TYR A CG  
726 C CD1 . TYR A 93 ? 0.3656 0.6066 0.4736 -0.0891 -0.1115 0.1866  104 TYR A CD1 
727 C CD2 . TYR A 93 ? 0.3477 0.5923 0.4161 -0.1027 -0.0912 0.1782  104 TYR A CD2 
728 C CE1 . TYR A 93 ? 0.3760 0.6420 0.4654 -0.0896 -0.1107 0.1833  104 TYR A CE1 
729 C CE2 . TYR A 93 ? 0.3336 0.6012 0.3828 -0.1054 -0.0929 0.1740  104 TYR A CE2 
730 C CZ  . TYR A 93 ? 0.4176 0.6985 0.4797 -0.0989 -0.1022 0.1775  104 TYR A CZ  
731 O OH  . TYR A 93 ? 0.4300 0.7376 0.4795 -0.1003 -0.1048 0.1756  104 TYR A OH  
732 N N   . ARG A 94 ? 0.3778 0.5310 0.5480 -0.0942 -0.1237 0.1854  105 ARG A N   
733 C CA  . ARG A 94 ? 0.3818 0.5166 0.5895 -0.0932 -0.1348 0.1944  105 ARG A CA  
734 C C   . ARG A 94 ? 0.4013 0.5106 0.6170 -0.0893 -0.1593 0.1851  105 ARG A C   
735 O O   . ARG A 94 ? 0.3932 0.4880 0.6454 -0.0889 -0.1740 0.1947  105 ARG A O   
736 C CB  . ARG A 94 ? 0.3779 0.5046 0.5814 -0.0964 -0.1263 0.1909  105 ARG A CB  
737 C CG  . ARG A 94 ? 0.5136 0.6580 0.7126 -0.0968 -0.1028 0.2022  105 ARG A CG  
738 C CD  . ARG A 94 ? 0.7239 0.8567 0.9226 -0.0972 -0.0957 0.2000  105 ARG A CD  
739 N NE  . ARG A 94 ? 0.8901 1.0362 1.0788 -0.0940 -0.0719 0.2101  105 ARG A NE  
740 C CZ  . ARG A 94 ? 1.0793 1.2215 1.2256 -0.0951 -0.0572 0.1980  105 ARG A CZ  
741 N NH1 . ARG A 94 ? 0.9595 1.0875 1.0719 -0.1014 -0.0629 0.1763  105 ARG A NH1 
742 N NH2 . ARG A 94 ? 0.7784 0.9290 0.9143 -0.0889 -0.0366 0.2082  105 ARG A NH2 
743 N N   . ASN A 95 ? 0.3492 0.4526 0.5319 -0.0857 -0.1639 0.1675  106 ASN A N   
744 C CA  . ASN A 95 ? 0.3446 0.4209 0.5217 -0.0780 -0.1851 0.1558  106 ASN A CA  
745 C C   . ASN A 95 ? 0.4268 0.5073 0.5985 -0.0694 -0.1911 0.1555  106 ASN A C   
746 O O   . ASN A 95 ? 0.4360 0.4945 0.5913 -0.0596 -0.2051 0.1432  106 ASN A O   
747 C CB  . ASN A 95 ? 0.4274 0.4924 0.5673 -0.0771 -0.1829 0.1368  106 ASN A CB  
748 C CG  . ASN A 95 ? 0.4364 0.4884 0.5839 -0.0824 -0.1829 0.1365  106 ASN A CG  
749 O OD1 . ASN A 95 ? 0.3608 0.3869 0.5240 -0.0791 -0.2023 0.1353  106 ASN A OD1 
750 N ND2 . ASN A 95 ? 0.3726 0.4402 0.5094 -0.0899 -0.1630 0.1376  106 ASN A ND2 
751 N N   . LEU A 96 ? 0.3850 0.4921 0.5671 -0.0709 -0.1802 0.1693  107 LEU A N   
752 C CA  . LEU A 96 ? 0.3882 0.4991 0.5714 -0.0615 -0.1866 0.1728  107 LEU A CA  
753 C C   . LEU A 96 ? 0.4218 0.5233 0.6457 -0.0611 -0.1974 0.1915  107 LEU A C   
754 O O   . LEU A 96 ? 0.3964 0.5085 0.6476 -0.0690 -0.1897 0.2081  107 LEU A O   
755 C CB  . LEU A 96 ? 0.3713 0.5188 0.5351 -0.0623 -0.1693 0.1750  107 LEU A CB  
756 C CG  . LEU A 96 ? 0.3994 0.5600 0.5285 -0.0668 -0.1578 0.1594  107 LEU A CG  
757 C CD1 . LEU A 96 ? 0.3875 0.5852 0.5026 -0.0707 -0.1439 0.1631  107 LEU A CD1 
758 C CD2 . LEU A 96 ? 0.3816 0.5237 0.4906 -0.0570 -0.1669 0.1438  107 LEU A CD2 
759 N N   . VAL A 97 ? 0.4004 0.4812 0.6286 -0.0507 -0.2148 0.1901  108 VAL A N   
760 C CA  . VAL A 97 ? 0.4797 0.5479 0.7479 -0.0504 -0.2276 0.2089  108 VAL A CA  
761 C C   . VAL A 97 ? 0.4554 0.5597 0.7369 -0.0533 -0.2085 0.2303  108 VAL A C   
762 O O   . VAL A 97 ? 0.4591 0.5905 0.7111 -0.0500 -0.1937 0.2253  108 VAL A O   
763 C CB  . VAL A 97 ? 0.5220 0.5571 0.7838 -0.0366 -0.2497 0.2008  108 VAL A CB  
764 C CG1 . VAL A 97 ? 0.5008 0.5256 0.8028 -0.0370 -0.2608 0.2222  108 VAL A CG1 
765 C CG2 . VAL A 97 ? 0.5459 0.5389 0.7941 -0.0323 -0.2717 0.1813  108 VAL A CG2 
# 
